data_7YXJ
#
_entry.id   7YXJ
#
_cell.length_a   53.557
_cell.length_b   65.762
_cell.length_c   206.957
_cell.angle_alpha   90.000
_cell.angle_beta   97.780
_cell.angle_gamma   90.000
#
_symmetry.space_group_name_H-M   'P 1 21 1'
#
loop_
_entity.id
_entity.type
_entity.pdbx_description
1 polymer GH14974p
2 non-polymer 'MANGANESE (II) ION'
3 non-polymer DI(HYDROXYETHYL)ETHER
4 non-polymer 1,2-ETHANEDIOL
5 non-polymer 'PYRIDINE-2,4-DICARBOXYLIC ACID'
6 water water
#
_entity_poly.entity_id   1
_entity_poly.type   'polypeptide(L)'
_entity_poly.pdbx_seq_one_letter_code
;GSHMASMSEVERALDVLLQEAEEL(CSO)IGSSVVELDRIPTALEFCREFYSKNQPVVIRKALNWPAIGKWTPKYLIEAL
GDRSVDVAITPNGYADGLATQNGQEYFVLPLETKMKLSEVVRRLDDPTGAVHYIQKQNSNLSVDLPELAADLRVSDLDFA
QQSFNKPPDAVNFWLGDERAVTSMHKDPYENVYCVISGHKDFVLIPPHQLSCVPRGIYPTGVYKTSDSGQFYIEPLRDEE
GSDQFTEWVSVDPLSPDLAKYPEYARAKPLKVRVHAGDILYLPNYWFHHVSQSHKCIAVNFWYDLDYDSRYCYYRMLEQM
TSARSG
;
_entity_poly.pdbx_strand_id   A,B,C,D
#
loop_
_chem_comp.id
_chem_comp.type
_chem_comp.name
_chem_comp.formula
EDO non-polymer 1,2-ETHANEDIOL 'C2 H6 O2'
MN non-polymer 'MANGANESE (II) ION' 'Mn 2'
PD2 non-polymer 'PYRIDINE-2,4-DICARBOXYLIC ACID' 'C7 H5 N O4'
PEG non-polymer DI(HYDROXYETHYL)ETHER 'C4 H10 O3'
#
# COMPACT_ATOMS: atom_id res chain seq x y z
N MET A 7 38.08 -17.06 -37.60
CA MET A 7 37.39 -18.26 -38.12
C MET A 7 35.90 -17.98 -38.30
N SER A 8 35.25 -18.79 -39.14
CA SER A 8 33.85 -18.57 -39.47
C SER A 8 32.95 -19.04 -38.33
N GLU A 9 31.64 -18.82 -38.49
CA GLU A 9 30.71 -19.23 -37.45
C GLU A 9 30.65 -20.75 -37.33
N VAL A 10 30.69 -21.46 -38.46
CA VAL A 10 30.64 -22.91 -38.43
C VAL A 10 31.89 -23.49 -37.77
N GLU A 11 33.07 -22.95 -38.10
CA GLU A 11 34.30 -23.42 -37.46
C GLU A 11 34.31 -23.07 -35.97
N ARG A 12 33.68 -21.96 -35.59
CA ARG A 12 33.56 -21.65 -34.16
C ARG A 12 32.66 -22.67 -33.45
N ALA A 13 31.54 -23.03 -34.08
CA ALA A 13 30.64 -24.02 -33.48
C ALA A 13 31.32 -25.38 -33.36
N LEU A 14 32.07 -25.78 -34.39
CA LEU A 14 32.80 -27.04 -34.33
C LEU A 14 33.85 -27.01 -33.23
N ASP A 15 34.51 -25.86 -33.05
CA ASP A 15 35.46 -25.72 -31.95
C ASP A 15 34.77 -25.92 -30.60
N VAL A 16 33.56 -25.37 -30.44
CA VAL A 16 32.81 -25.60 -29.22
C VAL A 16 32.56 -27.08 -29.00
N LEU A 17 32.01 -27.75 -30.02
CA LEU A 17 31.73 -29.18 -29.91
C LEU A 17 32.96 -29.94 -29.42
N LEU A 18 34.09 -29.74 -30.10
CA LEU A 18 35.28 -30.51 -29.76
C LEU A 18 35.81 -30.15 -28.38
N GLN A 19 35.78 -28.86 -28.02
CA GLN A 19 36.25 -28.46 -26.69
C GLN A 19 35.43 -29.15 -25.60
N GLU A 20 34.11 -29.04 -25.68
CA GLU A 20 33.25 -29.65 -24.67
C GLU A 20 33.46 -31.15 -24.60
N ALA A 21 33.53 -31.83 -25.76
CA ALA A 21 33.70 -33.27 -25.75
C ALA A 21 35.03 -33.68 -25.13
N GLU A 22 36.12 -33.00 -25.50
CA GLU A 22 37.43 -33.31 -24.96
C GLU A 22 37.47 -33.11 -23.45
N GLU A 23 36.93 -31.98 -22.98
CA GLU A 23 36.96 -31.64 -21.56
C GLU A 23 36.05 -32.53 -20.72
N LEU A 24 35.04 -33.14 -21.33
CA LEU A 24 34.12 -34.00 -20.59
C LEU A 24 34.45 -35.48 -20.76
N CSO A 25 35.58 -35.77 -21.40
CA CSO A 25 36.03 -37.15 -21.61
CB CSO A 25 36.37 -37.82 -20.29
SG CSO A 25 37.89 -37.06 -19.66
C CSO A 25 34.97 -37.96 -22.35
O CSO A 25 34.66 -39.10 -21.97
OD CSO A 25 37.53 -35.77 -18.46
H CSO A 25 36.12 -35.18 -21.72
HA CSO A 25 36.83 -37.14 -22.17
HB2 CSO A 25 35.65 -37.67 -19.64
HB3 CSO A 25 36.51 -38.77 -20.41
HD CSO A 25 36.80 -35.23 -18.78
N ILE A 26 34.43 -37.36 -23.40
CA ILE A 26 33.39 -37.98 -24.24
C ILE A 26 34.04 -38.79 -25.35
N GLY A 27 33.69 -40.07 -25.45
CA GLY A 27 34.29 -40.94 -26.43
C GLY A 27 35.80 -40.98 -26.36
N SER A 28 36.33 -40.82 -25.15
CA SER A 28 37.76 -40.61 -24.96
C SER A 28 38.54 -41.89 -24.66
N SER A 29 37.87 -43.02 -24.45
CA SER A 29 38.57 -44.27 -24.20
C SER A 29 37.63 -45.43 -24.51
N VAL A 30 38.22 -46.64 -24.57
CA VAL A 30 37.45 -47.88 -24.61
C VAL A 30 37.45 -48.45 -23.20
N VAL A 31 36.26 -48.65 -22.64
CA VAL A 31 36.13 -49.14 -21.27
C VAL A 31 36.38 -50.64 -21.25
N GLU A 32 37.26 -51.09 -20.35
CA GLU A 32 37.54 -52.51 -20.19
C GLU A 32 36.75 -53.04 -19.01
N LEU A 33 36.08 -54.17 -19.20
CA LEU A 33 35.44 -54.91 -18.12
C LEU A 33 35.98 -56.33 -18.13
N ASP A 34 36.17 -56.90 -16.96
CA ASP A 34 36.51 -58.31 -16.82
C ASP A 34 35.30 -59.18 -16.55
N ARG A 35 34.15 -58.58 -16.26
N ARG A 35 34.14 -58.58 -16.32
CA ARG A 35 32.91 -59.32 -16.07
CA ARG A 35 32.91 -59.30 -16.08
C ARG A 35 31.79 -58.68 -16.89
C ARG A 35 31.79 -58.69 -16.92
N ILE A 36 30.92 -59.54 -17.42
CA ILE A 36 29.77 -59.11 -18.23
C ILE A 36 28.83 -58.25 -17.40
N PRO A 37 28.47 -57.05 -17.86
CA PRO A 37 27.58 -56.19 -17.06
C PRO A 37 26.16 -56.73 -17.04
N THR A 38 25.31 -56.08 -16.25
CA THR A 38 23.89 -56.37 -16.28
C THR A 38 23.23 -55.58 -17.41
N ALA A 39 22.06 -56.05 -17.85
CA ALA A 39 21.33 -55.35 -18.88
C ALA A 39 21.17 -53.87 -18.54
N LEU A 40 20.87 -53.57 -17.27
CA LEU A 40 20.70 -52.18 -16.86
C LEU A 40 22.04 -51.45 -16.89
N GLU A 41 23.10 -52.07 -16.38
CA GLU A 41 24.40 -51.42 -16.44
C GLU A 41 24.82 -51.14 -17.88
N PHE A 42 24.55 -52.09 -18.77
CA PHE A 42 24.95 -51.89 -20.16
C PHE A 42 24.10 -50.81 -20.83
N CYS A 43 22.81 -50.74 -20.48
CA CYS A 43 21.97 -49.70 -21.04
C CYS A 43 22.40 -48.32 -20.55
N ARG A 44 22.72 -48.21 -19.26
CA ARG A 44 23.03 -46.91 -18.68
C ARG A 44 24.41 -46.43 -19.08
N GLU A 45 25.42 -47.29 -19.00
CA GLU A 45 26.79 -46.81 -19.12
C GLU A 45 27.33 -46.82 -20.56
N PHE A 46 26.82 -47.71 -21.42
CA PHE A 46 27.41 -47.89 -22.74
C PHE A 46 26.45 -47.60 -23.87
N TYR A 47 25.26 -48.21 -23.88
CA TYR A 47 24.34 -47.96 -24.98
C TYR A 47 23.82 -46.53 -24.93
N SER A 48 23.33 -46.09 -23.78
CA SER A 48 22.76 -44.74 -23.69
C SER A 48 23.80 -43.66 -23.91
N LYS A 49 25.07 -43.96 -23.67
CA LYS A 49 26.15 -43.01 -23.86
C LYS A 49 26.86 -43.19 -25.21
N ASN A 50 26.43 -44.15 -26.03
CA ASN A 50 27.05 -44.41 -27.32
C ASN A 50 28.56 -44.58 -27.13
N GLN A 51 28.94 -45.43 -26.17
CA GLN A 51 30.31 -45.55 -25.65
C GLN A 51 30.83 -46.96 -25.85
N PRO A 52 31.96 -47.13 -26.54
CA PRO A 52 32.44 -48.49 -26.79
C PRO A 52 32.96 -49.18 -25.53
N VAL A 53 32.80 -50.51 -25.50
CA VAL A 53 33.30 -51.24 -24.33
C VAL A 53 33.76 -52.64 -24.73
N VAL A 54 34.88 -53.08 -24.15
CA VAL A 54 35.45 -54.40 -24.40
C VAL A 54 35.42 -55.21 -23.10
N ILE A 55 34.97 -56.46 -23.20
CA ILE A 55 34.80 -57.36 -22.07
C ILE A 55 35.71 -58.56 -22.29
N ARG A 56 36.68 -58.73 -21.39
CA ARG A 56 37.71 -59.73 -21.53
C ARG A 56 37.22 -61.10 -21.08
N LYS A 57 37.61 -62.14 -21.83
CA LYS A 57 37.24 -63.53 -21.54
C LYS A 57 35.77 -63.65 -21.15
N ALA A 58 34.91 -63.12 -22.02
CA ALA A 58 33.49 -63.09 -21.75
C ALA A 58 32.73 -64.31 -22.26
N LEU A 59 33.29 -65.03 -23.24
CA LEU A 59 32.58 -66.11 -23.90
C LEU A 59 33.32 -67.42 -23.74
N ASN A 60 32.55 -68.49 -23.56
CA ASN A 60 33.06 -69.86 -23.44
C ASN A 60 32.46 -70.77 -24.51
N TRP A 61 32.08 -70.20 -25.64
CA TRP A 61 31.41 -70.95 -26.70
C TRP A 61 32.24 -72.15 -27.15
N PRO A 62 31.59 -73.26 -27.49
CA PRO A 62 32.34 -74.38 -28.12
C PRO A 62 33.27 -73.94 -29.22
N ALA A 63 32.80 -72.99 -30.02
CA ALA A 63 33.55 -72.46 -31.14
C ALA A 63 34.93 -72.03 -30.73
N ILE A 64 35.07 -71.35 -29.59
CA ILE A 64 36.35 -70.75 -29.24
C ILE A 64 37.41 -71.82 -29.10
N GLY A 65 37.03 -73.01 -28.68
CA GLY A 65 37.95 -74.12 -28.67
C GLY A 65 38.20 -74.67 -30.05
N LYS A 66 37.14 -74.95 -30.82
CA LYS A 66 37.32 -75.85 -31.95
C LYS A 66 37.50 -75.22 -33.32
N TRP A 67 37.14 -73.95 -33.52
CA TRP A 67 37.08 -73.42 -34.88
C TRP A 67 38.49 -73.18 -35.41
N THR A 68 38.89 -73.99 -36.40
CA THR A 68 40.18 -73.89 -37.10
C THR A 68 39.92 -74.05 -38.59
N PRO A 69 40.89 -73.77 -39.46
CA PRO A 69 40.69 -74.08 -40.89
C PRO A 69 40.29 -75.53 -41.12
N LYS A 70 40.96 -76.46 -40.42
CA LYS A 70 40.72 -77.88 -40.65
C LYS A 70 39.35 -78.31 -40.14
N TYR A 71 39.00 -77.92 -38.90
CA TYR A 71 37.71 -78.32 -38.36
C TYR A 71 36.56 -77.71 -39.13
N LEU A 72 36.75 -76.51 -39.70
CA LEU A 72 35.71 -75.92 -40.53
C LEU A 72 35.61 -76.62 -41.88
N ILE A 73 36.74 -77.07 -42.43
CA ILE A 73 36.67 -77.86 -43.65
C ILE A 73 35.91 -79.15 -43.41
N GLU A 74 36.08 -79.76 -42.24
CA GLU A 74 35.41 -81.02 -41.95
C GLU A 74 33.93 -80.78 -41.63
N ALA A 75 33.64 -79.81 -40.76
CA ALA A 75 32.28 -79.58 -40.29
C ALA A 75 31.36 -79.08 -41.39
N LEU A 76 31.92 -78.47 -42.44
CA LEU A 76 31.13 -77.91 -43.52
C LEU A 76 31.18 -78.74 -44.79
N GLY A 77 31.82 -79.90 -44.74
CA GLY A 77 31.94 -80.72 -45.94
C GLY A 77 32.62 -80.01 -47.08
N ASP A 78 33.67 -79.24 -46.79
CA ASP A 78 34.47 -78.53 -47.79
C ASP A 78 33.60 -77.92 -48.88
N ARG A 79 32.51 -77.27 -48.49
CA ARG A 79 31.62 -76.64 -49.44
C ARG A 79 32.25 -75.35 -49.97
N SER A 80 31.69 -74.85 -51.07
CA SER A 80 32.18 -73.63 -51.69
C SER A 80 31.65 -72.41 -50.95
N VAL A 81 32.48 -71.36 -50.88
CA VAL A 81 32.18 -70.15 -50.14
C VAL A 81 32.58 -68.93 -50.95
N ASP A 82 31.97 -67.80 -50.60
CA ASP A 82 32.33 -66.50 -51.16
C ASP A 82 33.63 -66.02 -50.56
N VAL A 83 34.51 -65.49 -51.41
CA VAL A 83 35.79 -64.98 -50.93
C VAL A 83 36.14 -63.72 -51.71
N ALA A 84 36.54 -62.68 -50.98
CA ALA A 84 37.02 -61.43 -51.52
C ALA A 84 38.55 -61.48 -51.65
N ILE A 85 39.04 -61.05 -52.80
CA ILE A 85 40.45 -61.13 -53.16
C ILE A 85 40.90 -59.74 -53.55
N THR A 86 42.10 -59.38 -53.11
CA THR A 86 42.73 -58.14 -53.52
C THR A 86 44.23 -58.34 -53.70
N PRO A 87 44.88 -57.45 -54.47
CA PRO A 87 46.35 -57.52 -54.55
C PRO A 87 47.08 -56.87 -53.38
N ASN A 88 46.46 -55.86 -52.76
CA ASN A 88 47.12 -55.05 -51.75
C ASN A 88 46.57 -55.26 -50.35
N GLY A 89 45.53 -56.07 -50.19
CA GLY A 89 44.96 -56.31 -48.89
C GLY A 89 43.93 -55.28 -48.45
N TYR A 90 43.51 -54.40 -49.34
CA TYR A 90 42.53 -53.37 -49.02
C TYR A 90 41.27 -53.59 -49.85
N ALA A 91 40.44 -54.53 -49.39
CA ALA A 91 39.07 -54.63 -49.87
C ALA A 91 38.27 -53.44 -49.34
N ASP A 92 37.48 -52.84 -50.22
CA ASP A 92 36.74 -51.62 -49.90
C ASP A 92 37.67 -50.58 -49.27
N GLY A 93 38.71 -50.25 -50.02
CA GLY A 93 39.71 -49.29 -49.59
C GLY A 93 40.25 -48.53 -50.78
N LEU A 94 41.13 -47.58 -50.49
CA LEU A 94 41.68 -46.71 -51.51
C LEU A 94 42.96 -47.30 -52.09
N ALA A 95 43.13 -47.15 -53.40
CA ALA A 95 44.33 -47.59 -54.09
C ALA A 95 44.58 -46.65 -55.26
N THR A 96 45.83 -46.52 -55.67
CA THR A 96 46.20 -45.62 -56.75
C THR A 96 46.59 -46.42 -57.98
N GLN A 97 46.21 -45.90 -59.14
CA GLN A 97 46.55 -46.51 -60.42
C GLN A 97 46.59 -45.41 -61.48
N ASN A 98 47.68 -45.39 -62.25
CA ASN A 98 47.82 -44.47 -63.37
C ASN A 98 47.45 -43.04 -62.96
N GLY A 99 47.94 -42.64 -61.79
CA GLY A 99 47.80 -41.28 -61.30
C GLY A 99 46.49 -40.97 -60.61
N GLN A 100 45.59 -41.93 -60.46
CA GLN A 100 44.27 -41.68 -59.92
C GLN A 100 44.04 -42.53 -58.69
N GLU A 101 43.51 -41.92 -57.63
CA GLU A 101 43.12 -42.63 -56.43
C GLU A 101 41.68 -43.11 -56.58
N TYR A 102 41.48 -44.41 -56.45
CA TYR A 102 40.18 -45.05 -56.58
C TYR A 102 39.74 -45.64 -55.24
N PHE A 103 38.43 -45.69 -55.04
CA PHE A 103 37.85 -46.57 -54.03
C PHE A 103 37.54 -47.90 -54.71
N VAL A 104 38.17 -48.98 -54.27
CA VAL A 104 38.16 -50.23 -55.02
C VAL A 104 37.38 -51.29 -54.25
N LEU A 105 36.42 -51.92 -54.94
CA LEU A 105 35.69 -53.08 -54.46
C LEU A 105 36.50 -54.33 -54.77
N PRO A 106 36.49 -55.33 -53.89
CA PRO A 106 37.35 -56.49 -54.10
C PRO A 106 36.86 -57.35 -55.26
N LEU A 107 37.78 -58.14 -55.78
CA LEU A 107 37.39 -59.22 -56.69
C LEU A 107 36.67 -60.29 -55.88
N GLU A 108 35.44 -60.60 -56.22
CA GLU A 108 34.67 -61.57 -55.46
C GLU A 108 34.49 -62.83 -56.29
N THR A 109 34.77 -63.98 -55.67
CA THR A 109 34.67 -65.25 -56.37
C THR A 109 34.21 -66.32 -55.39
N LYS A 110 33.96 -67.51 -55.92
CA LYS A 110 33.56 -68.66 -55.12
C LYS A 110 34.64 -69.74 -55.23
N MET A 111 34.92 -70.41 -54.12
CA MET A 111 35.85 -71.54 -54.17
C MET A 111 35.68 -72.40 -52.93
N LYS A 112 36.24 -73.60 -52.99
CA LYS A 112 36.12 -74.54 -51.88
C LYS A 112 36.86 -74.02 -50.64
N LEU A 113 36.29 -74.30 -49.47
CA LEU A 113 36.91 -73.88 -48.22
C LEU A 113 38.36 -74.34 -48.13
N SER A 114 38.63 -75.59 -48.50
CA SER A 114 40.01 -76.08 -48.50
C SER A 114 40.89 -75.29 -49.47
N GLU A 115 40.33 -74.89 -50.61
CA GLU A 115 41.03 -74.04 -51.56
C GLU A 115 41.40 -72.69 -50.95
N VAL A 116 40.46 -72.06 -50.25
CA VAL A 116 40.74 -70.82 -49.56
C VAL A 116 41.87 -71.02 -48.55
N VAL A 117 41.80 -72.11 -47.77
CA VAL A 117 42.82 -72.34 -46.76
C VAL A 117 44.20 -72.50 -47.42
N ARG A 118 44.25 -73.17 -48.56
CA ARG A 118 45.52 -73.30 -49.26
C ARG A 118 46.06 -71.93 -49.68
N ARG A 119 45.15 -71.02 -50.07
CA ARG A 119 45.62 -69.69 -50.49
C ARG A 119 45.98 -68.78 -49.32
N LEU A 120 45.43 -69.04 -48.12
CA LEU A 120 45.88 -68.30 -46.94
C LEU A 120 47.30 -68.70 -46.56
N ASP A 121 47.72 -69.92 -46.90
CA ASP A 121 49.04 -70.43 -46.56
C ASP A 121 50.13 -69.97 -47.51
N ASP A 122 49.77 -69.24 -48.57
CA ASP A 122 50.74 -68.73 -49.53
C ASP A 122 51.17 -67.33 -49.11
N PRO A 123 52.41 -67.13 -48.67
CA PRO A 123 52.81 -65.76 -48.31
C PRO A 123 52.88 -64.81 -49.49
N THR A 124 53.11 -65.32 -50.69
CA THR A 124 53.32 -64.51 -51.87
C THR A 124 52.06 -64.27 -52.69
N GLY A 125 50.96 -64.93 -52.35
CA GLY A 125 49.76 -64.88 -53.16
C GLY A 125 48.98 -63.61 -52.95
N ALA A 126 47.82 -63.56 -53.60
CA ALA A 126 46.89 -62.48 -53.38
C ALA A 126 46.22 -62.64 -52.01
N VAL A 127 45.66 -61.53 -51.52
CA VAL A 127 45.06 -61.51 -50.19
C VAL A 127 43.64 -62.01 -50.31
N HIS A 128 43.31 -63.04 -49.54
CA HIS A 128 41.99 -63.67 -49.52
C HIS A 128 41.32 -63.41 -48.18
N TYR A 129 40.00 -63.23 -48.20
CA TYR A 129 39.25 -62.88 -47.00
C TYR A 129 37.81 -63.36 -47.21
N ILE A 130 37.28 -64.12 -46.25
CA ILE A 130 35.87 -64.48 -46.26
C ILE A 130 35.15 -63.40 -45.45
N GLN A 131 34.67 -62.38 -46.17
CA GLN A 131 34.21 -61.14 -45.55
C GLN A 131 32.89 -60.68 -46.14
N LYS A 132 32.09 -61.62 -46.65
CA LYS A 132 30.87 -61.25 -47.36
C LYS A 132 29.90 -60.45 -46.49
N GLN A 133 29.94 -60.66 -45.16
CA GLN A 133 28.91 -60.19 -44.24
C GLN A 133 27.54 -60.33 -44.90
N ASN A 134 26.69 -59.31 -44.85
CA ASN A 134 25.30 -59.45 -45.25
C ASN A 134 24.71 -60.73 -44.67
N SER A 135 24.89 -60.89 -43.37
CA SER A 135 24.45 -62.06 -42.61
C SER A 135 24.85 -63.37 -43.29
N ASN A 136 26.16 -63.51 -43.53
CA ASN A 136 26.61 -64.72 -44.20
C ASN A 136 26.65 -65.93 -43.27
N LEU A 137 26.68 -65.74 -41.94
CA LEU A 137 26.68 -66.89 -41.04
C LEU A 137 25.30 -67.53 -40.93
N SER A 138 24.25 -66.73 -40.69
CA SER A 138 22.91 -67.30 -40.66
C SER A 138 22.48 -67.78 -42.04
N VAL A 139 22.92 -67.11 -43.09
CA VAL A 139 22.45 -67.46 -44.44
C VAL A 139 23.18 -68.68 -44.97
N ASP A 140 24.52 -68.61 -45.04
CA ASP A 140 25.28 -69.63 -45.77
C ASP A 140 25.89 -70.71 -44.89
N LEU A 141 25.96 -70.51 -43.56
CA LEU A 141 26.62 -71.45 -42.67
C LEU A 141 25.77 -71.72 -41.43
N PRO A 142 24.62 -72.38 -41.60
CA PRO A 142 23.75 -72.60 -40.43
C PRO A 142 24.29 -73.63 -39.45
N GLU A 143 24.96 -74.67 -39.94
CA GLU A 143 25.46 -75.73 -39.06
C GLU A 143 26.43 -75.20 -38.01
N LEU A 144 27.10 -74.07 -38.28
CA LEU A 144 28.01 -73.51 -37.30
C LEU A 144 27.28 -72.91 -36.10
N ALA A 145 26.01 -72.52 -36.27
CA ALA A 145 25.27 -71.84 -35.22
C ALA A 145 25.18 -72.65 -33.93
N ALA A 146 25.35 -73.97 -34.00
CA ALA A 146 25.25 -74.81 -32.81
C ALA A 146 26.46 -74.70 -31.92
N ASP A 147 27.57 -74.15 -32.41
CA ASP A 147 28.77 -73.97 -31.60
C ASP A 147 28.80 -72.62 -30.88
N LEU A 148 27.76 -71.81 -31.03
CA LEU A 148 27.66 -70.52 -30.36
C LEU A 148 26.44 -70.52 -29.45
N ARG A 149 26.37 -69.51 -28.58
N ARG A 149 26.38 -69.53 -28.55
CA ARG A 149 25.24 -69.33 -27.66
CA ARG A 149 25.25 -69.34 -27.64
C ARG A 149 24.88 -67.85 -27.68
C ARG A 149 24.89 -67.85 -27.69
N VAL A 150 24.02 -67.47 -28.63
CA VAL A 150 23.66 -66.06 -28.78
C VAL A 150 22.96 -65.49 -27.55
N SER A 151 22.33 -66.35 -26.74
CA SER A 151 21.64 -65.87 -25.55
C SER A 151 22.61 -65.18 -24.59
N ASP A 152 23.88 -65.54 -24.65
CA ASP A 152 24.89 -64.91 -23.79
C ASP A 152 25.02 -63.43 -24.07
N LEU A 153 24.53 -62.95 -25.20
CA LEU A 153 24.58 -61.53 -25.52
C LEU A 153 23.31 -60.80 -25.09
N ASP A 154 22.40 -61.47 -24.38
CA ASP A 154 21.18 -60.80 -23.95
C ASP A 154 21.49 -59.51 -23.21
N PHE A 155 22.58 -59.48 -22.44
CA PHE A 155 22.94 -58.28 -21.68
C PHE A 155 22.96 -57.04 -22.55
N ALA A 156 23.36 -57.17 -23.81
CA ALA A 156 23.32 -56.06 -24.75
C ALA A 156 22.05 -56.03 -25.59
N GLN A 157 21.53 -57.22 -25.93
CA GLN A 157 20.38 -57.31 -26.82
C GLN A 157 19.17 -56.61 -26.24
N GLN A 158 19.00 -56.69 -24.91
CA GLN A 158 17.88 -56.01 -24.26
C GLN A 158 17.93 -54.51 -24.39
N SER A 159 19.12 -53.93 -24.59
CA SER A 159 19.19 -52.49 -24.85
C SER A 159 18.82 -52.15 -26.29
N PHE A 160 18.97 -53.11 -27.20
CA PHE A 160 18.57 -52.90 -28.59
C PHE A 160 17.11 -53.29 -28.82
N ASN A 161 16.58 -54.23 -28.02
CA ASN A 161 15.16 -54.58 -28.03
C ASN A 161 14.71 -55.01 -29.44
N LYS A 162 15.58 -55.72 -30.15
CA LYS A 162 15.27 -56.27 -31.46
C LYS A 162 16.28 -57.37 -31.76
N PRO A 163 15.92 -58.36 -32.58
CA PRO A 163 16.89 -59.42 -32.91
C PRO A 163 18.02 -58.90 -33.77
N PRO A 164 19.14 -59.61 -33.86
CA PRO A 164 20.17 -59.20 -34.81
C PRO A 164 19.62 -59.13 -36.23
N ASP A 165 19.78 -57.97 -36.86
N ASP A 165 19.77 -57.97 -36.86
CA ASP A 165 19.44 -57.83 -38.27
CA ASP A 165 19.46 -57.77 -38.26
C ASP A 165 20.53 -58.38 -39.18
C ASP A 165 20.53 -58.34 -39.18
N ALA A 166 21.71 -58.67 -38.65
CA ALA A 166 22.67 -59.48 -39.40
C ALA A 166 23.67 -60.15 -38.48
N VAL A 167 24.19 -61.29 -38.93
CA VAL A 167 25.19 -62.06 -38.21
C VAL A 167 26.27 -62.47 -39.21
N ASN A 168 27.48 -61.96 -39.02
CA ASN A 168 28.54 -62.16 -40.00
C ASN A 168 29.66 -63.04 -39.46
N PHE A 169 30.34 -63.71 -40.40
CA PHE A 169 31.44 -64.63 -40.16
C PHE A 169 32.66 -64.13 -40.95
N TRP A 170 33.79 -63.99 -40.26
CA TRP A 170 35.00 -63.47 -40.88
C TRP A 170 36.16 -64.43 -40.69
N LEU A 171 36.92 -64.65 -41.76
CA LEU A 171 38.11 -65.49 -41.76
C LEU A 171 39.05 -64.94 -42.82
N GLY A 172 40.17 -64.33 -42.42
CA GLY A 172 41.00 -63.62 -43.37
C GLY A 172 42.49 -63.74 -43.11
N ASP A 173 43.25 -63.19 -44.05
CA ASP A 173 44.70 -63.10 -44.03
C ASP A 173 45.14 -61.91 -43.18
N GLU A 174 46.34 -62.02 -42.59
CA GLU A 174 46.84 -60.92 -41.77
C GLU A 174 47.11 -59.68 -42.61
N ARG A 175 47.22 -59.83 -43.93
CA ARG A 175 47.38 -58.71 -44.83
C ARG A 175 46.06 -58.01 -45.15
N ALA A 176 44.93 -58.69 -44.92
CA ALA A 176 43.62 -58.12 -45.20
C ALA A 176 43.29 -57.06 -44.15
N VAL A 177 43.27 -55.80 -44.58
CA VAL A 177 43.04 -54.66 -43.71
C VAL A 177 41.77 -53.96 -44.19
N THR A 178 40.90 -53.60 -43.24
CA THR A 178 39.68 -52.86 -43.55
C THR A 178 39.91 -51.38 -43.25
N SER A 179 39.78 -50.54 -44.28
CA SER A 179 39.97 -49.11 -44.08
C SER A 179 38.83 -48.52 -43.26
N MET A 180 39.08 -47.34 -42.72
CA MET A 180 38.17 -46.72 -41.77
C MET A 180 36.82 -46.42 -42.42
N HIS A 181 35.75 -46.67 -41.67
CA HIS A 181 34.40 -46.44 -42.14
C HIS A 181 33.44 -46.45 -40.95
N LYS A 182 32.19 -46.10 -41.22
CA LYS A 182 31.11 -46.07 -40.24
C LYS A 182 29.97 -46.95 -40.73
N ASP A 183 29.21 -47.51 -39.77
CA ASP A 183 28.08 -48.40 -40.06
C ASP A 183 26.83 -47.90 -39.35
N PRO A 184 25.65 -48.06 -39.96
CA PRO A 184 24.41 -47.65 -39.28
C PRO A 184 23.89 -48.68 -38.30
N TYR A 185 24.77 -49.27 -37.50
CA TYR A 185 24.36 -50.36 -36.64
C TYR A 185 25.03 -50.30 -35.27
N GLU A 186 24.35 -50.84 -34.27
CA GLU A 186 25.01 -51.28 -33.05
C GLU A 186 25.73 -52.60 -33.36
N ASN A 187 26.98 -52.73 -32.89
CA ASN A 187 27.84 -53.83 -33.30
C ASN A 187 28.33 -54.57 -32.07
N VAL A 188 28.07 -55.89 -32.02
CA VAL A 188 28.59 -56.75 -30.96
C VAL A 188 29.57 -57.71 -31.62
N TYR A 189 30.84 -57.56 -31.30
CA TYR A 189 31.93 -58.22 -32.00
C TYR A 189 32.55 -59.29 -31.12
N CYS A 190 32.55 -60.54 -31.58
CA CYS A 190 33.01 -61.68 -30.81
C CYS A 190 34.12 -62.38 -31.60
N VAL A 191 35.36 -62.24 -31.14
CA VAL A 191 36.47 -62.97 -31.73
C VAL A 191 36.41 -64.42 -31.27
N ILE A 192 36.68 -65.35 -32.18
CA ILE A 192 36.70 -66.77 -31.88
C ILE A 192 38.11 -67.32 -31.85
N SER A 193 38.97 -66.87 -32.76
CA SER A 193 40.34 -67.35 -32.86
C SER A 193 41.24 -66.20 -33.29
N GLY A 194 42.41 -66.11 -32.66
CA GLY A 194 43.32 -65.03 -32.97
C GLY A 194 42.90 -63.73 -32.31
N HIS A 195 43.29 -62.60 -32.92
CA HIS A 195 42.98 -61.30 -32.37
C HIS A 195 42.66 -60.31 -33.47
N LYS A 196 41.89 -59.30 -33.11
CA LYS A 196 41.51 -58.22 -34.01
C LYS A 196 41.93 -56.89 -33.40
N ASP A 197 42.52 -56.03 -34.23
CA ASP A 197 42.98 -54.71 -33.81
C ASP A 197 42.06 -53.65 -34.40
N PHE A 198 41.44 -52.85 -33.53
CA PHE A 198 40.53 -51.81 -33.95
C PHE A 198 41.13 -50.43 -33.66
N VAL A 199 40.98 -49.52 -34.60
CA VAL A 199 41.19 -48.08 -34.39
C VAL A 199 39.83 -47.40 -34.52
N LEU A 200 39.45 -46.63 -33.51
CA LEU A 200 38.10 -46.10 -33.37
C LEU A 200 38.13 -44.58 -33.27
N ILE A 201 37.15 -43.93 -33.88
CA ILE A 201 37.00 -42.49 -33.74
C ILE A 201 35.52 -42.17 -33.54
N PRO A 202 35.16 -41.35 -32.57
CA PRO A 202 33.72 -41.11 -32.26
C PRO A 202 33.03 -40.27 -33.32
N PRO A 203 31.70 -40.42 -33.45
CA PRO A 203 30.98 -39.62 -34.46
C PRO A 203 31.28 -38.13 -34.40
N HIS A 204 31.28 -37.54 -33.20
CA HIS A 204 31.36 -36.10 -33.05
C HIS A 204 32.70 -35.53 -33.45
N GLN A 205 33.68 -36.36 -33.79
CA GLN A 205 34.95 -35.90 -34.34
C GLN A 205 34.97 -35.99 -35.86
N LEU A 206 33.78 -36.03 -36.48
CA LEU A 206 33.67 -36.10 -37.93
C LEU A 206 34.47 -35.02 -38.62
N SER A 207 34.57 -33.83 -38.02
CA SER A 207 35.28 -32.73 -38.65
C SER A 207 36.79 -32.89 -38.61
N CYS A 208 37.31 -33.84 -37.82
CA CYS A 208 38.72 -34.16 -37.81
C CYS A 208 39.10 -35.25 -38.80
N VAL A 209 38.11 -35.92 -39.40
CA VAL A 209 38.34 -37.05 -40.29
C VAL A 209 38.18 -36.56 -41.73
N PRO A 210 39.27 -36.45 -42.50
CA PRO A 210 39.11 -36.03 -43.90
C PRO A 210 38.33 -37.05 -44.71
N ARG A 211 37.49 -36.54 -45.61
CA ARG A 211 36.65 -37.39 -46.45
C ARG A 211 36.64 -36.86 -47.87
N GLY A 212 36.73 -37.78 -48.83
CA GLY A 212 36.82 -37.39 -50.23
C GLY A 212 35.86 -38.19 -51.08
N ILE A 213 35.58 -37.62 -52.25
CA ILE A 213 34.78 -38.24 -53.30
C ILE A 213 35.74 -38.92 -54.27
N TYR A 214 35.55 -40.21 -54.50
CA TYR A 214 36.52 -40.96 -55.28
C TYR A 214 35.83 -41.73 -56.40
N PRO A 215 36.44 -41.79 -57.59
CA PRO A 215 35.95 -42.75 -58.58
C PRO A 215 35.97 -44.15 -57.97
N THR A 216 34.96 -44.93 -58.31
CA THR A 216 34.83 -46.29 -57.81
C THR A 216 35.36 -47.27 -58.86
N GLY A 217 36.10 -48.27 -58.39
CA GLY A 217 36.63 -49.30 -59.25
C GLY A 217 36.48 -50.67 -58.62
N VAL A 218 36.88 -51.69 -59.38
CA VAL A 218 36.85 -53.05 -58.86
C VAL A 218 38.06 -53.81 -59.38
N TYR A 219 38.61 -54.68 -58.54
CA TYR A 219 39.78 -55.46 -58.92
C TYR A 219 39.39 -56.54 -59.92
N LYS A 220 40.23 -56.69 -60.93
CA LYS A 220 40.07 -57.71 -61.96
C LYS A 220 41.42 -58.32 -62.22
N THR A 221 41.44 -59.51 -62.82
CA THR A 221 42.68 -60.06 -63.35
C THR A 221 42.65 -60.03 -64.88
N SER A 222 43.84 -59.96 -65.46
CA SER A 222 44.02 -60.16 -66.90
C SER A 222 44.10 -61.65 -67.19
N ASP A 223 44.19 -62.03 -68.46
CA ASP A 223 44.37 -63.43 -68.78
C ASP A 223 45.65 -63.98 -68.20
N SER A 224 46.68 -63.13 -68.06
CA SER A 224 47.95 -63.54 -67.47
C SER A 224 47.87 -63.68 -65.96
N GLY A 225 46.82 -63.19 -65.32
CA GLY A 225 46.69 -63.24 -63.89
C GLY A 225 47.10 -61.97 -63.16
N GLN A 226 47.48 -60.92 -63.89
CA GLN A 226 47.83 -59.66 -63.25
C GLN A 226 46.58 -58.95 -62.74
N PHE A 227 46.67 -58.43 -61.52
CA PHE A 227 45.58 -57.63 -60.96
C PHE A 227 45.63 -56.20 -61.50
N TYR A 228 44.45 -55.64 -61.77
CA TYR A 228 44.34 -54.23 -62.11
C TYR A 228 42.99 -53.73 -61.66
N ILE A 229 42.87 -52.41 -61.59
CA ILE A 229 41.62 -51.75 -61.23
C ILE A 229 40.86 -51.44 -62.51
N GLU A 230 39.61 -51.88 -62.60
CA GLU A 230 38.73 -51.45 -63.68
C GLU A 230 37.81 -50.37 -63.16
N PRO A 231 37.84 -49.17 -63.72
CA PRO A 231 36.91 -48.14 -63.26
C PRO A 231 35.47 -48.53 -63.54
N LEU A 232 34.59 -48.11 -62.62
CA LEU A 232 33.16 -48.39 -62.74
C LEU A 232 32.48 -47.19 -63.39
N ARG A 233 31.97 -47.38 -64.59
CA ARG A 233 31.35 -46.31 -65.36
C ARG A 233 30.08 -46.81 -66.05
N ASP A 234 29.15 -45.91 -66.30
CA ASP A 234 27.95 -46.22 -67.05
C ASP A 234 28.22 -45.94 -68.54
N GLU A 235 27.18 -46.06 -69.37
CA GLU A 235 27.36 -45.97 -70.81
C GLU A 235 28.02 -44.67 -71.21
N GLU A 236 27.72 -43.57 -70.51
CA GLU A 236 28.16 -42.26 -70.93
C GLU A 236 29.66 -42.05 -70.78
N GLY A 237 30.33 -42.86 -69.96
CA GLY A 237 31.73 -42.66 -69.67
C GLY A 237 32.00 -41.87 -68.40
N SER A 238 31.04 -41.80 -67.50
CA SER A 238 31.14 -41.02 -66.28
C SER A 238 31.44 -41.91 -65.10
N ASP A 239 32.29 -41.43 -64.20
CA ASP A 239 32.67 -42.21 -63.03
C ASP A 239 31.51 -42.25 -62.02
N GLN A 240 31.22 -43.44 -61.49
CA GLN A 240 30.39 -43.55 -60.31
C GLN A 240 31.29 -43.31 -59.09
N PHE A 241 30.86 -42.45 -58.18
CA PHE A 241 31.72 -41.99 -57.10
C PHE A 241 31.31 -42.60 -55.76
N THR A 242 32.25 -42.56 -54.82
CA THR A 242 32.06 -43.05 -53.46
C THR A 242 32.73 -42.08 -52.49
N GLU A 243 31.99 -41.64 -51.48
CA GLU A 243 32.58 -40.83 -50.42
C GLU A 243 33.26 -41.75 -49.41
N TRP A 244 34.51 -41.44 -49.06
CA TRP A 244 35.30 -42.35 -48.24
C TRP A 244 36.30 -41.56 -47.42
N VAL A 245 36.70 -42.15 -46.28
CA VAL A 245 37.74 -41.58 -45.44
C VAL A 245 39.05 -41.57 -46.20
N SER A 246 39.75 -40.43 -46.15
CA SER A 246 40.96 -40.25 -46.93
C SER A 246 42.23 -40.60 -46.19
N VAL A 247 42.20 -40.63 -44.87
CA VAL A 247 43.39 -40.78 -44.06
C VAL A 247 43.65 -42.25 -43.77
N ASP A 248 44.91 -42.56 -43.49
CA ASP A 248 45.34 -43.89 -43.07
C ASP A 248 45.69 -43.84 -41.58
N PRO A 249 44.78 -44.23 -40.69
CA PRO A 249 45.09 -44.20 -39.25
C PRO A 249 46.48 -44.71 -38.88
N LEU A 250 46.98 -45.69 -39.61
CA LEU A 250 48.26 -46.29 -39.26
C LEU A 250 49.41 -45.31 -39.52
N SER A 251 49.38 -44.60 -40.64
CA SER A 251 50.41 -43.60 -40.97
C SER A 251 49.73 -42.33 -41.45
N PRO A 252 49.13 -41.56 -40.55
CA PRO A 252 48.47 -40.31 -40.97
C PRO A 252 49.47 -39.33 -41.59
N ASP A 253 49.02 -38.63 -42.62
CA ASP A 253 49.81 -37.61 -43.31
C ASP A 253 49.26 -36.25 -42.88
N LEU A 254 49.82 -35.71 -41.79
CA LEU A 254 49.27 -34.50 -41.18
C LEU A 254 49.61 -33.24 -41.95
N ALA A 255 50.54 -33.29 -42.92
CA ALA A 255 50.74 -32.17 -43.82
C ALA A 255 49.58 -32.07 -44.81
N LYS A 256 49.19 -33.21 -45.39
CA LYS A 256 48.04 -33.26 -46.28
C LYS A 256 46.74 -33.02 -45.53
N TYR A 257 46.65 -33.48 -44.28
CA TYR A 257 45.41 -33.46 -43.52
C TYR A 257 45.66 -32.92 -42.11
N PRO A 258 45.92 -31.62 -41.99
CA PRO A 258 46.14 -31.06 -40.65
C PRO A 258 45.00 -31.30 -39.67
N GLU A 259 43.75 -31.32 -40.14
CA GLU A 259 42.62 -31.43 -39.21
C GLU A 259 42.67 -32.74 -38.43
N TYR A 260 43.22 -33.80 -39.01
CA TYR A 260 43.35 -35.07 -38.30
C TYR A 260 44.24 -34.96 -37.06
N ALA A 261 44.92 -33.83 -36.89
CA ALA A 261 45.68 -33.61 -35.66
C ALA A 261 44.75 -33.54 -34.46
N ARG A 262 43.59 -32.91 -34.60
CA ARG A 262 42.70 -32.78 -33.46
C ARG A 262 41.90 -34.05 -33.16
N ALA A 263 42.09 -35.11 -33.94
CA ALA A 263 41.41 -36.38 -33.71
C ALA A 263 42.18 -37.22 -32.70
N LYS A 264 41.45 -38.09 -32.00
CA LYS A 264 42.03 -38.94 -30.95
C LYS A 264 41.61 -40.38 -31.17
N PRO A 265 42.28 -41.07 -32.08
CA PRO A 265 41.97 -42.50 -32.30
C PRO A 265 42.16 -43.31 -31.03
N LEU A 266 41.29 -44.29 -30.84
CA LEU A 266 41.38 -45.23 -29.74
C LEU A 266 41.76 -46.60 -30.29
N LYS A 267 42.78 -47.22 -29.73
CA LYS A 267 43.24 -48.53 -30.16
C LYS A 267 42.73 -49.58 -29.19
N VAL A 268 42.28 -50.71 -29.72
CA VAL A 268 41.82 -51.80 -28.86
C VAL A 268 42.02 -53.12 -29.58
N ARG A 269 42.69 -54.04 -28.90
CA ARG A 269 42.87 -55.40 -29.38
C ARG A 269 41.89 -56.33 -28.69
N VAL A 270 41.20 -57.15 -29.49
CA VAL A 270 40.14 -58.04 -29.04
C VAL A 270 40.65 -59.46 -29.26
N HIS A 271 40.75 -60.22 -28.18
CA HIS A 271 41.25 -61.59 -28.23
C HIS A 271 40.09 -62.59 -28.22
N ALA A 272 40.40 -63.83 -28.58
CA ALA A 272 39.39 -64.89 -28.60
C ALA A 272 38.71 -64.97 -27.24
N GLY A 273 37.37 -64.92 -27.26
CA GLY A 273 36.59 -64.88 -26.04
C GLY A 273 36.22 -63.50 -25.56
N ASP A 274 36.76 -62.46 -26.15
CA ASP A 274 36.44 -61.09 -25.80
C ASP A 274 35.24 -60.60 -26.60
N ILE A 275 34.51 -59.64 -26.03
CA ILE A 275 33.37 -59.02 -26.69
C ILE A 275 33.64 -57.53 -26.79
N LEU A 276 33.52 -56.98 -27.99
CA LEU A 276 33.61 -55.54 -28.19
C LEU A 276 32.27 -54.98 -28.64
N TYR A 277 31.80 -53.95 -27.95
CA TYR A 277 30.63 -53.20 -28.35
C TYR A 277 31.12 -51.95 -29.06
N LEU A 278 30.89 -51.92 -30.40
CA LEU A 278 31.14 -50.78 -31.26
C LEU A 278 29.82 -50.06 -31.49
N PRO A 279 29.63 -48.88 -30.91
CA PRO A 279 28.34 -48.19 -31.05
C PRO A 279 28.13 -47.65 -32.45
N ASN A 280 26.87 -47.32 -32.74
CA ASN A 280 26.48 -46.94 -34.10
C ASN A 280 27.21 -45.68 -34.54
N TYR A 281 27.61 -45.68 -35.82
CA TYR A 281 28.28 -44.57 -36.50
C TYR A 281 29.67 -44.26 -35.95
N TRP A 282 30.25 -45.16 -35.16
CA TRP A 282 31.64 -45.01 -34.76
C TRP A 282 32.53 -45.39 -35.93
N PHE A 283 33.49 -44.52 -36.27
CA PHE A 283 34.47 -44.85 -37.30
C PHE A 283 35.34 -45.98 -36.80
N HIS A 284 35.53 -47.03 -37.63
CA HIS A 284 36.46 -48.09 -37.24
C HIS A 284 37.31 -48.60 -38.41
N HIS A 285 38.57 -48.89 -38.08
CA HIS A 285 39.60 -49.48 -38.94
C HIS A 285 40.01 -50.80 -38.29
N VAL A 286 40.12 -51.86 -39.08
CA VAL A 286 40.22 -53.21 -38.55
C VAL A 286 41.41 -53.95 -39.18
N SER A 287 42.35 -54.39 -38.35
CA SER A 287 43.39 -55.35 -38.70
C SER A 287 43.14 -56.66 -37.95
N GLN A 288 43.89 -57.70 -38.32
CA GLN A 288 43.66 -59.01 -37.72
C GLN A 288 44.91 -59.87 -37.81
N SER A 289 44.97 -60.87 -36.93
CA SER A 289 46.04 -61.87 -37.00
C SER A 289 45.73 -62.86 -38.11
N HIS A 290 46.75 -63.60 -38.53
CA HIS A 290 46.59 -64.51 -39.65
C HIS A 290 45.57 -65.59 -39.31
N LYS A 291 44.64 -65.83 -40.24
CA LYS A 291 43.56 -66.81 -40.06
C LYS A 291 42.70 -66.51 -38.84
N CYS A 292 42.67 -65.25 -38.41
CA CYS A 292 41.72 -64.87 -37.37
C CYS A 292 40.31 -65.23 -37.81
N ILE A 293 39.53 -65.75 -36.86
CA ILE A 293 38.13 -66.05 -37.10
C ILE A 293 37.31 -65.21 -36.12
N ALA A 294 36.27 -64.57 -36.63
CA ALA A 294 35.41 -63.76 -35.78
C ALA A 294 33.97 -63.86 -36.28
N VAL A 295 33.03 -63.53 -35.39
CA VAL A 295 31.63 -63.40 -35.74
C VAL A 295 31.17 -62.08 -35.15
N ASN A 296 30.13 -61.49 -35.73
CA ASN A 296 29.62 -60.26 -35.15
C ASN A 296 28.15 -60.10 -35.49
N PHE A 297 27.48 -59.30 -34.65
CA PHE A 297 26.03 -59.16 -34.65
C PHE A 297 25.69 -57.69 -34.84
N TRP A 298 24.99 -57.40 -35.93
CA TRP A 298 24.57 -56.04 -36.28
C TRP A 298 23.09 -55.86 -35.95
N TYR A 299 22.79 -54.78 -35.24
CA TYR A 299 21.42 -54.41 -34.89
C TYR A 299 21.09 -53.02 -35.43
N ASP A 300 19.93 -52.90 -36.08
CA ASP A 300 19.42 -51.60 -36.49
C ASP A 300 19.38 -50.64 -35.30
N LEU A 301 19.78 -49.41 -35.54
CA LEU A 301 19.88 -48.44 -34.45
C LEU A 301 18.53 -47.79 -34.19
N ASP A 302 18.34 -47.34 -32.94
CA ASP A 302 17.13 -46.65 -32.52
C ASP A 302 17.37 -45.15 -32.61
N TYR A 303 16.60 -44.48 -33.45
CA TYR A 303 16.88 -43.08 -33.75
C TYR A 303 16.52 -42.17 -32.58
N ASP A 304 17.38 -41.21 -32.33
CA ASP A 304 17.18 -40.16 -31.33
C ASP A 304 17.79 -38.89 -31.90
N SER A 305 17.86 -37.83 -31.08
CA SER A 305 18.34 -36.55 -31.58
C SER A 305 19.82 -36.59 -31.96
N ARG A 306 20.60 -37.51 -31.39
CA ARG A 306 22.02 -37.58 -31.73
C ARG A 306 22.21 -37.80 -33.24
N TYR A 307 21.35 -38.61 -33.84
CA TYR A 307 21.45 -38.84 -35.27
C TYR A 307 21.20 -37.57 -36.06
N CYS A 308 20.23 -36.76 -35.63
CA CYS A 308 19.98 -35.49 -36.30
C CYS A 308 21.16 -34.54 -36.14
N TYR A 309 21.80 -34.54 -34.97
CA TYR A 309 22.99 -33.73 -34.79
C TYR A 309 24.12 -34.22 -35.70
N TYR A 310 24.23 -35.54 -35.88
CA TYR A 310 25.29 -36.08 -36.72
C TYR A 310 25.05 -35.71 -38.18
N ARG A 311 23.80 -35.73 -38.63
CA ARG A 311 23.50 -35.27 -39.98
C ARG A 311 23.80 -33.78 -40.13
N MET A 312 23.49 -32.99 -39.10
CA MET A 312 23.90 -31.58 -39.13
C MET A 312 25.41 -31.45 -39.23
N LEU A 313 26.15 -32.29 -38.51
CA LEU A 313 27.61 -32.26 -38.55
C LEU A 313 28.11 -32.60 -39.94
N GLU A 314 27.47 -33.56 -40.61
CA GLU A 314 27.85 -33.90 -41.98
C GLU A 314 27.60 -32.73 -42.93
N GLN A 315 26.47 -32.03 -42.76
CA GLN A 315 26.21 -30.85 -43.58
C GLN A 315 27.23 -29.74 -43.30
N MET A 316 27.58 -29.56 -42.02
CA MET A 316 28.48 -28.48 -41.63
C MET A 316 29.87 -28.67 -42.23
N THR A 317 30.26 -29.92 -42.49
CA THR A 317 31.61 -30.19 -42.96
C THR A 317 31.61 -30.87 -44.33
N SER A 318 31.12 -30.16 -45.34
CA SER A 318 31.12 -30.68 -46.71
C SER A 318 31.35 -29.55 -47.70
N SER B 6 17.50 -17.20 -50.18
CA SER B 6 18.36 -18.28 -49.61
C SER B 6 18.89 -17.89 -48.23
N MET B 7 19.60 -18.81 -47.57
CA MET B 7 19.96 -18.66 -46.17
C MET B 7 21.45 -18.89 -45.95
N SER B 8 21.89 -18.59 -44.73
CA SER B 8 23.30 -18.59 -44.35
C SER B 8 23.84 -20.02 -44.22
N GLU B 9 25.14 -20.13 -43.96
CA GLU B 9 25.78 -21.43 -43.74
C GLU B 9 25.29 -22.07 -42.45
N VAL B 10 25.35 -21.31 -41.35
CA VAL B 10 24.83 -21.79 -40.07
C VAL B 10 23.36 -22.17 -40.20
N GLU B 11 22.60 -21.42 -41.01
CA GLU B 11 21.17 -21.70 -41.14
C GLU B 11 20.92 -22.92 -42.04
N ARG B 12 21.81 -23.20 -42.99
CA ARG B 12 21.69 -24.47 -43.71
C ARG B 12 21.92 -25.66 -42.79
N ALA B 13 22.93 -25.57 -41.92
CA ALA B 13 23.14 -26.64 -40.94
C ALA B 13 21.92 -26.81 -40.04
N LEU B 14 21.44 -25.69 -39.47
CA LEU B 14 20.26 -25.75 -38.62
C LEU B 14 19.06 -26.35 -39.34
N ASP B 15 18.88 -26.01 -40.62
CA ASP B 15 17.75 -26.54 -41.35
C ASP B 15 17.88 -28.05 -41.54
N VAL B 16 19.10 -28.54 -41.78
CA VAL B 16 19.28 -29.98 -41.87
C VAL B 16 18.89 -30.64 -40.54
N LEU B 17 19.34 -30.07 -39.42
CA LEU B 17 18.93 -30.61 -38.12
C LEU B 17 17.42 -30.69 -38.02
N LEU B 18 16.73 -29.57 -38.29
CA LEU B 18 15.28 -29.52 -38.07
C LEU B 18 14.54 -30.45 -39.02
N GLN B 19 14.99 -30.57 -40.28
CA GLN B 19 14.34 -31.47 -41.22
C GLN B 19 14.52 -32.93 -40.79
N GLU B 20 15.74 -33.31 -40.42
CA GLU B 20 15.97 -34.68 -39.98
C GLU B 20 15.14 -35.00 -38.75
N ALA B 21 15.01 -34.05 -37.82
CA ALA B 21 14.22 -34.29 -36.62
C ALA B 21 12.73 -34.29 -36.91
N GLU B 22 12.29 -33.57 -37.94
CA GLU B 22 10.90 -33.64 -38.37
C GLU B 22 10.57 -34.99 -38.98
N GLU B 23 11.40 -35.46 -39.92
CA GLU B 23 11.15 -36.74 -40.56
C GLU B 23 11.05 -37.86 -39.53
N LEU B 24 11.85 -37.79 -38.47
CA LEU B 24 11.90 -38.83 -37.46
C LEU B 24 10.96 -38.59 -36.30
N CSO B 25 10.30 -37.44 -36.31
CA CSO B 25 9.39 -37.06 -35.23
CB CSO B 25 8.13 -37.94 -35.24
SG CSO B 25 7.22 -37.69 -36.78
C CSO B 25 10.01 -37.10 -33.84
O CSO B 25 9.43 -37.64 -32.90
OD CSO B 25 6.00 -36.40 -36.54
H CSO B 25 10.35 -36.86 -36.94
HA CSO B 25 9.13 -36.12 -35.39
HB2 CSO B 25 8.38 -38.88 -35.18
HB3 CSO B 25 7.55 -37.70 -34.50
HD CSO B 25 5.69 -36.08 -37.41
N ILE B 26 11.20 -36.51 -33.72
CA ILE B 26 11.91 -36.46 -32.44
C ILE B 26 11.15 -35.55 -31.46
N GLY B 27 10.93 -36.05 -30.26
CA GLY B 27 10.18 -35.27 -29.28
C GLY B 27 8.82 -34.84 -29.76
N SER B 28 8.13 -35.71 -30.49
CA SER B 28 6.85 -35.38 -31.08
C SER B 28 5.65 -35.67 -30.18
N SER B 29 5.86 -36.35 -29.06
CA SER B 29 4.75 -36.74 -28.19
C SER B 29 5.29 -37.03 -26.80
N VAL B 30 4.52 -36.66 -25.77
CA VAL B 30 4.79 -37.12 -24.42
C VAL B 30 4.18 -38.51 -24.26
N VAL B 31 5.03 -39.53 -24.07
CA VAL B 31 4.54 -40.88 -23.89
C VAL B 31 3.63 -40.93 -22.67
N GLU B 32 2.51 -41.65 -22.80
CA GLU B 32 1.55 -41.82 -21.71
C GLU B 32 1.56 -43.27 -21.26
N LEU B 33 1.84 -43.48 -19.97
CA LEU B 33 1.90 -44.83 -19.41
C LEU B 33 0.87 -45.01 -18.31
N ASP B 34 0.24 -46.19 -18.29
CA ASP B 34 -0.67 -46.55 -17.21
C ASP B 34 0.03 -47.23 -16.04
N ARG B 35 1.25 -47.72 -16.23
CA ARG B 35 1.96 -48.44 -15.19
C ARG B 35 3.42 -48.01 -15.14
N ILE B 36 4.01 -48.07 -13.94
CA ILE B 36 5.41 -47.69 -13.74
C ILE B 36 6.30 -48.64 -14.54
N PRO B 37 7.21 -48.15 -15.37
CA PRO B 37 8.10 -49.03 -16.11
C PRO B 37 9.19 -49.62 -15.22
N THR B 38 9.87 -50.64 -15.76
CA THR B 38 11.04 -51.18 -15.09
C THR B 38 12.22 -50.25 -15.27
N ALA B 39 13.24 -50.42 -14.41
CA ALA B 39 14.43 -49.60 -14.52
C ALA B 39 15.03 -49.68 -15.93
N LEU B 40 15.03 -50.87 -16.52
CA LEU B 40 15.60 -51.05 -17.85
C LEU B 40 14.71 -50.42 -18.92
N GLU B 41 13.40 -50.63 -18.83
CA GLU B 41 12.49 -49.98 -19.77
C GLU B 41 12.65 -48.47 -19.72
N PHE B 42 12.79 -47.90 -18.51
CA PHE B 42 12.96 -46.46 -18.40
C PHE B 42 14.29 -46.01 -19.01
N CYS B 43 15.37 -46.73 -18.71
CA CYS B 43 16.67 -46.37 -19.29
C CYS B 43 16.61 -46.40 -20.81
N ARG B 44 16.00 -47.45 -21.37
CA ARG B 44 16.05 -47.68 -22.81
C ARG B 44 15.12 -46.71 -23.55
N GLU B 45 13.88 -46.58 -23.09
CA GLU B 45 12.87 -45.88 -23.87
C GLU B 45 12.84 -44.38 -23.61
N PHE B 46 13.30 -43.92 -22.46
CA PHE B 46 13.12 -42.51 -22.07
C PHE B 46 14.43 -41.83 -21.72
N TYR B 47 15.15 -42.30 -20.69
CA TYR B 47 16.38 -41.63 -20.28
C TYR B 47 17.39 -41.57 -21.43
N SER B 48 17.62 -42.70 -22.10
CA SER B 48 18.65 -42.73 -23.14
C SER B 48 18.20 -42.02 -24.40
N LYS B 49 16.89 -41.84 -24.59
CA LYS B 49 16.35 -41.13 -25.72
C LYS B 49 16.03 -39.67 -25.40
N ASN B 50 16.32 -39.22 -24.18
CA ASN B 50 16.08 -37.82 -23.80
C ASN B 50 14.62 -37.44 -24.09
N GLN B 51 13.69 -38.26 -23.59
CA GLN B 51 12.29 -38.24 -24.00
C GLN B 51 11.35 -38.13 -22.80
N PRO B 52 10.46 -37.15 -22.81
CA PRO B 52 9.50 -37.03 -21.70
C PRO B 52 8.54 -38.21 -21.61
N VAL B 53 8.08 -38.48 -20.39
CA VAL B 53 7.05 -39.51 -20.20
C VAL B 53 6.19 -39.11 -19.01
N VAL B 54 4.90 -39.45 -19.08
CA VAL B 54 3.95 -39.16 -18.01
C VAL B 54 3.25 -40.47 -17.63
N ILE B 55 3.32 -40.82 -16.36
CA ILE B 55 2.74 -42.04 -15.82
C ILE B 55 1.51 -41.67 -15.02
N ARG B 56 0.35 -42.16 -15.47
CA ARG B 56 -0.94 -41.80 -14.91
C ARG B 56 -1.26 -42.64 -13.69
N LYS B 57 -1.85 -42.01 -12.68
CA LYS B 57 -2.28 -42.67 -11.44
C LYS B 57 -1.18 -43.59 -10.92
N ALA B 58 0.04 -43.07 -10.92
CA ALA B 58 1.21 -43.89 -10.59
C ALA B 58 1.50 -43.98 -9.10
N LEU B 59 1.05 -43.03 -8.31
CA LEU B 59 1.44 -42.94 -6.91
C LEU B 59 0.23 -43.10 -5.99
N ASN B 60 0.45 -43.79 -4.88
CA ASN B 60 -0.55 -44.02 -3.84
C ASN B 60 -0.07 -43.49 -2.49
N TRP B 61 0.69 -42.41 -2.52
CA TRP B 61 1.33 -41.89 -1.33
C TRP B 61 0.29 -41.42 -0.31
N PRO B 62 0.56 -41.60 0.98
CA PRO B 62 -0.33 -41.00 1.98
C PRO B 62 -0.61 -39.53 1.69
N ALA B 63 0.44 -38.77 1.42
CA ALA B 63 0.32 -37.36 1.09
C ALA B 63 -0.88 -37.07 0.19
N ILE B 64 -1.02 -37.85 -0.88
CA ILE B 64 -1.98 -37.48 -1.93
C ILE B 64 -3.35 -37.21 -1.36
N GLY B 65 -3.69 -37.81 -0.22
CA GLY B 65 -4.97 -37.55 0.39
C GLY B 65 -4.90 -36.53 1.50
N LYS B 66 -3.87 -36.66 2.33
CA LYS B 66 -3.80 -35.86 3.55
C LYS B 66 -3.46 -34.41 3.24
N TRP B 67 -2.60 -34.17 2.27
CA TRP B 67 -1.95 -32.87 2.14
C TRP B 67 -2.92 -31.82 1.59
N THR B 68 -3.17 -30.78 2.41
CA THR B 68 -3.86 -29.55 2.06
C THR B 68 -3.14 -28.44 2.81
N PRO B 69 -3.35 -27.16 2.51
CA PRO B 69 -2.82 -26.10 3.38
C PRO B 69 -3.21 -26.25 4.84
N LYS B 70 -4.47 -26.61 5.12
CA LYS B 70 -4.94 -26.71 6.50
C LYS B 70 -4.22 -27.84 7.23
N TYR B 71 -4.13 -29.03 6.61
CA TYR B 71 -3.43 -30.14 7.23
C TYR B 71 -1.95 -29.81 7.39
N LEU B 72 -1.37 -29.10 6.42
CA LEU B 72 0.03 -28.72 6.52
C LEU B 72 0.26 -27.76 7.70
N ILE B 73 -0.69 -26.86 7.94
CA ILE B 73 -0.59 -25.98 9.10
C ILE B 73 -0.70 -26.80 10.38
N GLU B 74 -1.66 -27.72 10.43
CA GLU B 74 -1.82 -28.57 11.61
C GLU B 74 -0.56 -29.37 11.88
N ALA B 75 0.10 -29.84 10.82
CA ALA B 75 1.22 -30.75 10.96
C ALA B 75 2.53 -30.02 11.27
N LEU B 76 2.87 -29.04 10.45
CA LEU B 76 4.15 -28.35 10.55
C LEU B 76 4.25 -27.41 11.75
N GLY B 77 3.20 -27.25 12.54
CA GLY B 77 3.22 -26.29 13.61
C GLY B 77 3.25 -24.86 13.13
N ASP B 78 2.61 -24.57 12.00
CA ASP B 78 2.51 -23.23 11.43
C ASP B 78 3.83 -22.49 11.54
N ARG B 79 4.87 -23.11 10.98
CA ARG B 79 6.21 -22.56 11.02
C ARG B 79 6.33 -21.34 10.10
N SER B 80 7.45 -20.64 10.23
CA SER B 80 7.81 -19.58 9.31
C SER B 80 8.54 -20.19 8.11
N VAL B 81 8.14 -19.77 6.91
CA VAL B 81 8.68 -20.32 5.67
C VAL B 81 9.18 -19.17 4.82
N ASP B 82 9.93 -19.54 3.78
CA ASP B 82 10.42 -18.62 2.76
C ASP B 82 9.49 -18.65 1.56
N VAL B 83 8.95 -17.49 1.21
CA VAL B 83 7.95 -17.35 0.16
C VAL B 83 8.44 -16.33 -0.85
N ALA B 84 8.16 -16.58 -2.12
CA ALA B 84 8.43 -15.67 -3.22
C ALA B 84 7.15 -14.90 -3.56
N ILE B 85 7.32 -13.61 -3.85
CA ILE B 85 6.22 -12.69 -4.07
C ILE B 85 6.48 -11.90 -5.34
N THR B 86 5.41 -11.65 -6.10
CA THR B 86 5.51 -10.85 -7.32
C THR B 86 4.23 -10.05 -7.53
N PRO B 87 4.33 -8.90 -8.19
CA PRO B 87 3.09 -8.19 -8.56
C PRO B 87 2.30 -8.88 -9.66
N ASN B 88 2.99 -9.44 -10.65
CA ASN B 88 2.35 -9.95 -11.86
C ASN B 88 2.28 -11.47 -11.91
N GLY B 89 2.85 -12.17 -10.92
CA GLY B 89 2.84 -13.61 -10.93
C GLY B 89 3.86 -14.25 -11.83
N TYR B 90 4.92 -13.53 -12.18
CA TYR B 90 5.97 -14.05 -13.06
C TYR B 90 7.32 -13.94 -12.35
N ALA B 91 7.54 -14.80 -11.36
CA ALA B 91 8.86 -14.91 -10.76
C ALA B 91 9.83 -15.53 -11.77
N ASP B 92 11.03 -14.98 -11.84
CA ASP B 92 11.99 -15.34 -12.88
C ASP B 92 11.35 -15.17 -14.26
N GLY B 93 10.94 -13.94 -14.54
CA GLY B 93 10.18 -13.69 -15.76
C GLY B 93 10.37 -12.28 -16.26
N LEU B 94 9.86 -12.03 -17.47
CA LEU B 94 10.07 -10.75 -18.13
C LEU B 94 9.02 -9.74 -17.68
N ALA B 95 9.47 -8.53 -17.34
CA ALA B 95 8.57 -7.46 -16.94
C ALA B 95 9.15 -6.13 -17.40
N THR B 96 8.28 -5.21 -17.80
CA THR B 96 8.67 -3.91 -18.33
C THR B 96 8.56 -2.83 -17.25
N GLN B 97 9.48 -1.86 -17.32
CA GLN B 97 9.48 -0.71 -16.42
C GLN B 97 10.23 0.42 -17.11
N ASN B 98 9.64 1.62 -17.09
CA ASN B 98 10.19 2.78 -17.79
C ASN B 98 10.56 2.41 -19.23
N GLY B 99 9.71 1.60 -19.87
CA GLY B 99 9.91 1.19 -21.24
C GLY B 99 10.96 0.13 -21.47
N GLN B 100 11.60 -0.37 -20.42
CA GLN B 100 12.69 -1.33 -20.54
C GLN B 100 12.24 -2.69 -20.02
N GLU B 101 12.48 -3.73 -20.81
CA GLU B 101 12.13 -5.09 -20.42
C GLU B 101 13.28 -5.68 -19.60
N TYR B 102 12.98 -6.13 -18.40
CA TYR B 102 13.91 -6.76 -17.50
C TYR B 102 13.56 -8.24 -17.32
N PHE B 103 14.55 -9.00 -16.88
CA PHE B 103 14.32 -10.32 -16.29
C PHE B 103 14.32 -10.13 -14.78
N VAL B 104 13.17 -10.31 -14.14
CA VAL B 104 13.01 -10.00 -12.74
C VAL B 104 12.87 -11.30 -11.95
N LEU B 105 13.59 -11.34 -10.72
CA LEU B 105 13.60 -12.34 -9.68
C LEU B 105 12.51 -12.03 -8.66
N PRO B 106 11.96 -13.04 -8.01
CA PRO B 106 10.91 -12.79 -7.03
C PRO B 106 11.42 -11.99 -5.84
N LEU B 107 10.50 -11.22 -5.24
CA LEU B 107 10.73 -10.67 -3.91
C LEU B 107 10.70 -11.82 -2.91
N GLU B 108 11.83 -12.16 -2.32
CA GLU B 108 11.89 -13.31 -1.44
C GLU B 108 11.87 -12.83 0.01
N THR B 109 10.95 -13.39 0.80
CA THR B 109 10.71 -12.93 2.16
C THR B 109 10.26 -14.14 2.98
N LYS B 110 10.00 -13.93 4.26
CA LYS B 110 9.56 -15.01 5.13
C LYS B 110 8.29 -14.62 5.86
N MET B 111 7.46 -15.61 6.15
CA MET B 111 6.23 -15.36 6.90
C MET B 111 5.66 -16.68 7.38
N LYS B 112 4.66 -16.58 8.26
CA LYS B 112 4.02 -17.76 8.83
C LYS B 112 3.17 -18.46 7.79
N LEU B 113 3.18 -19.80 7.84
CA LEU B 113 2.48 -20.59 6.84
C LEU B 113 1.01 -20.20 6.73
N SER B 114 0.33 -20.03 7.87
CA SER B 114 -1.07 -19.64 7.83
C SER B 114 -1.25 -18.27 7.19
N GLU B 115 -0.29 -17.35 7.38
CA GLU B 115 -0.36 -16.06 6.70
C GLU B 115 -0.23 -16.23 5.19
N VAL B 116 0.64 -17.15 4.75
CA VAL B 116 0.72 -17.44 3.32
C VAL B 116 -0.62 -17.97 2.82
N VAL B 117 -1.24 -18.88 3.56
CA VAL B 117 -2.54 -19.41 3.16
C VAL B 117 -3.56 -18.28 3.07
N ARG B 118 -3.57 -17.39 4.07
CA ARG B 118 -4.48 -16.25 4.04
C ARG B 118 -4.26 -15.41 2.80
N ARG B 119 -3.00 -15.20 2.41
CA ARG B 119 -2.65 -14.36 1.27
C ARG B 119 -2.83 -15.07 -0.06
N LEU B 120 -3.06 -16.39 -0.05
CA LEU B 120 -3.38 -17.11 -1.27
C LEU B 120 -4.84 -16.97 -1.67
N ASP B 121 -5.72 -16.67 -0.71
CA ASP B 121 -7.16 -16.60 -0.97
C ASP B 121 -7.63 -15.21 -1.35
N ASP B 122 -6.72 -14.24 -1.51
CA ASP B 122 -7.07 -12.88 -1.86
C ASP B 122 -6.74 -12.64 -3.34
N PRO B 123 -7.73 -12.64 -4.23
CA PRO B 123 -7.42 -12.35 -5.63
C PRO B 123 -6.89 -10.94 -5.86
N THR B 124 -7.20 -10.01 -4.96
CA THR B 124 -6.80 -8.63 -5.12
C THR B 124 -5.34 -8.38 -4.73
N GLY B 125 -4.74 -9.29 -3.96
CA GLY B 125 -3.39 -9.09 -3.48
C GLY B 125 -2.34 -9.51 -4.48
N ALA B 126 -1.09 -9.58 -3.99
CA ALA B 126 0.04 -9.97 -4.82
C ALA B 126 0.11 -11.49 -4.93
N VAL B 127 0.93 -11.96 -5.87
CA VAL B 127 1.03 -13.39 -6.16
C VAL B 127 2.15 -13.98 -5.32
N HIS B 128 1.83 -15.07 -4.61
CA HIS B 128 2.79 -15.74 -3.73
C HIS B 128 2.97 -17.19 -4.17
N TYR B 129 4.20 -17.70 -4.00
CA TYR B 129 4.46 -19.13 -4.18
C TYR B 129 5.57 -19.55 -3.22
N ILE B 130 5.50 -20.80 -2.78
CA ILE B 130 6.47 -21.36 -1.86
C ILE B 130 7.26 -22.42 -2.59
N GLN B 131 8.60 -22.30 -2.56
CA GLN B 131 9.53 -23.26 -3.14
C GLN B 131 10.58 -23.62 -2.09
N LYS B 132 10.40 -24.77 -1.43
CA LYS B 132 11.31 -25.22 -0.38
C LYS B 132 12.30 -26.22 -0.97
N GLN B 133 13.60 -25.90 -0.85
CA GLN B 133 14.67 -26.71 -1.42
C GLN B 133 15.25 -27.62 -0.34
N ASN B 134 14.60 -28.76 -0.15
CA ASN B 134 15.04 -29.73 0.82
C ASN B 134 15.95 -30.79 0.18
N SER B 135 16.42 -31.72 1.01
CA SER B 135 17.35 -32.75 0.57
C SER B 135 16.77 -34.16 0.64
N ASP B 140 9.40 -32.11 12.12
CA ASP B 140 8.54 -31.58 11.07
C ASP B 140 8.91 -32.17 9.71
N LEU B 141 10.13 -31.88 9.26
CA LEU B 141 10.56 -32.38 7.96
C LEU B 141 10.62 -33.90 7.89
N PRO B 142 11.10 -34.60 8.93
CA PRO B 142 10.97 -36.08 8.89
C PRO B 142 9.52 -36.54 8.87
N GLU B 143 8.66 -35.85 9.62
CA GLU B 143 7.23 -36.17 9.58
C GLU B 143 6.66 -36.00 8.18
N LEU B 144 7.06 -34.92 7.48
CA LEU B 144 6.60 -34.73 6.11
C LEU B 144 7.16 -35.82 5.21
N ALA B 145 8.44 -36.16 5.36
CA ALA B 145 9.06 -37.20 4.55
C ALA B 145 8.43 -38.56 4.81
N ALA B 146 7.74 -38.72 5.94
CA ALA B 146 7.04 -39.97 6.24
C ALA B 146 5.70 -40.11 5.53
N ASP B 147 5.28 -39.10 4.78
CA ASP B 147 4.06 -39.18 4.00
C ASP B 147 4.31 -39.55 2.54
N LEU B 148 5.56 -39.84 2.19
CA LEU B 148 5.99 -40.09 0.82
C LEU B 148 6.73 -41.41 0.72
N ARG B 149 6.44 -42.20 -0.31
CA ARG B 149 7.21 -43.42 -0.59
C ARG B 149 8.16 -43.14 -1.74
N VAL B 150 9.31 -42.54 -1.42
CA VAL B 150 10.28 -42.16 -2.44
C VAL B 150 10.83 -43.37 -3.16
N SER B 151 10.81 -44.54 -2.52
CA SER B 151 11.30 -45.75 -3.19
C SER B 151 10.51 -46.03 -4.46
N ASP B 152 9.27 -45.55 -4.54
CA ASP B 152 8.47 -45.74 -5.74
C ASP B 152 9.14 -45.16 -6.98
N LEU B 153 10.15 -44.31 -6.80
CA LEU B 153 10.83 -43.66 -7.92
C LEU B 153 12.14 -44.35 -8.29
N ASP B 154 12.42 -45.51 -7.70
CA ASP B 154 13.64 -46.24 -8.04
C ASP B 154 13.75 -46.49 -9.53
N PHE B 155 12.63 -46.83 -10.17
CA PHE B 155 12.65 -47.12 -11.61
C PHE B 155 13.39 -46.04 -12.38
N ALA B 156 13.33 -44.79 -11.90
CA ALA B 156 14.05 -43.71 -12.58
C ALA B 156 15.45 -43.52 -11.98
N GLN B 157 15.56 -43.60 -10.66
CA GLN B 157 16.85 -43.33 -10.01
C GLN B 157 17.92 -44.29 -10.49
N GLN B 158 17.55 -45.55 -10.76
CA GLN B 158 18.52 -46.52 -11.23
C GLN B 158 19.10 -46.15 -12.60
N SER B 159 18.39 -45.35 -13.38
CA SER B 159 18.95 -44.86 -14.64
C SER B 159 19.98 -43.77 -14.36
N PHE B 160 19.72 -42.91 -13.36
CA PHE B 160 20.64 -41.83 -13.05
C PHE B 160 21.81 -42.28 -12.18
N ASN B 161 21.63 -43.37 -11.43
CA ASN B 161 22.66 -43.95 -10.55
C ASN B 161 23.31 -42.91 -9.64
N LYS B 162 22.51 -42.04 -9.06
CA LYS B 162 22.96 -41.13 -8.02
C LYS B 162 21.76 -40.67 -7.22
N PRO B 163 21.96 -40.21 -5.99
CA PRO B 163 20.84 -39.75 -5.17
C PRO B 163 20.29 -38.42 -5.66
N PRO B 164 19.01 -38.10 -5.32
CA PRO B 164 18.50 -36.76 -5.65
C PRO B 164 19.43 -35.65 -5.22
N ASP B 165 19.85 -34.81 -6.16
CA ASP B 165 20.64 -33.63 -5.82
C ASP B 165 19.80 -32.50 -5.27
N ALA B 166 18.49 -32.57 -5.44
CA ALA B 166 17.60 -31.65 -4.74
C ALA B 166 16.19 -32.22 -4.73
N VAL B 167 15.44 -31.93 -3.68
CA VAL B 167 14.02 -32.28 -3.63
C VAL B 167 13.27 -31.02 -3.27
N ASN B 168 12.45 -30.53 -4.18
CA ASN B 168 11.71 -29.30 -3.97
C ASN B 168 10.24 -29.58 -3.64
N PHE B 169 9.70 -28.76 -2.74
CA PHE B 169 8.28 -28.73 -2.43
C PHE B 169 7.71 -27.42 -2.94
N TRP B 170 6.58 -27.48 -3.65
CA TRP B 170 5.93 -26.31 -4.18
C TRP B 170 4.50 -26.21 -3.69
N LEU B 171 4.11 -25.03 -3.20
CA LEU B 171 2.71 -24.71 -2.94
C LEU B 171 2.47 -23.30 -3.43
N GLY B 172 1.51 -23.12 -4.34
CA GLY B 172 1.41 -21.80 -4.95
C GLY B 172 0.06 -21.44 -5.53
N ASP B 173 -0.03 -20.17 -5.91
CA ASP B 173 -1.23 -19.55 -6.45
C ASP B 173 -1.47 -19.98 -7.89
N GLU B 174 -2.73 -19.92 -8.34
CA GLU B 174 -3.00 -20.17 -9.74
C GLU B 174 -2.34 -19.12 -10.62
N ARG B 175 -2.20 -17.89 -10.10
CA ARG B 175 -1.64 -16.79 -10.86
C ARG B 175 -0.13 -16.90 -11.06
N ALA B 176 0.52 -17.83 -10.36
CA ALA B 176 1.96 -18.00 -10.47
C ALA B 176 2.29 -18.81 -11.71
N VAL B 177 2.83 -18.15 -12.73
CA VAL B 177 3.21 -18.77 -13.99
C VAL B 177 4.74 -18.82 -14.04
N THR B 178 5.29 -19.97 -14.41
CA THR B 178 6.73 -20.10 -14.63
C THR B 178 7.02 -20.00 -16.12
N SER B 179 7.76 -18.98 -16.52
CA SER B 179 8.06 -18.76 -17.93
C SER B 179 9.03 -19.80 -18.47
N MET B 180 9.09 -19.91 -19.79
CA MET B 180 9.84 -20.97 -20.43
C MET B 180 11.32 -20.88 -20.09
N HIS B 181 11.88 -22.02 -19.69
CA HIS B 181 13.28 -22.10 -19.28
C HIS B 181 13.73 -23.55 -19.36
N LYS B 182 15.05 -23.75 -19.28
CA LYS B 182 15.66 -25.08 -19.28
C LYS B 182 16.49 -25.26 -18.02
N ASP B 183 16.72 -26.52 -17.67
CA ASP B 183 17.43 -26.91 -16.46
C ASP B 183 18.49 -27.95 -16.79
N PRO B 184 19.69 -27.86 -16.17
CA PRO B 184 20.69 -28.91 -16.40
C PRO B 184 20.46 -30.14 -15.53
N TYR B 185 19.20 -30.55 -15.38
CA TYR B 185 18.90 -31.67 -14.52
C TYR B 185 17.96 -32.66 -15.21
N GLU B 186 18.04 -33.93 -14.78
CA GLU B 186 16.92 -34.86 -14.94
C GLU B 186 15.88 -34.52 -13.88
N ASN B 187 14.60 -34.52 -14.25
CA ASN B 187 13.57 -34.04 -13.34
C ASN B 187 12.42 -35.04 -13.27
N VAL B 188 12.16 -35.55 -12.07
CA VAL B 188 11.04 -36.43 -11.80
C VAL B 188 10.01 -35.64 -10.99
N TYR B 189 8.84 -35.41 -11.57
CA TYR B 189 7.85 -34.49 -11.03
C TYR B 189 6.61 -35.23 -10.55
N CYS B 190 6.22 -34.98 -9.30
CA CYS B 190 5.10 -35.67 -8.69
C CYS B 190 4.10 -34.66 -8.12
N VAL B 191 2.90 -34.64 -8.70
CA VAL B 191 1.84 -33.76 -8.22
C VAL B 191 1.12 -34.44 -7.06
N ILE B 192 0.95 -33.71 -5.97
CA ILE B 192 0.21 -34.20 -4.81
C ILE B 192 -1.25 -33.73 -4.85
N SER B 193 -1.47 -32.45 -5.10
CA SER B 193 -2.80 -31.85 -5.05
C SER B 193 -2.99 -30.92 -6.25
N GLY B 194 -4.13 -31.04 -6.94
CA GLY B 194 -4.39 -30.18 -8.07
C GLY B 194 -3.81 -30.76 -9.35
N HIS B 195 -3.49 -29.87 -10.27
CA HIS B 195 -2.84 -30.25 -11.51
C HIS B 195 -1.88 -29.18 -11.98
N LYS B 196 -0.83 -29.62 -12.68
CA LYS B 196 0.20 -28.74 -13.25
C LYS B 196 0.15 -28.87 -14.77
N ASP B 197 0.13 -27.73 -15.46
CA ASP B 197 0.20 -27.73 -16.93
C ASP B 197 1.62 -27.39 -17.38
N PHE B 198 2.20 -28.27 -18.19
CA PHE B 198 3.52 -28.04 -18.77
C PHE B 198 3.40 -27.84 -20.27
N VAL B 199 4.14 -26.86 -20.79
CA VAL B 199 4.42 -26.74 -22.21
C VAL B 199 5.89 -27.06 -22.41
N LEU B 200 6.18 -28.05 -23.26
CA LEU B 200 7.51 -28.61 -23.44
C LEU B 200 8.00 -28.41 -24.86
N ILE B 201 9.24 -27.98 -24.99
CA ILE B 201 9.88 -27.94 -26.31
C ILE B 201 11.20 -28.72 -26.26
N PRO B 202 11.49 -29.56 -27.25
CA PRO B 202 12.72 -30.35 -27.18
C PRO B 202 13.96 -29.48 -27.33
N PRO B 203 15.08 -29.89 -26.74
CA PRO B 203 16.31 -29.10 -26.90
C PRO B 203 16.65 -28.74 -28.34
N HIS B 204 16.59 -29.71 -29.26
CA HIS B 204 17.10 -29.52 -30.60
C HIS B 204 16.34 -28.44 -31.37
N GLN B 205 15.17 -28.01 -30.88
CA GLN B 205 14.42 -26.93 -31.49
C GLN B 205 14.88 -25.55 -31.01
N LEU B 206 16.09 -25.48 -30.45
CA LEU B 206 16.58 -24.23 -29.88
C LEU B 206 16.48 -23.07 -30.87
N SER B 207 16.82 -23.32 -32.14
CA SER B 207 16.86 -22.24 -33.11
C SER B 207 15.48 -21.65 -33.40
N CYS B 208 14.41 -22.35 -33.04
CA CYS B 208 13.06 -21.85 -33.23
C CYS B 208 12.53 -21.09 -32.02
N VAL B 209 13.31 -20.98 -30.96
CA VAL B 209 12.85 -20.40 -29.69
C VAL B 209 13.51 -19.03 -29.54
N PRO B 210 12.76 -17.93 -29.64
CA PRO B 210 13.37 -16.61 -29.43
C PRO B 210 13.98 -16.50 -28.04
N ARG B 211 15.24 -16.07 -28.01
CA ARG B 211 15.94 -15.74 -26.78
C ARG B 211 16.59 -14.37 -26.95
N GLY B 212 16.62 -13.61 -25.86
CA GLY B 212 17.24 -12.31 -25.84
C GLY B 212 18.12 -12.13 -24.61
N ILE B 213 18.79 -10.97 -24.59
CA ILE B 213 19.60 -10.56 -23.45
C ILE B 213 18.87 -9.41 -22.76
N TYR B 214 18.77 -9.48 -21.43
CA TYR B 214 17.97 -8.53 -20.67
C TYR B 214 18.71 -8.09 -19.43
N PRO B 215 18.58 -6.82 -19.03
CA PRO B 215 19.06 -6.43 -17.70
C PRO B 215 18.28 -7.18 -16.64
N THR B 216 18.99 -7.68 -15.64
CA THR B 216 18.33 -8.41 -14.58
C THR B 216 17.99 -7.48 -13.42
N GLY B 217 16.87 -7.77 -12.77
CA GLY B 217 16.41 -6.98 -11.65
C GLY B 217 15.81 -7.87 -10.58
N VAL B 218 15.39 -7.22 -9.50
CA VAL B 218 14.66 -7.93 -8.45
C VAL B 218 13.50 -7.05 -8.01
N TYR B 219 12.39 -7.69 -7.66
CA TYR B 219 11.20 -6.98 -7.22
C TYR B 219 11.40 -6.48 -5.79
N LYS B 220 10.98 -5.24 -5.55
CA LYS B 220 11.08 -4.65 -4.22
C LYS B 220 9.79 -3.90 -3.91
N THR B 221 9.44 -3.86 -2.63
CA THR B 221 8.38 -3.03 -2.10
C THR B 221 8.98 -1.73 -1.57
N SER B 222 8.23 -0.65 -1.68
CA SER B 222 8.63 0.64 -1.13
C SER B 222 7.98 0.82 0.25
N ASP B 223 8.20 2.01 0.84
CA ASP B 223 7.55 2.33 2.10
C ASP B 223 6.04 2.16 2.01
N SER B 224 5.46 2.54 0.86
CA SER B 224 4.02 2.49 0.68
C SER B 224 3.51 1.10 0.33
N GLY B 225 4.39 0.17 -0.04
CA GLY B 225 3.97 -1.17 -0.38
C GLY B 225 3.68 -1.43 -1.84
N GLN B 226 4.03 -0.51 -2.72
CA GLN B 226 3.91 -0.72 -4.15
C GLN B 226 5.20 -1.32 -4.71
N PHE B 227 5.04 -2.17 -5.73
CA PHE B 227 6.17 -2.91 -6.28
C PHE B 227 6.90 -2.11 -7.35
N TYR B 228 8.23 -2.25 -7.36
CA TYR B 228 9.06 -1.71 -8.44
C TYR B 228 10.21 -2.68 -8.69
N ILE B 229 10.88 -2.49 -9.83
CA ILE B 229 12.01 -3.32 -10.22
C ILE B 229 13.30 -2.56 -9.96
N GLU B 230 14.21 -3.17 -9.21
CA GLU B 230 15.52 -2.56 -8.94
C GLU B 230 16.57 -3.26 -9.77
N PRO B 231 17.31 -2.52 -10.61
CA PRO B 231 18.40 -3.14 -11.37
C PRO B 231 19.42 -3.81 -10.46
N LEU B 232 19.92 -4.95 -10.91
CA LEU B 232 20.98 -5.68 -10.23
C LEU B 232 22.33 -5.33 -10.84
N ARG B 233 23.34 -5.14 -9.99
CA ARG B 233 24.65 -4.68 -10.42
C ARG B 233 25.74 -5.60 -9.88
N ASP B 234 26.88 -5.55 -10.55
CA ASP B 234 27.94 -6.54 -10.37
C ASP B 234 28.74 -6.27 -9.11
N GLU B 235 29.89 -6.94 -8.97
CA GLU B 235 30.76 -6.75 -7.81
C GLU B 235 30.90 -5.29 -7.44
N GLU B 236 31.21 -4.44 -8.43
CA GLU B 236 31.24 -3.00 -8.26
C GLU B 236 31.33 -2.39 -9.66
N GLY B 237 30.30 -1.65 -10.09
CA GLY B 237 30.30 -1.10 -11.42
C GLY B 237 28.98 -1.25 -12.16
N SER B 238 29.00 -1.92 -13.31
CA SER B 238 27.90 -1.83 -14.25
C SER B 238 26.87 -2.95 -14.02
N ASP B 239 25.80 -2.90 -14.82
CA ASP B 239 24.64 -3.76 -14.67
C ASP B 239 24.98 -5.22 -14.91
N GLN B 240 24.03 -6.09 -14.57
CA GLN B 240 24.09 -7.51 -14.83
C GLN B 240 23.03 -7.91 -15.85
N PHE B 241 23.32 -8.94 -16.63
CA PHE B 241 22.44 -9.38 -17.69
C PHE B 241 22.15 -10.86 -17.60
N THR B 242 21.10 -11.27 -18.29
CA THR B 242 20.77 -12.69 -18.40
C THR B 242 20.12 -12.95 -19.76
N GLU B 243 20.35 -14.17 -20.27
CA GLU B 243 19.72 -14.61 -21.51
C GLU B 243 18.45 -15.38 -21.17
N TRP B 244 17.36 -15.06 -21.85
CA TRP B 244 16.07 -15.64 -21.49
C TRP B 244 15.17 -15.75 -22.70
N VAL B 245 14.27 -16.73 -22.66
CA VAL B 245 13.30 -16.94 -23.72
C VAL B 245 12.38 -15.73 -23.79
N SER B 246 12.28 -15.15 -24.99
CA SER B 246 11.51 -13.93 -25.20
C SER B 246 10.05 -14.18 -25.54
N VAL B 247 9.71 -15.40 -25.97
CA VAL B 247 8.37 -15.68 -26.45
C VAL B 247 7.48 -16.20 -25.32
N ASP B 248 6.17 -15.98 -25.50
CA ASP B 248 5.16 -16.42 -24.55
C ASP B 248 4.46 -17.63 -25.12
N PRO B 249 4.72 -18.84 -24.62
CA PRO B 249 4.12 -20.03 -25.26
C PRO B 249 2.61 -20.00 -25.28
N LEU B 250 1.97 -19.31 -24.34
CA LEU B 250 0.51 -19.30 -24.27
C LEU B 250 -0.09 -18.42 -25.36
N SER B 251 0.66 -17.43 -25.85
CA SER B 251 0.17 -16.53 -26.91
C SER B 251 1.35 -16.05 -27.72
N PRO B 252 1.94 -16.94 -28.51
CA PRO B 252 3.10 -16.54 -29.32
C PRO B 252 2.74 -15.44 -30.29
N ASP B 253 3.57 -14.40 -30.34
CA ASP B 253 3.44 -13.35 -31.35
C ASP B 253 4.24 -13.79 -32.57
N LEU B 254 3.59 -14.55 -33.46
CA LEU B 254 4.30 -15.12 -34.60
C LEU B 254 4.79 -14.07 -35.59
N ALA B 255 4.18 -12.87 -35.61
CA ALA B 255 4.71 -11.80 -36.43
C ALA B 255 6.05 -11.32 -35.91
N LYS B 256 6.13 -11.04 -34.60
CA LYS B 256 7.37 -10.64 -33.96
C LYS B 256 8.39 -11.78 -33.95
N TYR B 257 7.91 -13.03 -33.95
CA TYR B 257 8.79 -14.20 -33.87
C TYR B 257 8.40 -15.22 -34.91
N PRO B 258 8.78 -15.00 -36.18
CA PRO B 258 8.43 -15.98 -37.22
C PRO B 258 8.92 -17.39 -36.91
N GLU B 259 10.19 -17.53 -36.50
CA GLU B 259 10.81 -18.84 -36.38
C GLU B 259 10.04 -19.71 -35.38
N TYR B 260 9.36 -19.10 -34.41
CA TYR B 260 8.64 -19.90 -33.43
C TYR B 260 7.54 -20.75 -34.05
N ALA B 261 7.13 -20.43 -35.28
CA ALA B 261 6.10 -21.23 -35.93
C ALA B 261 6.64 -22.63 -36.28
N ARG B 262 7.95 -22.75 -36.49
CA ARG B 262 8.51 -24.05 -36.81
C ARG B 262 8.75 -24.92 -35.57
N ALA B 263 8.56 -24.36 -34.37
CA ALA B 263 8.62 -25.12 -33.14
C ALA B 263 7.37 -25.96 -32.96
N LYS B 264 7.48 -27.00 -32.14
CA LYS B 264 6.37 -27.92 -31.90
C LYS B 264 6.20 -28.17 -30.41
N PRO B 265 5.59 -27.23 -29.71
CA PRO B 265 5.35 -27.44 -28.28
C PRO B 265 4.42 -28.61 -28.00
N LEU B 266 4.69 -29.29 -26.89
CA LEU B 266 3.86 -30.36 -26.37
C LEU B 266 3.16 -29.87 -25.11
N LYS B 267 1.86 -30.16 -24.99
CA LYS B 267 1.09 -29.79 -23.80
C LYS B 267 0.79 -31.04 -23.00
N VAL B 268 1.09 -30.99 -21.70
CA VAL B 268 0.75 -32.11 -20.82
C VAL B 268 0.26 -31.58 -19.48
N ARG B 269 -0.89 -32.10 -19.04
CA ARG B 269 -1.44 -31.80 -17.73
C ARG B 269 -1.19 -32.97 -16.79
N VAL B 270 -0.61 -32.68 -15.64
CA VAL B 270 -0.19 -33.68 -14.67
C VAL B 270 -1.10 -33.57 -13.45
N HIS B 271 -1.81 -34.65 -13.13
CA HIS B 271 -2.78 -34.67 -12.05
C HIS B 271 -2.19 -35.30 -10.80
N ALA B 272 -2.93 -35.17 -9.70
CA ALA B 272 -2.50 -35.74 -8.44
C ALA B 272 -2.28 -37.25 -8.60
N GLY B 273 -1.12 -37.71 -8.15
CA GLY B 273 -0.75 -39.10 -8.33
C GLY B 273 -0.08 -39.43 -9.64
N ASP B 274 0.19 -38.44 -10.48
CA ASP B 274 0.90 -38.64 -11.73
C ASP B 274 2.39 -38.36 -11.55
N ILE B 275 3.19 -38.98 -12.42
CA ILE B 275 4.62 -38.73 -12.47
C ILE B 275 4.94 -38.20 -13.86
N LEU B 276 5.82 -37.20 -13.93
CA LEU B 276 6.30 -36.69 -15.21
C LEU B 276 7.82 -36.71 -15.19
N TYR B 277 8.42 -37.46 -16.10
CA TYR B 277 9.85 -37.36 -16.36
C TYR B 277 10.06 -36.27 -17.42
N LEU B 278 10.72 -35.19 -17.01
CA LEU B 278 11.14 -34.04 -17.80
C LEU B 278 12.64 -34.14 -18.00
N PRO B 279 13.10 -34.52 -19.19
CA PRO B 279 14.54 -34.78 -19.38
C PRO B 279 15.36 -33.50 -19.35
N ASN B 280 16.68 -33.67 -19.29
CA ASN B 280 17.58 -32.55 -19.10
C ASN B 280 17.53 -31.62 -20.31
N TYR B 281 17.57 -30.32 -20.03
CA TYR B 281 17.62 -29.25 -21.02
C TYR B 281 16.38 -29.15 -21.88
N TRP B 282 15.28 -29.80 -21.50
CA TRP B 282 14.02 -29.57 -22.18
C TRP B 282 13.44 -28.23 -21.75
N PHE B 283 12.96 -27.46 -22.72
CA PHE B 283 12.28 -26.20 -22.42
C PHE B 283 10.93 -26.51 -21.78
N HIS B 284 10.58 -25.81 -20.69
CA HIS B 284 9.24 -25.97 -20.12
C HIS B 284 8.71 -24.67 -19.53
N HIS B 285 7.39 -24.51 -19.68
CA HIS B 285 6.59 -23.43 -19.11
C HIS B 285 5.52 -24.08 -18.24
N VAL B 286 5.38 -23.61 -17.00
CA VAL B 286 4.56 -24.31 -16.01
C VAL B 286 3.46 -23.38 -15.46
N SER B 287 2.23 -23.88 -15.52
CA SER B 287 1.06 -23.30 -14.85
C SER B 287 0.52 -24.31 -13.86
N GLN B 288 -0.42 -23.89 -13.01
CA GLN B 288 -1.02 -24.85 -12.10
C GLN B 288 -2.36 -24.33 -11.57
N SER B 289 -3.12 -25.24 -10.96
CA SER B 289 -4.40 -24.95 -10.34
C SER B 289 -4.20 -24.30 -8.98
N HIS B 290 -5.28 -23.72 -8.44
CA HIS B 290 -5.13 -22.96 -7.22
C HIS B 290 -4.77 -23.89 -6.06
N LYS B 291 -3.79 -23.45 -5.25
CA LYS B 291 -3.24 -24.25 -4.16
C LYS B 291 -2.86 -25.66 -4.62
N CYS B 292 -2.20 -25.74 -5.77
CA CYS B 292 -1.57 -26.98 -6.19
C CYS B 292 -0.34 -27.25 -5.34
N ILE B 293 -0.15 -28.49 -4.95
CA ILE B 293 1.01 -28.92 -4.19
C ILE B 293 1.75 -29.96 -5.01
N ALA B 294 3.08 -29.83 -5.05
CA ALA B 294 3.87 -30.79 -5.81
C ALA B 294 5.24 -30.94 -5.16
N VAL B 295 5.87 -32.08 -5.43
CA VAL B 295 7.26 -32.29 -5.03
C VAL B 295 8.00 -32.85 -6.25
N ASN B 296 9.24 -32.42 -6.43
CA ASN B 296 10.00 -32.93 -7.55
C ASN B 296 11.46 -33.18 -7.15
N PHE B 297 12.08 -34.10 -7.86
CA PHE B 297 13.42 -34.57 -7.58
C PHE B 297 14.31 -34.22 -8.76
N TRP B 298 15.40 -33.51 -8.47
CA TRP B 298 16.36 -33.04 -9.46
C TRP B 298 17.65 -33.83 -9.31
N TYR B 299 18.09 -34.45 -10.41
CA TYR B 299 19.33 -35.21 -10.47
C TYR B 299 20.30 -34.52 -11.43
N ASP B 300 21.57 -34.42 -11.02
CA ASP B 300 22.60 -33.86 -11.88
C ASP B 300 22.84 -34.75 -13.09
N LEU B 301 22.95 -34.14 -14.26
CA LEU B 301 22.98 -34.90 -15.50
C LEU B 301 24.36 -35.53 -15.74
N ASP B 302 24.34 -36.67 -16.42
CA ASP B 302 25.54 -37.42 -16.78
C ASP B 302 25.92 -37.08 -18.22
N TYR B 303 27.02 -36.35 -18.39
CA TYR B 303 27.32 -35.75 -19.68
C TYR B 303 27.59 -36.78 -20.75
N ASP B 304 26.93 -36.61 -21.88
CA ASP B 304 27.11 -37.45 -23.07
C ASP B 304 27.25 -36.54 -24.30
N SER B 305 27.44 -37.15 -25.47
CA SER B 305 27.69 -36.37 -26.68
C SER B 305 26.52 -35.45 -27.01
N ARG B 306 25.30 -35.83 -26.59
CA ARG B 306 24.15 -34.97 -26.84
C ARG B 306 24.34 -33.60 -26.21
N TYR B 307 24.93 -33.54 -25.02
CA TYR B 307 25.17 -32.26 -24.37
C TYR B 307 26.17 -31.41 -25.17
N CYS B 308 27.17 -32.05 -25.76
CA CYS B 308 28.15 -31.31 -26.55
C CYS B 308 27.53 -30.76 -27.81
N TYR B 309 26.75 -31.58 -28.51
CA TYR B 309 25.99 -31.05 -29.65
C TYR B 309 25.12 -29.89 -29.22
N TYR B 310 24.52 -29.98 -28.03
CA TYR B 310 23.65 -28.90 -27.57
C TYR B 310 24.45 -27.62 -27.30
N ARG B 311 25.64 -27.75 -26.72
N ARG B 311 25.64 -27.75 -26.72
CA ARG B 311 26.51 -26.58 -26.55
CA ARG B 311 26.51 -26.59 -26.55
C ARG B 311 26.85 -25.96 -27.91
C ARG B 311 26.86 -25.98 -27.89
N MET B 312 27.18 -26.81 -28.88
CA MET B 312 27.42 -26.31 -30.23
C MET B 312 26.20 -25.56 -30.75
N LEU B 313 25.01 -26.11 -30.53
CA LEU B 313 23.78 -25.51 -31.03
C LEU B 313 23.52 -24.17 -30.34
N GLU B 314 23.85 -24.09 -29.05
CA GLU B 314 23.81 -22.80 -28.36
C GLU B 314 24.71 -21.80 -29.05
N GLN B 315 25.93 -22.23 -29.39
CA GLN B 315 26.87 -21.33 -30.07
C GLN B 315 26.35 -20.87 -31.43
N MET B 316 25.74 -21.78 -32.19
CA MET B 316 25.29 -21.45 -33.54
C MET B 316 24.14 -20.45 -33.50
N THR B 317 23.24 -20.57 -32.52
CA THR B 317 22.05 -19.75 -32.44
C THR B 317 22.19 -18.63 -31.40
N SER B 318 23.42 -18.29 -31.03
CA SER B 318 23.65 -17.30 -29.99
C SER B 318 22.92 -16.00 -30.26
N SER C 6 -6.70 63.99 15.26
CA SER C 6 -6.64 63.48 13.85
C SER C 6 -6.91 61.98 13.81
N MET C 7 -8.01 61.57 14.44
CA MET C 7 -8.48 60.19 14.41
C MET C 7 -9.76 60.10 13.60
N SER C 8 -10.08 58.89 13.14
CA SER C 8 -11.34 58.64 12.46
C SER C 8 -12.45 58.41 13.48
N GLU C 9 -13.70 58.55 13.03
CA GLU C 9 -14.84 58.24 13.90
C GLU C 9 -14.77 56.79 14.38
N VAL C 10 -14.46 55.88 13.47
CA VAL C 10 -14.34 54.47 13.81
C VAL C 10 -13.12 54.25 14.71
N GLU C 11 -12.00 54.90 14.40
CA GLU C 11 -10.80 54.74 15.22
C GLU C 11 -11.05 55.25 16.64
N ARG C 12 -11.76 56.37 16.76
CA ARG C 12 -12.12 56.90 18.07
C ARG C 12 -13.02 55.94 18.84
N ALA C 13 -14.02 55.37 18.16
CA ALA C 13 -14.88 54.37 18.81
C ALA C 13 -14.07 53.17 19.31
N LEU C 14 -13.23 52.62 18.44
CA LEU C 14 -12.42 51.47 18.83
C LEU C 14 -11.49 51.82 19.98
N ASP C 15 -11.00 53.06 20.01
CA ASP C 15 -10.14 53.48 21.10
C ASP C 15 -10.91 53.49 22.42
N VAL C 16 -12.16 53.96 22.40
CA VAL C 16 -12.97 53.92 23.62
C VAL C 16 -13.15 52.48 24.08
N LEU C 17 -13.51 51.59 23.15
CA LEU C 17 -13.65 50.17 23.50
C LEU C 17 -12.40 49.65 24.20
N LEU C 18 -11.24 49.86 23.57
CA LEU C 18 -9.99 49.30 24.10
C LEU C 18 -9.61 49.95 25.43
N GLN C 19 -9.83 51.26 25.56
CA GLN C 19 -9.52 51.94 26.81
C GLN C 19 -10.37 51.42 27.96
N GLU C 20 -11.66 51.21 27.72
CA GLU C 20 -12.52 50.68 28.77
C GLU C 20 -12.11 49.26 29.15
N ALA C 21 -11.74 48.43 28.17
CA ALA C 21 -11.37 47.05 28.50
C ALA C 21 -10.04 47.02 29.26
N GLU C 22 -9.11 47.91 28.91
CA GLU C 22 -7.88 48.04 29.69
C GLU C 22 -8.19 48.46 31.12
N GLU C 23 -9.03 49.49 31.26
CA GLU C 23 -9.31 50.08 32.57
C GLU C 23 -9.93 49.07 33.51
N LEU C 24 -10.75 48.16 32.98
CA LEU C 24 -11.51 47.25 33.81
C LEU C 24 -10.94 45.85 33.88
N CSO C 25 -9.75 45.69 33.32
CA CSO C 25 -9.09 44.38 33.31
CB CSO C 25 -8.60 44.00 34.71
SG CSO C 25 -7.08 44.93 35.06
C CSO C 25 -10.02 43.31 32.76
O CSO C 25 -10.14 42.21 33.33
OD CSO C 25 -7.44 46.56 35.70
H CSO C 25 -9.28 46.31 32.95
HA CSO C 25 -8.30 44.41 32.72
HB2 CSO C 25 -9.28 44.24 35.38
HB3 CSO C 25 -8.40 43.05 34.76
HD CSO C 25 -6.62 47.03 35.94
N ILE C 26 -10.67 43.63 31.65
CA ILE C 26 -11.59 42.73 30.97
C ILE C 26 -10.81 41.71 30.14
N GLY C 27 -11.04 40.42 30.41
CA GLY C 27 -10.32 39.39 29.69
C GLY C 27 -8.82 39.57 29.74
N SER C 28 -8.29 40.03 30.88
CA SER C 28 -6.89 40.38 30.99
C SER C 28 -6.03 39.24 31.56
N SER C 29 -6.63 38.13 31.96
CA SER C 29 -5.85 36.99 32.43
C SER C 29 -6.69 35.73 32.34
N VAL C 30 -6.02 34.60 32.52
CA VAL C 30 -6.68 33.30 32.65
C VAL C 30 -6.74 32.97 34.14
N VAL C 31 -7.95 32.84 34.68
CA VAL C 31 -8.10 32.50 36.09
C VAL C 31 -7.65 31.06 36.31
N GLU C 32 -6.93 30.83 37.42
CA GLU C 32 -6.46 29.50 37.79
C GLU C 32 -7.22 29.04 39.02
N LEU C 33 -7.67 27.77 39.00
CA LEU C 33 -8.44 27.22 40.10
C LEU C 33 -7.83 25.91 40.60
N ASP C 34 -7.82 25.76 41.93
CA ASP C 34 -7.28 24.55 42.55
C ASP C 34 -8.30 23.41 42.58
N ARG C 35 -9.55 23.74 42.88
CA ARG C 35 -10.64 22.77 42.91
C ARG C 35 -11.71 23.18 41.91
N ILE C 36 -12.64 22.26 41.64
CA ILE C 36 -13.69 22.50 40.65
C ILE C 36 -14.75 23.42 41.26
N PRO C 37 -15.17 24.47 40.56
CA PRO C 37 -16.21 25.34 41.09
C PRO C 37 -17.59 24.71 40.97
N THR C 38 -18.56 25.32 41.64
CA THR C 38 -19.94 24.86 41.53
C THR C 38 -20.60 25.43 40.28
N ALA C 39 -21.67 24.76 39.84
CA ALA C 39 -22.31 25.15 38.59
C ALA C 39 -22.68 26.62 38.57
N LEU C 40 -23.24 27.11 39.68
CA LEU C 40 -23.60 28.53 39.76
C LEU C 40 -22.37 29.42 39.76
N GLU C 41 -21.31 29.02 40.48
CA GLU C 41 -20.08 29.80 40.47
C GLU C 41 -19.52 29.89 39.05
N PHE C 42 -19.47 28.75 38.35
CA PHE C 42 -18.95 28.76 36.98
C PHE C 42 -19.81 29.62 36.07
N CYS C 43 -21.13 29.56 36.25
CA CYS C 43 -22.03 30.38 35.45
C CYS C 43 -21.78 31.86 35.69
N ARG C 44 -21.64 32.25 36.95
CA ARG C 44 -21.56 33.67 37.29
C ARG C 44 -20.19 34.27 36.96
N GLU C 45 -19.12 33.52 37.17
CA GLU C 45 -17.79 34.12 37.10
C GLU C 45 -17.12 33.94 35.74
N PHE C 46 -17.45 32.90 34.99
CA PHE C 46 -16.72 32.57 33.77
C PHE C 46 -17.61 32.57 32.54
N TYR C 47 -18.67 31.76 32.51
CA TYR C 47 -19.52 31.69 31.33
C TYR C 47 -20.18 33.04 31.04
N SER C 48 -20.79 33.66 32.05
CA SER C 48 -21.52 34.90 31.83
C SER C 48 -20.59 36.09 31.65
N LYS C 49 -19.35 35.99 32.12
CA LYS C 49 -18.34 37.00 31.88
C LYS C 49 -17.51 36.72 30.63
N ASN C 50 -17.71 35.56 29.98
CA ASN C 50 -16.98 35.22 28.77
C ASN C 50 -15.47 35.22 29.05
N GLN C 51 -15.09 34.49 30.11
CA GLN C 51 -13.78 34.60 30.73
C GLN C 51 -13.09 33.24 30.81
N PRO C 52 -11.90 33.09 30.23
CA PRO C 52 -11.19 31.82 30.33
C PRO C 52 -10.95 31.37 31.77
N VAL C 53 -10.91 30.04 31.97
CA VAL C 53 -10.54 29.54 33.29
C VAL C 53 -9.92 28.16 33.20
N VAL C 54 -8.78 27.95 33.86
CA VAL C 54 -8.09 26.66 33.88
C VAL C 54 -8.10 26.13 35.30
N ILE C 55 -8.50 24.87 35.45
CA ILE C 55 -8.57 24.16 36.72
C ILE C 55 -7.47 23.11 36.72
N ARG C 56 -6.58 23.20 37.70
CA ARG C 56 -5.42 22.33 37.77
C ARG C 56 -5.75 21.00 38.46
N LYS C 57 -5.18 19.93 37.95
CA LYS C 57 -5.33 18.58 38.50
C LYS C 57 -6.76 18.34 38.98
N ALA C 58 -7.70 18.52 38.07
CA ALA C 58 -9.11 18.41 38.38
C ALA C 58 -9.75 17.11 37.92
N LEU C 59 -9.04 16.31 37.13
CA LEU C 59 -9.59 15.08 36.55
C LEU C 59 -8.78 13.90 37.02
N ASN C 60 -9.45 12.92 37.62
N ASN C 60 -9.44 12.91 37.62
CA ASN C 60 -8.86 11.64 38.01
CA ASN C 60 -8.78 11.65 37.98
C ASN C 60 -9.41 10.50 37.16
C ASN C 60 -9.39 10.51 37.17
N TRP C 61 -9.56 10.72 35.86
CA TRP C 61 -10.09 9.71 34.97
C TRP C 61 -9.11 8.55 34.82
N PRO C 62 -9.62 7.33 34.58
CA PRO C 62 -8.70 6.22 34.27
C PRO C 62 -7.78 6.50 33.11
N ALA C 63 -8.27 7.27 32.13
CA ALA C 63 -7.52 7.54 30.92
C ALA C 63 -6.18 8.18 31.21
N ILE C 64 -6.14 9.14 32.14
CA ILE C 64 -5.00 10.03 32.30
C ILE C 64 -3.70 9.25 32.39
N GLY C 65 -3.74 8.09 33.02
CA GLY C 65 -2.54 7.27 33.12
C GLY C 65 -2.43 6.22 32.03
N LYS C 66 -3.55 5.58 31.71
CA LYS C 66 -3.52 4.40 30.85
C LYS C 66 -3.43 4.72 29.36
N TRP C 67 -3.70 5.95 28.95
CA TRP C 67 -3.82 6.27 27.51
C TRP C 67 -2.44 6.60 26.94
N THR C 68 -1.85 5.63 26.26
CA THR C 68 -0.59 5.79 25.56
C THR C 68 -0.74 5.25 24.15
N PRO C 69 0.19 5.60 23.24
CA PRO C 69 0.15 5.02 21.89
C PRO C 69 -0.13 3.52 21.91
N LYS C 70 0.65 2.79 22.70
CA LYS C 70 0.52 1.34 22.76
C LYS C 70 -0.89 0.93 23.20
N TYR C 71 -1.38 1.53 24.29
CA TYR C 71 -2.68 1.14 24.83
C TYR C 71 -3.79 1.33 23.81
N LEU C 72 -3.81 2.49 23.15
CA LEU C 72 -4.84 2.78 22.17
C LEU C 72 -4.74 1.85 20.98
N ILE C 73 -3.52 1.55 20.53
CA ILE C 73 -3.35 0.59 19.45
C ILE C 73 -4.00 -0.74 19.82
N GLU C 74 -3.74 -1.22 21.04
CA GLU C 74 -4.28 -2.53 21.43
C GLU C 74 -5.79 -2.49 21.60
N ALA C 75 -6.31 -1.43 22.24
CA ALA C 75 -7.73 -1.39 22.57
C ALA C 75 -8.60 -1.20 21.34
N LEU C 76 -8.19 -0.33 20.42
CA LEU C 76 -9.00 -0.06 19.25
C LEU C 76 -8.89 -1.12 18.17
N GLY C 77 -8.04 -2.12 18.34
CA GLY C 77 -7.90 -3.17 17.36
C GLY C 77 -7.18 -2.74 16.10
N ASP C 78 -6.15 -1.91 16.24
CA ASP C 78 -5.38 -1.36 15.13
C ASP C 78 -6.27 -1.05 13.93
N ARG C 79 -7.21 -0.14 14.15
CA ARG C 79 -8.13 0.28 13.11
C ARG C 79 -7.50 1.34 12.21
N SER C 80 -8.13 1.56 11.07
CA SER C 80 -7.65 2.55 10.09
C SER C 80 -8.34 3.88 10.38
N VAL C 81 -7.62 4.77 11.05
CA VAL C 81 -8.14 6.08 11.40
C VAL C 81 -7.78 7.08 10.30
N ASP C 82 -8.49 8.21 10.30
CA ASP C 82 -8.16 9.34 9.43
C ASP C 82 -7.13 10.23 10.12
N VAL C 83 -6.20 10.76 9.33
CA VAL C 83 -5.08 11.53 9.86
C VAL C 83 -4.74 12.67 8.89
N ALA C 84 -4.28 13.77 9.47
CA ALA C 84 -3.90 14.96 8.72
C ALA C 84 -2.39 15.09 8.68
N ILE C 85 -1.88 15.43 7.49
CA ILE C 85 -0.45 15.48 7.19
C ILE C 85 -0.15 16.83 6.56
N THR C 86 0.95 17.44 7.00
CA THR C 86 1.43 18.65 6.36
C THR C 86 2.96 18.60 6.25
N PRO C 87 3.52 19.32 5.28
CA PRO C 87 5.00 19.41 5.24
C PRO C 87 5.59 20.31 6.30
N ASN C 88 4.92 21.42 6.63
CA ASN C 88 5.50 22.43 7.51
C ASN C 88 4.98 22.40 8.94
N GLY C 89 3.94 21.62 9.22
CA GLY C 89 3.37 21.53 10.53
C GLY C 89 2.20 22.45 10.79
N TYR C 90 1.63 23.06 9.76
CA TYR C 90 0.57 24.05 9.92
C TYR C 90 -0.67 23.65 9.15
N ALA C 91 -1.43 22.74 9.74
CA ALA C 91 -2.76 22.43 9.24
C ALA C 91 -3.68 23.63 9.50
N ASP C 92 -4.39 24.06 8.46
CA ASP C 92 -5.22 25.26 8.53
C ASP C 92 -4.37 26.49 8.87
N GLY C 93 -3.23 26.61 8.20
CA GLY C 93 -2.33 27.72 8.42
C GLY C 93 -1.93 28.38 7.10
N LEU C 94 -1.14 29.44 7.23
CA LEU C 94 -0.66 30.18 6.08
C LEU C 94 0.67 29.61 5.62
N ALA C 95 0.80 29.45 4.30
CA ALA C 95 2.03 28.97 3.69
C ALA C 95 2.22 29.66 2.34
N THR C 96 3.47 29.78 1.91
CA THR C 96 3.75 30.43 0.64
C THR C 96 4.23 29.42 -0.40
N GLN C 97 3.83 29.65 -1.65
CA GLN C 97 4.25 28.85 -2.79
C GLN C 97 4.36 29.78 -3.99
N ASN C 98 5.51 29.73 -4.65
CA ASN C 98 5.76 30.54 -5.85
C ASN C 98 5.40 32.01 -5.61
N GLY C 99 5.82 32.53 -4.46
CA GLY C 99 5.61 33.93 -4.14
C GLY C 99 4.21 34.32 -3.78
N GLN C 100 3.34 33.36 -3.47
CA GLN C 100 1.94 33.59 -3.19
C GLN C 100 1.60 32.95 -1.86
N GLU C 101 0.96 33.71 -0.96
CA GLU C 101 0.58 33.16 0.34
C GLU C 101 -0.84 32.62 0.25
N TYR C 102 -1.01 31.37 0.72
CA TYR C 102 -2.28 30.67 0.74
C TYR C 102 -2.62 30.31 2.18
N PHE C 103 -3.92 30.08 2.44
CA PHE C 103 -4.39 29.32 3.59
C PHE C 103 -4.58 27.88 3.15
N VAL C 104 -3.93 26.94 3.84
CA VAL C 104 -3.80 25.57 3.33
C VAL C 104 -4.47 24.60 4.28
N LEU C 105 -5.37 23.77 3.73
CA LEU C 105 -5.98 22.64 4.42
C LEU C 105 -5.03 21.44 4.45
N PRO C 106 -5.05 20.67 5.52
CA PRO C 106 -4.15 19.52 5.60
C PRO C 106 -4.44 18.49 4.51
N LEU C 107 -3.41 17.70 4.20
CA LEU C 107 -3.61 16.47 3.43
C LEU C 107 -4.26 15.45 4.35
N GLU C 108 -5.45 14.98 4.01
CA GLU C 108 -6.18 14.07 4.89
C GLU C 108 -6.26 12.69 4.24
N THR C 109 -5.76 11.68 4.95
CA THR C 109 -5.72 10.32 4.44
C THR C 109 -6.16 9.36 5.53
N LYS C 110 -6.20 8.08 5.20
CA LYS C 110 -6.58 7.02 6.14
C LYS C 110 -5.43 6.04 6.27
N MET C 111 -5.09 5.68 7.50
CA MET C 111 -4.04 4.69 7.72
C MET C 111 -4.26 3.99 9.05
N LYS C 112 -3.62 2.84 9.19
CA LYS C 112 -3.71 2.07 10.43
C LYS C 112 -3.04 2.82 11.56
N LEU C 113 -3.65 2.74 12.76
CA LEU C 113 -3.12 3.45 13.91
C LEU C 113 -1.64 3.14 14.14
N SER C 114 -1.27 1.86 14.01
CA SER C 114 0.13 1.49 14.20
C SER C 114 1.03 2.25 13.23
N GLU C 115 0.60 2.42 11.98
CA GLU C 115 1.40 3.16 11.01
C GLU C 115 1.41 4.65 11.30
N VAL C 116 0.30 5.20 11.80
CA VAL C 116 0.31 6.58 12.30
C VAL C 116 1.40 6.75 13.35
N VAL C 117 1.45 5.83 14.31
CA VAL C 117 2.45 5.88 15.38
C VAL C 117 3.85 5.83 14.80
N ARG C 118 4.08 4.89 13.89
CA ARG C 118 5.38 4.80 13.22
C ARG C 118 5.79 6.15 12.64
N ARG C 119 4.88 6.79 11.90
CA ARG C 119 5.21 8.09 11.31
C ARG C 119 5.36 9.18 12.37
N LEU C 120 4.74 9.01 13.54
CA LEU C 120 4.93 9.97 14.61
C LEU C 120 6.36 9.90 15.15
N ASP C 121 6.96 8.72 15.17
CA ASP C 121 8.32 8.61 15.70
C ASP C 121 9.42 8.94 14.67
N ASP C 122 9.07 9.45 13.49
CA ASP C 122 10.05 9.72 12.45
C ASP C 122 10.31 11.22 12.34
N PRO C 123 11.50 11.70 12.75
CA PRO C 123 11.76 13.15 12.66
C PRO C 123 12.04 13.64 11.26
N THR C 124 12.37 12.75 10.32
CA THR C 124 12.66 13.15 8.96
C THR C 124 11.42 13.29 8.09
N GLY C 125 10.28 12.82 8.56
CA GLY C 125 9.09 12.74 7.75
C GLY C 125 8.18 13.95 7.89
N ALA C 126 6.97 13.80 7.34
CA ALA C 126 5.96 14.84 7.38
C ALA C 126 5.26 14.87 8.73
N VAL C 127 4.64 16.01 9.02
CA VAL C 127 3.97 16.21 10.30
C VAL C 127 2.60 15.55 10.24
N HIS C 128 2.34 14.65 11.19
CA HIS C 128 1.07 13.94 11.30
C HIS C 128 0.37 14.32 12.59
N TYR C 129 -0.96 14.38 12.53
CA TYR C 129 -1.75 14.42 13.75
C TYR C 129 -3.14 13.88 13.47
N ILE C 130 -3.81 13.44 14.52
CA ILE C 130 -5.13 12.85 14.46
C ILE C 130 -6.12 13.79 15.12
N GLN C 131 -7.22 14.07 14.43
CA GLN C 131 -8.36 14.83 14.98
C GLN C 131 -9.63 14.07 14.59
N LYS C 132 -10.19 13.33 15.55
CA LYS C 132 -11.38 12.51 15.33
C LYS C 132 -12.56 13.14 16.06
N GLN C 133 -13.53 13.64 15.30
CA GLN C 133 -14.73 14.25 15.84
C GLN C 133 -15.81 13.19 16.03
N ASN C 134 -16.71 13.46 17.00
CA ASN C 134 -17.75 12.48 17.28
C ASN C 134 -18.96 13.15 17.92
N SER C 135 -20.10 12.44 17.84
CA SER C 135 -21.31 12.89 18.53
C SER C 135 -21.20 12.66 20.03
N ASN C 136 -20.73 11.47 20.43
CA ASN C 136 -20.60 11.13 21.84
C ASN C 136 -19.39 10.22 22.05
N LEU C 141 -13.71 4.84 18.17
CA LEU C 141 -13.91 6.17 18.71
C LEU C 141 -14.93 6.15 19.86
N PRO C 142 -16.10 5.57 19.62
CA PRO C 142 -17.07 5.46 20.73
C PRO C 142 -16.56 4.63 21.89
N GLU C 143 -15.82 3.54 21.61
CA GLU C 143 -15.41 2.63 22.67
C GLU C 143 -14.60 3.32 23.75
N LEU C 144 -13.65 4.18 23.35
CA LEU C 144 -12.78 4.82 24.34
C LEU C 144 -13.57 5.48 25.46
N ALA C 145 -14.86 5.76 25.23
CA ALA C 145 -15.70 6.36 26.25
C ALA C 145 -15.45 5.71 27.62
N ALA C 146 -15.08 4.44 27.60
CA ALA C 146 -14.96 3.68 28.84
C ALA C 146 -14.16 4.42 29.90
N ASP C 147 -13.11 5.14 29.50
CA ASP C 147 -12.19 5.71 30.47
C ASP C 147 -12.39 7.22 30.68
N LEU C 148 -13.55 7.74 30.29
CA LEU C 148 -13.86 9.15 30.42
C LEU C 148 -15.11 9.32 31.27
N ARG C 149 -14.99 10.09 32.35
CA ARG C 149 -16.06 10.34 33.31
C ARG C 149 -16.69 11.70 33.02
N VAL C 150 -17.37 11.76 31.87
CA VAL C 150 -17.89 13.02 31.33
C VAL C 150 -18.69 13.80 32.36
N SER C 151 -19.36 13.11 33.27
CA SER C 151 -20.20 13.78 34.25
C SER C 151 -19.41 14.76 35.11
N ASP C 152 -18.10 14.56 35.25
CA ASP C 152 -17.29 15.48 36.04
C ASP C 152 -17.24 16.88 35.43
N LEU C 153 -17.71 17.06 34.21
CA LEU C 153 -17.75 18.36 33.56
C LEU C 153 -19.11 19.04 33.72
N ASP C 154 -20.04 18.43 34.45
CA ASP C 154 -21.35 19.05 34.63
C ASP C 154 -21.22 20.46 35.19
N PHE C 155 -20.21 20.72 36.03
CA PHE C 155 -20.01 22.05 36.58
C PHE C 155 -20.07 23.12 35.50
N ALA C 156 -19.66 22.78 34.27
CA ALA C 156 -19.75 23.70 33.15
C ALA C 156 -20.95 23.42 32.25
N GLN C 157 -21.27 22.14 32.02
CA GLN C 157 -22.35 21.83 31.09
C GLN C 157 -23.67 22.46 31.52
N GLN C 158 -23.88 22.56 32.83
CA GLN C 158 -25.10 23.12 33.38
C GLN C 158 -25.28 24.60 33.04
N SER C 159 -24.24 25.28 32.56
CA SER C 159 -24.40 26.64 32.07
C SER C 159 -24.71 26.68 30.58
N PHE C 160 -24.25 25.68 29.82
CA PHE C 160 -24.64 25.55 28.42
C PHE C 160 -25.99 24.87 28.29
N ASN C 161 -26.36 24.05 29.27
CA ASN C 161 -27.69 23.43 29.33
C ASN C 161 -27.98 22.70 28.03
N LYS C 162 -27.01 21.89 27.57
CA LYS C 162 -27.09 21.16 26.32
C LYS C 162 -25.98 20.13 26.25
N PRO C 163 -26.15 19.03 25.51
CA PRO C 163 -25.04 18.09 25.36
C PRO C 163 -23.97 18.65 24.45
N PRO C 164 -22.73 18.22 24.61
CA PRO C 164 -21.69 18.69 23.67
C PRO C 164 -22.09 18.36 22.23
N ASP C 165 -22.04 19.39 21.38
CA ASP C 165 -22.33 19.17 19.97
C ASP C 165 -21.22 18.37 19.30
N ALA C 166 -20.00 18.45 19.82
CA ALA C 166 -18.95 17.58 19.30
C ALA C 166 -17.96 17.22 20.40
N VAL C 167 -17.40 16.01 20.28
CA VAL C 167 -16.33 15.54 21.16
C VAL C 167 -15.18 15.12 20.26
N ASN C 168 -14.05 15.80 20.39
CA ASN C 168 -12.90 15.56 19.54
C ASN C 168 -11.79 14.90 20.33
N PHE C 169 -11.09 13.96 19.67
CA PHE C 169 -9.90 13.29 20.18
C PHE C 169 -8.72 13.76 19.34
N TRP C 170 -7.69 14.29 20.00
CA TRP C 170 -6.50 14.77 19.35
C TRP C 170 -5.32 13.93 19.79
N LEU C 171 -4.49 13.52 18.82
CA LEU C 171 -3.22 12.85 19.10
C LEU C 171 -2.20 13.39 18.12
N GLY C 172 -1.19 14.09 18.63
CA GLY C 172 -0.33 14.80 17.69
C GLY C 172 1.14 14.90 18.03
N ASP C 173 1.88 15.37 17.02
CA ASP C 173 3.31 15.62 16.99
C ASP C 173 3.60 17.05 17.43
N GLU C 174 4.78 17.24 18.04
CA GLU C 174 5.14 18.57 18.53
C GLU C 174 5.26 19.56 17.39
N ARG C 175 5.57 19.09 16.18
CA ARG C 175 5.67 19.95 15.00
C ARG C 175 4.31 20.38 14.47
N ALA C 176 3.23 19.79 14.96
CA ALA C 176 1.87 20.20 14.58
C ALA C 176 1.48 21.43 15.40
N VAL C 177 1.44 22.59 14.74
CA VAL C 177 1.05 23.85 15.36
C VAL C 177 -0.26 24.29 14.74
N THR C 178 -1.22 24.69 15.57
CA THR C 178 -2.49 25.23 15.10
C THR C 178 -2.42 26.75 15.15
N SER C 179 -2.57 27.39 14.00
CA SER C 179 -2.48 28.85 13.94
C SER C 179 -3.73 29.49 14.56
N MET C 180 -3.59 30.76 14.92
CA MET C 180 -4.63 31.47 15.66
C MET C 180 -5.94 31.46 14.89
N HIS C 181 -7.03 31.16 15.61
CA HIS C 181 -8.36 31.12 15.02
C HIS C 181 -9.39 31.21 16.14
N LYS C 182 -10.64 31.44 15.73
CA LYS C 182 -11.78 31.57 16.65
C LYS C 182 -12.86 30.56 16.26
N ASP C 183 -13.58 30.08 17.28
CA ASP C 183 -14.61 29.05 17.07
C ASP C 183 -15.96 29.50 17.59
N PRO C 184 -17.06 29.13 16.90
CA PRO C 184 -18.39 29.52 17.38
C PRO C 184 -18.95 28.59 18.44
N TYR C 185 -18.10 28.19 19.38
CA TYR C 185 -18.47 27.20 20.38
C TYR C 185 -17.94 27.61 21.74
N GLU C 186 -18.62 27.13 22.79
CA GLU C 186 -18.00 27.01 24.11
C GLU C 186 -17.13 25.75 24.10
N ASN C 187 -15.96 25.83 24.73
CA ASN C 187 -14.95 24.79 24.57
C ASN C 187 -14.44 24.36 25.93
N VAL C 188 -14.67 23.09 26.27
CA VAL C 188 -14.14 22.50 27.50
C VAL C 188 -13.02 21.55 27.09
N TYR C 189 -11.80 21.88 27.50
CA TYR C 189 -10.60 21.18 27.05
C TYR C 189 -10.04 20.31 28.16
N CYS C 190 -9.78 19.04 27.85
CA CYS C 190 -9.27 18.09 28.84
C CYS C 190 -8.05 17.38 28.27
N VAL C 191 -6.87 17.74 28.79
CA VAL C 191 -5.61 17.13 28.38
C VAL C 191 -5.45 15.81 29.11
N ILE C 192 -5.06 14.76 28.38
CA ILE C 192 -4.95 13.41 28.93
C ILE C 192 -3.50 13.05 29.21
N SER C 193 -2.63 13.19 28.21
CA SER C 193 -1.22 12.85 28.30
C SER C 193 -0.42 13.99 27.74
N GLY C 194 0.62 14.40 28.46
CA GLY C 194 1.44 15.51 28.05
C GLY C 194 0.90 16.86 28.43
N HIS C 195 1.23 17.91 27.69
CA HIS C 195 0.75 19.25 27.96
C HIS C 195 0.47 19.93 26.63
N LYS C 196 -0.49 20.86 26.65
CA LYS C 196 -0.81 21.71 25.50
C LYS C 196 -0.59 23.15 25.88
N ASP C 197 -0.31 23.98 24.87
CA ASP C 197 0.04 25.39 25.06
C ASP C 197 -0.93 26.25 24.26
N PHE C 198 -1.67 27.11 24.94
CA PHE C 198 -2.61 28.02 24.27
C PHE C 198 -2.13 29.46 24.40
N VAL C 199 -2.23 30.19 23.31
CA VAL C 199 -2.10 31.65 23.29
C VAL C 199 -3.48 32.21 22.96
N LEU C 200 -4.08 32.92 23.92
CA LEU C 200 -5.45 33.37 23.80
C LEU C 200 -5.53 34.89 23.69
N ILE C 201 -6.50 35.37 22.91
CA ILE C 201 -6.77 36.80 22.80
C ILE C 201 -8.28 37.03 22.85
N PRO C 202 -8.76 37.97 23.69
CA PRO C 202 -10.22 38.16 23.83
C PRO C 202 -10.87 38.61 22.53
N PRO C 203 -12.16 38.33 22.34
CA PRO C 203 -12.83 38.77 21.11
C PRO C 203 -12.78 40.27 20.89
N HIS C 204 -12.84 41.08 21.95
CA HIS C 204 -12.93 42.53 21.77
C HIS C 204 -11.62 43.16 21.32
N GLN C 205 -10.53 42.41 21.26
CA GLN C 205 -9.26 42.89 20.72
C GLN C 205 -9.11 42.59 19.23
N LEU C 206 -10.22 42.37 18.55
CA LEU C 206 -10.19 42.06 17.12
C LEU C 206 -9.47 43.13 16.32
N SER C 207 -9.54 44.39 16.76
CA SER C 207 -8.90 45.48 16.03
C SER C 207 -7.38 45.41 16.11
N CYS C 208 -6.83 44.70 17.09
CA CYS C 208 -5.40 44.57 17.25
C CYS C 208 -4.83 43.32 16.59
N VAL C 209 -5.69 42.45 16.08
CA VAL C 209 -5.30 41.19 15.48
C VAL C 209 -5.35 41.38 13.95
N PRO C 210 -4.21 41.45 13.26
CA PRO C 210 -4.27 41.64 11.80
C PRO C 210 -4.86 40.44 11.09
N ARG C 211 -5.65 40.74 10.06
CA ARG C 211 -6.35 39.71 9.29
C ARG C 211 -6.25 40.02 7.80
N GLY C 212 -6.12 38.96 6.99
CA GLY C 212 -6.09 39.11 5.55
C GLY C 212 -7.04 38.14 4.87
N ILE C 213 -7.22 38.35 3.57
CA ILE C 213 -7.96 37.43 2.70
C ILE C 213 -6.94 36.69 1.85
N TYR C 214 -7.07 35.36 1.78
CA TYR C 214 -6.09 34.52 1.13
C TYR C 214 -6.75 33.50 0.20
N PRO C 215 -6.12 33.18 -0.94
CA PRO C 215 -6.58 32.02 -1.71
C PRO C 215 -6.39 30.75 -0.92
N THR C 216 -7.38 29.86 -0.98
CA THR C 216 -7.32 28.62 -0.22
C THR C 216 -6.70 27.51 -1.06
N GLY C 217 -5.88 26.68 -0.42
CA GLY C 217 -5.32 25.52 -1.07
C GLY C 217 -5.34 24.32 -0.15
N VAL C 218 -5.00 23.16 -0.72
CA VAL C 218 -4.85 21.95 0.06
C VAL C 218 -3.51 21.30 -0.29
N TYR C 219 -2.91 20.64 0.70
CA TYR C 219 -1.62 20.00 0.52
C TYR C 219 -1.80 18.69 -0.22
N LYS C 220 -1.02 18.49 -1.29
CA LYS C 220 -1.02 17.26 -2.06
C LYS C 220 0.43 16.79 -2.23
N THR C 221 0.59 15.53 -2.60
CA THR C 221 1.91 14.99 -2.93
C THR C 221 1.94 14.67 -4.43
N SER C 222 3.06 14.96 -5.07
CA SER C 222 3.20 14.71 -6.50
C SER C 222 3.55 13.24 -6.74
N ASP C 223 3.62 12.86 -8.02
CA ASP C 223 4.01 11.49 -8.35
C ASP C 223 5.42 11.18 -7.87
N SER C 224 6.28 12.19 -7.77
CA SER C 224 7.64 12.03 -7.27
C SER C 224 7.71 12.10 -5.75
N GLY C 225 6.59 12.30 -5.07
CA GLY C 225 6.54 12.27 -3.62
C GLY C 225 6.75 13.60 -2.94
N GLN C 226 6.92 14.69 -3.68
CA GLN C 226 7.12 16.00 -3.08
C GLN C 226 5.77 16.64 -2.73
N PHE C 227 5.77 17.38 -1.62
CA PHE C 227 4.59 18.11 -1.18
C PHE C 227 4.43 19.41 -1.97
N TYR C 228 3.19 19.75 -2.29
CA TYR C 228 2.87 21.02 -2.94
C TYR C 228 1.47 21.45 -2.52
N ILE C 229 1.08 22.65 -2.96
CA ILE C 229 -0.23 23.22 -2.65
C ILE C 229 -1.06 23.29 -3.91
N GLU C 230 -2.30 22.81 -3.85
CA GLU C 230 -3.23 22.90 -4.97
C GLU C 230 -4.28 23.96 -4.67
N PRO C 231 -4.35 25.00 -5.49
CA PRO C 231 -5.45 25.98 -5.32
C PRO C 231 -6.81 25.32 -5.39
N LEU C 232 -7.70 25.75 -4.49
CA LEU C 232 -9.09 25.30 -4.52
C LEU C 232 -9.90 26.24 -5.42
N ARG C 233 -10.47 25.68 -6.48
CA ARG C 233 -11.32 26.44 -7.39
C ARG C 233 -12.77 25.98 -7.22
N ASP C 234 -13.71 26.92 -7.33
CA ASP C 234 -15.11 26.59 -7.14
C ASP C 234 -15.59 25.67 -8.26
N GLU C 235 -16.34 24.63 -7.88
CA GLU C 235 -16.95 23.72 -8.84
C GLU C 235 -17.64 24.55 -9.92
N GLU C 236 -17.09 24.54 -11.14
CA GLU C 236 -17.53 25.44 -12.20
C GLU C 236 -17.49 26.89 -11.71
N GLY C 237 -16.30 27.30 -11.26
CA GLY C 237 -16.14 28.62 -10.70
C GLY C 237 -14.68 29.00 -10.58
N SER C 238 -14.43 30.04 -9.78
CA SER C 238 -13.13 30.71 -9.71
C SER C 238 -12.40 30.36 -8.42
N ASP C 239 -11.33 31.11 -8.14
CA ASP C 239 -10.55 30.93 -6.92
C ASP C 239 -11.44 31.02 -5.68
N GLN C 240 -11.20 30.11 -4.73
CA GLN C 240 -11.86 30.16 -3.43
C GLN C 240 -10.97 30.88 -2.42
N PHE C 241 -11.60 31.65 -1.53
CA PHE C 241 -10.85 32.46 -0.59
C PHE C 241 -11.34 32.26 0.84
N THR C 242 -10.45 32.60 1.78
CA THR C 242 -10.74 32.51 3.21
C THR C 242 -10.08 33.70 3.90
N GLU C 243 -10.76 34.27 4.91
CA GLU C 243 -10.16 35.28 5.76
C GLU C 243 -9.44 34.58 6.90
N TRP C 244 -8.20 35.00 7.17
CA TRP C 244 -7.41 34.34 8.19
C TRP C 244 -6.50 35.34 8.91
N VAL C 245 -6.16 35.00 10.15
CA VAL C 245 -5.25 35.81 10.95
C VAL C 245 -3.85 35.78 10.34
N SER C 246 -3.22 36.95 10.26
CA SER C 246 -1.92 37.08 9.62
C SER C 246 -0.74 37.02 10.58
N VAL C 247 -0.96 37.32 11.86
CA VAL C 247 0.14 37.40 12.81
C VAL C 247 0.52 36.01 13.29
N ASP C 248 1.81 35.85 13.60
CA ASP C 248 2.32 34.65 14.22
C ASP C 248 2.49 34.90 15.72
N PRO C 249 1.62 34.33 16.57
CA PRO C 249 1.77 34.58 18.01
C PRO C 249 3.15 34.26 18.57
N LEU C 250 3.85 33.27 18.03
CA LEU C 250 5.13 32.86 18.58
C LEU C 250 6.19 33.93 18.35
N SER C 251 6.22 34.52 17.16
CA SER C 251 7.18 35.58 16.82
C SER C 251 6.44 36.66 16.06
N PRO C 252 5.73 37.53 16.76
CA PRO C 252 5.00 38.60 16.07
C PRO C 252 5.96 39.59 15.43
N ASP C 253 5.68 39.95 14.18
CA ASP C 253 6.48 40.91 13.43
C ASP C 253 5.81 42.27 13.59
N LEU C 254 6.14 42.96 14.69
CA LEU C 254 5.47 44.21 15.06
C LEU C 254 5.84 45.37 14.16
N ALA C 255 6.75 45.18 13.21
CA ALA C 255 7.00 46.19 12.19
C ALA C 255 5.90 46.16 11.13
N LYS C 256 5.53 44.95 10.69
CA LYS C 256 4.51 44.79 9.67
C LYS C 256 3.10 44.95 10.24
N TYR C 257 2.90 44.68 11.53
CA TYR C 257 1.59 44.73 12.15
C TYR C 257 1.69 45.54 13.45
N PRO C 258 1.84 46.87 13.34
CA PRO C 258 1.94 47.67 14.56
C PRO C 258 0.75 47.54 15.48
N GLU C 259 -0.46 47.42 14.93
CA GLU C 259 -1.65 47.34 15.78
C GLU C 259 -1.56 46.18 16.75
N TYR C 260 -0.86 45.10 16.37
CA TYR C 260 -0.75 43.95 17.25
C TYR C 260 0.02 44.26 18.53
N ALA C 261 0.71 45.39 18.61
CA ALA C 261 1.35 45.77 19.86
C ALA C 261 0.33 46.08 20.94
N ARG C 262 -0.86 46.56 20.55
CA ARG C 262 -1.88 46.93 21.54
C ARG C 262 -2.68 45.73 22.01
N ALA C 263 -2.41 44.53 21.48
CA ALA C 263 -3.03 43.30 21.95
C ALA C 263 -2.27 42.75 23.14
N LYS C 264 -2.96 41.91 23.93
CA LYS C 264 -2.38 41.32 25.13
C LYS C 264 -2.68 39.82 25.17
N PRO C 265 -1.95 39.04 24.38
CA PRO C 265 -2.16 37.58 24.42
C PRO C 265 -1.89 37.01 25.81
N LEU C 266 -2.51 35.86 26.11
CA LEU C 266 -2.37 35.17 27.38
C LEU C 266 -1.89 33.76 27.09
N LYS C 267 -0.74 33.39 27.63
CA LYS C 267 -0.19 32.05 27.47
C LYS C 267 -0.65 31.20 28.66
N VAL C 268 -1.31 30.08 28.38
CA VAL C 268 -1.67 29.12 29.42
C VAL C 268 -1.27 27.72 28.97
N ARG C 269 -0.62 26.99 29.88
CA ARG C 269 -0.24 25.60 29.65
C ARG C 269 -1.20 24.69 30.40
N VAL C 270 -1.71 23.69 29.70
CA VAL C 270 -2.70 22.76 30.23
C VAL C 270 -2.05 21.40 30.33
N HIS C 271 -1.83 20.94 31.57
CA HIS C 271 -1.17 19.68 31.83
C HIS C 271 -2.19 18.54 31.86
N ALA C 272 -1.68 17.31 31.90
CA ALA C 272 -2.54 16.15 32.02
C ALA C 272 -3.40 16.27 33.26
N GLY C 273 -4.71 16.11 33.09
CA GLY C 273 -5.64 16.23 34.18
C GLY C 273 -6.15 17.63 34.44
N ASP C 274 -5.67 18.62 33.71
CA ASP C 274 -6.20 19.97 33.80
C ASP C 274 -7.42 20.13 32.90
N ILE C 275 -8.28 21.07 33.28
CA ILE C 275 -9.43 21.45 32.46
C ILE C 275 -9.26 22.91 32.07
N LEU C 276 -9.51 23.23 30.81
CA LEU C 276 -9.44 24.61 30.35
C LEU C 276 -10.78 24.99 29.70
N TYR C 277 -11.41 26.03 30.20
CA TYR C 277 -12.61 26.58 29.58
C TYR C 277 -12.18 27.76 28.69
N LEU C 278 -12.38 27.57 27.37
CA LEU C 278 -12.18 28.59 26.35
C LEU C 278 -13.53 29.10 25.89
N PRO C 279 -13.90 30.33 26.23
CA PRO C 279 -15.20 30.87 25.83
C PRO C 279 -15.33 31.00 24.32
N ASN C 280 -16.57 31.20 23.87
CA ASN C 280 -16.86 31.29 22.45
C ASN C 280 -16.21 32.53 21.85
N TYR C 281 -15.67 32.35 20.64
CA TYR C 281 -15.05 33.38 19.81
C TYR C 281 -13.74 33.93 20.36
N TRP C 282 -13.15 33.28 21.35
CA TRP C 282 -11.80 33.66 21.77
C TRP C 282 -10.78 33.21 20.74
N PHE C 283 -9.87 34.10 20.36
CA PHE C 283 -8.77 33.70 19.49
C PHE C 283 -7.85 32.77 20.26
N HIS C 284 -7.52 31.61 19.70
CA HIS C 284 -6.56 30.72 20.35
C HIS C 284 -5.59 30.13 19.32
N HIS C 285 -4.33 29.98 19.75
CA HIS C 285 -3.25 29.35 18.99
C HIS C 285 -2.71 28.21 19.84
N VAL C 286 -2.57 27.02 19.26
CA VAL C 286 -2.35 25.80 20.03
C VAL C 286 -1.05 25.13 19.60
N SER C 287 -0.15 24.94 20.55
CA SER C 287 1.02 24.08 20.45
C SER C 287 0.84 22.88 21.38
N GLN C 288 1.70 21.88 21.24
CA GLN C 288 1.60 20.73 22.13
C GLN C 288 2.94 20.01 22.22
N SER C 289 3.03 19.13 23.22
CA SER C 289 4.15 18.22 23.37
C SER C 289 3.98 17.01 22.47
N HIS C 290 5.09 16.31 22.23
CA HIS C 290 5.06 15.24 21.25
C HIS C 290 4.12 14.12 21.72
N LYS C 291 3.43 13.51 20.75
CA LYS C 291 2.47 12.45 21.02
C LYS C 291 1.53 12.85 22.15
N CYS C 292 1.08 14.11 22.10
CA CYS C 292 0.13 14.58 23.10
C CYS C 292 -1.26 14.03 22.76
N ILE C 293 -2.05 13.77 23.80
CA ILE C 293 -3.42 13.29 23.66
C ILE C 293 -4.35 14.21 24.45
N ALA C 294 -5.44 14.63 23.81
CA ALA C 294 -6.43 15.45 24.49
C ALA C 294 -7.81 15.11 23.95
N VAL C 295 -8.83 15.38 24.76
CA VAL C 295 -10.23 15.33 24.33
C VAL C 295 -10.86 16.68 24.64
N ASN C 296 -11.67 17.19 23.72
CA ASN C 296 -12.32 18.46 23.98
C ASN C 296 -13.77 18.44 23.52
N PHE C 297 -14.57 19.25 24.21
CA PHE C 297 -16.03 19.24 24.11
C PHE C 297 -16.49 20.59 23.60
N TRP C 298 -17.15 20.58 22.45
CA TRP C 298 -17.67 21.79 21.81
C TRP C 298 -19.18 21.86 21.99
N TYR C 299 -19.66 23.00 22.48
CA TYR C 299 -21.08 23.28 22.69
C TYR C 299 -21.49 24.49 21.86
N ASP C 300 -22.59 24.36 21.12
CA ASP C 300 -23.16 25.50 20.41
C ASP C 300 -23.37 26.67 21.37
N LEU C 301 -23.04 27.87 20.90
CA LEU C 301 -23.16 29.06 21.75
C LEU C 301 -24.60 29.54 21.81
N ASP C 302 -24.94 30.18 22.93
CA ASP C 302 -26.24 30.83 23.09
C ASP C 302 -26.13 32.29 22.68
N TYR C 303 -26.85 32.67 21.64
CA TYR C 303 -26.67 34.00 21.05
C TYR C 303 -27.30 35.07 21.93
N ASP C 304 -26.55 36.14 22.15
CA ASP C 304 -27.02 37.33 22.85
C ASP C 304 -26.35 38.51 22.15
N SER C 305 -26.30 39.66 22.79
CA SER C 305 -25.82 40.84 22.08
C SER C 305 -24.30 40.91 21.99
N ARG C 306 -23.57 40.16 22.82
N ARG C 306 -23.56 40.16 22.82
CA ARG C 306 -22.12 40.07 22.63
CA ARG C 306 -22.12 40.08 22.61
C ARG C 306 -21.82 39.69 21.19
C ARG C 306 -21.81 39.69 21.17
N TYR C 307 -22.55 38.71 20.65
CA TYR C 307 -22.33 38.27 19.28
C TYR C 307 -22.63 39.38 18.28
N CYS C 308 -23.74 40.10 18.47
CA CYS C 308 -24.07 41.20 17.57
C CYS C 308 -23.00 42.29 17.62
N TYR C 309 -22.57 42.65 18.82
CA TYR C 309 -21.51 43.64 18.98
C TYR C 309 -20.24 43.20 18.26
N TYR C 310 -19.90 41.91 18.36
CA TYR C 310 -18.69 41.42 17.70
C TYR C 310 -18.84 41.43 16.18
N ARG C 311 -20.05 41.20 15.66
CA ARG C 311 -20.24 41.36 14.22
C ARG C 311 -20.05 42.82 13.80
N MET C 312 -20.55 43.75 14.61
CA MET C 312 -20.24 45.17 14.36
C MET C 312 -18.74 45.42 14.36
N LEU C 313 -18.04 44.85 15.33
CA LEU C 313 -16.58 44.99 15.43
C LEU C 313 -15.90 44.50 14.16
N GLU C 314 -16.32 43.35 13.65
CA GLU C 314 -15.75 42.85 12.40
C GLU C 314 -15.98 43.84 11.27
N GLN C 315 -17.20 44.37 11.17
CA GLN C 315 -17.49 45.36 10.13
C GLN C 315 -16.60 46.60 10.27
N MET C 316 -16.29 46.99 11.50
CA MET C 316 -15.50 48.20 11.73
C MET C 316 -14.03 48.00 11.41
N THR C 317 -13.53 46.76 11.46
CA THR C 317 -12.11 46.52 11.24
C THR C 317 -11.89 45.76 9.94
N SER C 318 -12.41 46.29 8.84
CA SER C 318 -12.29 45.63 7.54
C SER C 318 -11.96 46.66 6.47
N SER D 6 -23.29 57.60 0.49
CA SER D 6 -24.65 57.24 0.99
C SER D 6 -24.62 57.00 2.49
N MET D 7 -23.76 56.08 2.93
CA MET D 7 -23.61 55.71 4.33
C MET D 7 -22.16 55.89 4.76
N SER D 8 -21.96 56.45 5.95
CA SER D 8 -20.62 56.60 6.50
C SER D 8 -20.18 55.31 7.17
N GLU D 9 -18.92 55.29 7.64
CA GLU D 9 -18.40 54.12 8.34
C GLU D 9 -19.29 53.74 9.52
N VAL D 10 -19.52 54.69 10.42
CA VAL D 10 -20.28 54.42 11.64
C VAL D 10 -21.70 53.97 11.31
N GLU D 11 -22.30 54.55 10.27
CA GLU D 11 -23.65 54.15 9.90
C GLU D 11 -23.70 52.70 9.41
N ARG D 12 -22.70 52.29 8.63
CA ARG D 12 -22.66 50.90 8.18
C ARG D 12 -22.44 49.94 9.34
N ALA D 13 -21.60 50.33 10.30
CA ALA D 13 -21.41 49.47 11.48
C ALA D 13 -22.68 49.34 12.30
N LEU D 14 -23.37 50.47 12.53
CA LEU D 14 -24.61 50.41 13.30
C LEU D 14 -25.67 49.59 12.57
N ASP D 15 -25.71 49.70 11.25
CA ASP D 15 -26.63 48.88 10.46
C ASP D 15 -26.31 47.40 10.57
N VAL D 16 -25.02 47.03 10.64
CA VAL D 16 -24.67 45.64 10.88
C VAL D 16 -25.16 45.19 12.25
N LEU D 17 -24.86 45.97 13.29
CA LEU D 17 -25.36 45.66 14.63
C LEU D 17 -26.86 45.39 14.59
N LEU D 18 -27.61 46.29 13.96
CA LEU D 18 -29.06 46.21 14.01
C LEU D 18 -29.59 45.06 13.14
N GLN D 19 -28.95 44.78 12.01
CA GLN D 19 -29.39 43.64 11.21
C GLN D 19 -29.16 42.33 11.95
N GLU D 20 -28.00 42.17 12.59
CA GLU D 20 -27.75 40.96 13.35
C GLU D 20 -28.72 40.82 14.52
N ALA D 21 -28.97 41.92 15.23
CA ALA D 21 -29.90 41.86 16.37
C ALA D 21 -31.33 41.61 15.90
N GLU D 22 -31.73 42.18 14.77
CA GLU D 22 -33.06 41.94 14.24
C GLU D 22 -33.23 40.50 13.80
N GLU D 23 -32.24 39.95 13.08
CA GLU D 23 -32.32 38.56 12.66
C GLU D 23 -32.38 37.63 13.87
N LEU D 24 -31.70 37.99 14.95
CA LEU D 24 -31.72 37.14 16.13
C LEU D 24 -32.77 37.51 17.18
N CSO D 25 -33.50 38.58 16.92
CA CSO D 25 -34.52 39.06 17.85
CB CSO D 25 -35.75 38.14 17.83
SG CSO D 25 -36.52 38.25 16.18
C CSO D 25 -34.01 39.18 19.28
O CSO D 25 -34.63 38.68 20.23
OD CSO D 25 -37.04 39.94 15.88
H CSO D 25 -33.44 39.06 16.21
HA CSO D 25 -34.77 39.96 17.57
HB2 CSO D 25 -35.49 37.22 17.99
HB3 CSO D 25 -36.39 38.43 18.48
HD CSO D 25 -37.56 39.99 15.06
N ILE D 26 -32.89 39.88 19.43
CA ILE D 26 -32.30 40.13 20.74
C ILE D 26 -33.11 41.13 21.55
N GLY D 27 -33.57 40.70 22.73
CA GLY D 27 -34.40 41.54 23.56
C GLY D 27 -35.72 41.90 22.92
N SER D 28 -36.36 40.91 22.29
CA SER D 28 -37.61 41.14 21.57
C SER D 28 -38.85 40.84 22.39
N SER D 29 -38.70 40.33 23.61
CA SER D 29 -39.84 39.97 24.44
C SER D 29 -39.37 39.79 25.88
N VAL D 30 -40.27 40.09 26.82
CA VAL D 30 -40.00 39.86 28.23
C VAL D 30 -40.47 38.46 28.58
N VAL D 31 -39.53 37.60 29.00
CA VAL D 31 -39.88 36.24 29.40
C VAL D 31 -40.85 36.28 30.58
N GLU D 32 -41.80 35.36 30.59
CA GLU D 32 -42.87 35.33 31.59
C GLU D 32 -42.83 33.97 32.29
N LEU D 33 -42.59 34.02 33.60
CA LEU D 33 -42.51 32.80 34.40
C LEU D 33 -43.60 32.78 35.46
N ASP D 34 -44.10 31.58 35.75
CA ASP D 34 -45.15 31.38 36.75
C ASP D 34 -44.62 30.67 38.00
N ARG D 35 -43.34 30.32 38.03
CA ARG D 35 -42.68 29.82 39.23
C ARG D 35 -41.31 30.49 39.32
N ILE D 36 -40.84 30.71 40.55
CA ILE D 36 -39.58 31.40 40.78
C ILE D 36 -38.43 30.52 40.29
N PRO D 37 -37.59 31.01 39.38
CA PRO D 37 -36.51 30.16 38.85
C PRO D 37 -35.45 29.90 39.91
N THR D 38 -34.60 28.92 39.61
CA THR D 38 -33.48 28.61 40.49
C THR D 38 -32.35 29.62 40.29
N ALA D 39 -31.46 29.70 41.28
CA ALA D 39 -30.34 30.63 41.19
C ALA D 39 -29.53 30.39 39.92
N LEU D 40 -29.24 29.13 39.61
CA LEU D 40 -28.49 28.79 38.42
C LEU D 40 -29.31 29.06 37.15
N GLU D 41 -30.59 28.71 37.17
CA GLU D 41 -31.45 29.01 36.04
C GLU D 41 -31.48 30.50 35.75
N PHE D 42 -31.66 31.30 36.81
CA PHE D 42 -31.71 32.74 36.64
C PHE D 42 -30.39 33.29 36.14
N CYS D 43 -29.26 32.76 36.64
CA CYS D 43 -27.97 33.21 36.15
C CYS D 43 -27.80 32.87 34.67
N ARG D 44 -28.21 31.67 34.26
CA ARG D 44 -27.94 31.17 32.92
C ARG D 44 -28.84 31.81 31.89
N GLU D 45 -30.11 32.01 32.20
CA GLU D 45 -31.07 32.45 31.19
C GLU D 45 -31.29 33.96 31.16
N PHE D 46 -31.04 34.69 32.25
CA PHE D 46 -31.41 36.10 32.30
C PHE D 46 -30.25 37.00 32.68
N TYR D 47 -29.53 36.74 33.77
CA TYR D 47 -28.38 37.56 34.11
C TYR D 47 -27.33 37.51 33.00
N SER D 48 -26.95 36.29 32.59
CA SER D 48 -25.88 36.14 31.61
C SER D 48 -26.29 36.55 30.20
N LYS D 49 -27.58 36.68 29.93
CA LYS D 49 -28.06 37.11 28.62
C LYS D 49 -28.63 38.53 28.63
N ASN D 50 -28.48 39.26 29.73
CA ASN D 50 -28.97 40.64 29.84
C ASN D 50 -30.42 40.72 29.34
N GLN D 51 -31.28 39.84 29.89
CA GLN D 51 -32.63 39.62 29.41
C GLN D 51 -33.66 39.91 30.48
N PRO D 52 -34.68 40.72 30.19
CA PRO D 52 -35.70 40.99 31.20
C PRO D 52 -36.62 39.80 31.43
N VAL D 53 -37.07 39.64 32.67
CA VAL D 53 -38.00 38.54 32.95
C VAL D 53 -38.97 38.93 34.06
N VAL D 54 -40.25 38.63 33.88
CA VAL D 54 -41.29 38.93 34.86
C VAL D 54 -41.84 37.61 35.40
N ILE D 55 -41.79 37.46 36.72
CA ILE D 55 -42.35 36.32 37.44
C ILE D 55 -43.69 36.73 38.01
N ARG D 56 -44.70 35.88 37.84
CA ARG D 56 -46.07 36.21 38.23
C ARG D 56 -46.42 35.56 39.57
N LYS D 57 -47.07 36.33 40.44
CA LYS D 57 -47.49 35.88 41.76
C LYS D 57 -46.35 35.17 42.49
N ALA D 58 -45.17 35.81 42.45
CA ALA D 58 -43.97 35.23 43.03
C ALA D 58 -43.86 35.50 44.52
N LEU D 59 -44.48 36.56 45.01
CA LEU D 59 -44.28 37.03 46.38
C LEU D 59 -45.53 36.83 47.22
N ASN D 60 -45.32 36.36 48.44
CA ASN D 60 -46.38 36.19 49.44
C ASN D 60 -46.02 36.96 50.71
N TRP D 61 -45.55 38.20 50.53
CA TRP D 61 -45.15 39.04 51.64
C TRP D 61 -46.38 39.54 52.41
N PRO D 62 -46.29 39.59 53.77
CA PRO D 62 -47.30 40.34 54.53
C PRO D 62 -47.74 41.63 53.84
N ALA D 63 -46.77 42.49 53.57
CA ALA D 63 -47.04 43.80 52.99
C ALA D 63 -48.08 43.77 51.88
N ILE D 64 -48.04 42.75 51.02
CA ILE D 64 -48.88 42.78 49.83
C ILE D 64 -50.36 42.88 50.20
N GLY D 65 -50.76 42.20 51.27
CA GLY D 65 -52.15 42.27 51.68
C GLY D 65 -52.50 43.41 52.60
N LYS D 66 -51.50 44.08 53.14
CA LYS D 66 -51.70 45.09 54.17
C LYS D 66 -51.45 46.51 53.71
N TRP D 67 -50.30 46.77 53.11
CA TRP D 67 -49.87 48.15 52.84
C TRP D 67 -50.92 48.94 52.06
N THR D 68 -51.22 50.11 52.57
CA THR D 68 -52.16 51.05 51.99
C THR D 68 -51.74 52.44 52.42
N PRO D 69 -52.31 53.50 51.81
CA PRO D 69 -52.10 54.84 52.38
C PRO D 69 -52.40 54.89 53.87
N LYS D 70 -53.59 54.41 54.26
CA LYS D 70 -54.00 54.45 55.66
C LYS D 70 -53.06 53.66 56.55
N TYR D 71 -52.81 52.39 56.21
CA TYR D 71 -51.98 51.55 57.06
C TYR D 71 -50.60 52.19 57.27
N LEU D 72 -50.04 52.80 56.22
CA LEU D 72 -48.71 53.36 56.33
C LEU D 72 -48.72 54.60 57.21
N ILE D 73 -49.76 55.43 57.12
CA ILE D 73 -49.86 56.55 58.05
C ILE D 73 -49.95 56.05 59.48
N GLU D 74 -50.66 54.93 59.69
CA GLU D 74 -50.80 54.42 61.05
C GLU D 74 -49.50 53.82 61.57
N ALA D 75 -48.77 53.11 60.71
CA ALA D 75 -47.57 52.40 61.13
C ALA D 75 -46.38 53.33 61.28
N LEU D 76 -46.21 54.27 60.35
CA LEU D 76 -45.08 55.19 60.37
C LEU D 76 -45.32 56.41 61.24
N GLY D 77 -46.52 56.57 61.78
CA GLY D 77 -46.79 57.68 62.68
C GLY D 77 -46.99 59.02 62.01
N ASP D 78 -47.58 59.03 60.82
CA ASP D 78 -47.87 60.25 60.08
C ASP D 78 -46.69 61.22 60.15
N ARG D 79 -45.50 60.69 59.91
CA ARG D 79 -44.29 61.48 60.01
C ARG D 79 -44.11 62.35 58.77
N SER D 80 -43.08 63.20 58.82
CA SER D 80 -42.71 64.01 57.66
C SER D 80 -41.84 63.20 56.72
N VAL D 81 -42.14 63.30 55.42
CA VAL D 81 -41.42 62.57 54.39
C VAL D 81 -41.17 63.49 53.22
N ASP D 82 -40.16 63.12 52.42
CA ASP D 82 -39.83 63.86 51.20
C ASP D 82 -40.81 63.49 50.10
N VAL D 83 -41.34 64.52 49.44
CA VAL D 83 -42.27 64.33 48.33
C VAL D 83 -41.84 65.22 47.18
N ALA D 84 -41.92 64.67 45.97
CA ALA D 84 -41.63 65.35 44.72
C ALA D 84 -42.93 65.81 44.06
N ILE D 85 -42.93 67.04 43.57
CA ILE D 85 -44.12 67.72 43.06
C ILE D 85 -43.82 68.27 41.68
N THR D 86 -44.79 68.19 40.78
CA THR D 86 -44.64 68.74 39.44
C THR D 86 -45.96 69.25 38.88
N PRO D 87 -45.91 70.23 37.97
CA PRO D 87 -47.16 70.66 37.32
C PRO D 87 -47.69 69.70 36.26
N ASN D 88 -46.82 68.94 35.59
CA ASN D 88 -47.23 68.08 34.49
C ASN D 88 -47.07 66.60 34.77
N GLY D 89 -46.51 66.22 35.92
CA GLY D 89 -46.28 64.82 36.21
C GLY D 89 -45.02 64.23 35.61
N TYR D 90 -44.12 65.07 35.10
CA TYR D 90 -42.89 64.60 34.48
C TYR D 90 -41.68 65.10 35.26
N ALA D 91 -41.44 64.48 36.41
CA ALA D 91 -40.20 64.72 37.14
C ALA D 91 -39.06 64.00 36.42
N ASP D 92 -37.91 64.66 36.33
CA ASP D 92 -36.80 64.19 35.50
C ASP D 92 -37.28 63.95 34.07
N GLY D 93 -37.94 64.96 33.51
CA GLY D 93 -38.50 64.87 32.18
C GLY D 93 -38.39 66.20 31.48
N LEU D 94 -38.76 66.21 30.20
CA LEU D 94 -38.64 67.39 29.37
C LEU D 94 -39.87 68.26 29.49
N ALA D 95 -39.65 69.57 29.56
CA ALA D 95 -40.75 70.54 29.59
C ALA D 95 -40.30 71.83 28.94
N THR D 96 -41.19 72.45 28.17
CA THR D 96 -40.88 73.64 27.40
C THR D 96 -41.33 74.89 28.14
N GLN D 97 -40.51 75.94 28.07
CA GLN D 97 -40.80 77.23 28.69
C GLN D 97 -40.15 78.33 27.85
N ASN D 98 -40.93 79.35 27.52
CA ASN D 98 -40.47 80.40 26.61
C ASN D 98 -39.86 79.79 25.36
N GLY D 99 -40.51 78.74 24.84
CA GLY D 99 -40.05 78.09 23.63
C GLY D 99 -38.75 77.33 23.74
N GLN D 100 -38.27 77.08 24.95
CA GLN D 100 -37.01 76.38 25.18
C GLN D 100 -37.28 75.10 25.95
N GLU D 101 -36.75 73.98 25.46
CA GLU D 101 -36.98 72.68 26.05
C GLU D 101 -35.95 72.44 27.15
N TYR D 102 -36.42 72.15 28.36
CA TYR D 102 -35.60 71.92 29.53
C TYR D 102 -35.73 70.47 29.99
N PHE D 103 -34.72 70.01 30.72
CA PHE D 103 -34.82 68.81 31.53
C PHE D 103 -35.04 69.23 32.98
N VAL D 104 -36.25 69.03 33.49
CA VAL D 104 -36.65 69.62 34.76
C VAL D 104 -36.65 68.56 35.84
N LEU D 105 -36.18 68.95 37.07
CA LEU D 105 -36.16 68.16 38.28
C LEU D 105 -37.38 68.47 39.14
N PRO D 106 -37.85 67.51 39.93
CA PRO D 106 -39.05 67.75 40.74
C PRO D 106 -38.83 68.84 41.76
N LEU D 107 -39.93 69.46 42.20
CA LEU D 107 -39.92 70.30 43.38
C LEU D 107 -39.92 69.39 44.60
N GLU D 108 -38.87 69.44 45.41
CA GLU D 108 -38.76 68.59 46.58
C GLU D 108 -39.21 69.35 47.82
N THR D 109 -40.02 68.70 48.65
CA THR D 109 -40.40 69.31 49.91
C THR D 109 -40.61 68.20 50.94
N LYS D 110 -40.88 68.61 52.17
CA LYS D 110 -41.16 67.70 53.27
C LYS D 110 -42.58 67.96 53.76
N MET D 111 -43.35 66.88 53.93
CA MET D 111 -44.69 67.07 54.49
C MET D 111 -45.16 65.78 55.15
N LYS D 112 -46.20 65.91 55.97
CA LYS D 112 -46.74 64.77 56.68
C LYS D 112 -47.35 63.77 55.69
N LEU D 113 -47.12 62.49 55.97
CA LEU D 113 -47.64 61.43 55.10
C LEU D 113 -49.11 61.66 54.76
N SER D 114 -49.92 61.96 55.78
CA SER D 114 -51.35 62.15 55.57
C SER D 114 -51.64 63.29 54.59
N GLU D 115 -50.82 64.34 54.60
CA GLU D 115 -51.04 65.43 53.66
C GLU D 115 -50.74 65.00 52.22
N VAL D 116 -49.67 64.22 52.04
CA VAL D 116 -49.41 63.64 50.72
C VAL D 116 -50.59 62.81 50.26
N VAL D 117 -51.18 62.03 51.15
CA VAL D 117 -52.34 61.21 50.77
C VAL D 117 -53.49 62.10 50.33
N ARG D 118 -53.78 63.14 51.12
CA ARG D 118 -54.83 64.08 50.73
C ARG D 118 -54.56 64.69 49.36
N ARG D 119 -53.30 65.04 49.09
CA ARG D 119 -52.93 65.60 47.79
C ARG D 119 -53.17 64.59 46.68
N LEU D 120 -52.77 63.35 46.90
CA LEU D 120 -53.00 62.29 45.91
C LEU D 120 -54.49 62.17 45.59
N ASP D 121 -55.34 62.37 46.58
CA ASP D 121 -56.78 62.31 46.35
C ASP D 121 -57.35 63.54 45.67
N ASP D 122 -56.53 64.56 45.44
CA ASP D 122 -56.95 65.81 44.82
C ASP D 122 -56.57 65.78 43.34
N PRO D 123 -57.47 65.43 42.43
CA PRO D 123 -57.10 65.29 41.01
C PRO D 123 -56.91 66.61 40.29
N THR D 124 -57.15 67.73 40.99
CA THR D 124 -56.97 69.06 40.43
C THR D 124 -55.60 69.65 40.71
N GLY D 125 -54.91 69.16 41.74
CA GLY D 125 -53.65 69.74 42.16
C GLY D 125 -52.48 69.25 41.34
N ALA D 126 -51.29 69.63 41.79
CA ALA D 126 -50.07 69.20 41.13
C ALA D 126 -49.77 67.74 41.49
N VAL D 127 -48.95 67.11 40.66
CA VAL D 127 -48.69 65.69 40.77
C VAL D 127 -47.64 65.45 41.85
N HIS D 128 -47.92 64.50 42.75
CA HIS D 128 -47.05 64.18 43.88
C HIS D 128 -46.56 62.74 43.78
N TYR D 129 -45.34 62.50 44.26
CA TYR D 129 -44.86 61.13 44.45
C TYR D 129 -43.81 61.09 45.55
N ILE D 130 -43.59 59.89 46.08
CA ILE D 130 -42.62 59.62 47.14
C ILE D 130 -41.63 58.59 46.63
N GLN D 131 -40.34 58.94 46.71
CA GLN D 131 -39.25 58.02 46.41
C GLN D 131 -38.23 58.05 47.56
N LYS D 132 -38.30 57.08 48.48
CA LYS D 132 -37.38 57.03 49.60
C LYS D 132 -36.41 55.87 49.40
N GLN D 133 -35.17 56.05 49.86
CA GLN D 133 -34.17 54.96 49.79
C GLN D 133 -33.99 54.34 51.17
N VAL D 139 -33.13 53.99 56.02
CA VAL D 139 -33.66 54.64 57.21
C VAL D 139 -34.97 53.98 57.61
N ASP D 140 -35.97 54.07 56.72
CA ASP D 140 -37.25 53.42 56.97
C ASP D 140 -37.17 51.90 56.92
N LEU D 141 -36.07 51.36 56.40
CA LEU D 141 -35.84 49.93 56.31
C LEU D 141 -36.17 49.20 57.60
N PRO D 142 -35.43 49.44 58.68
CA PRO D 142 -35.74 48.73 59.94
C PRO D 142 -37.20 48.81 60.36
N GLU D 143 -37.91 49.88 60.00
CA GLU D 143 -39.28 50.08 60.49
C GLU D 143 -40.21 49.01 59.93
N LEU D 144 -40.36 48.95 58.61
CA LEU D 144 -41.26 48.01 57.96
C LEU D 144 -40.57 46.71 57.55
N ALA D 145 -39.30 46.54 57.94
CA ALA D 145 -38.54 45.35 57.54
C ALA D 145 -39.34 44.08 57.76
N ALA D 146 -40.15 44.01 58.82
CA ALA D 146 -40.85 42.80 59.17
C ALA D 146 -42.01 42.48 58.24
N ASP D 147 -42.39 43.40 57.36
CA ASP D 147 -43.42 43.13 56.36
C ASP D 147 -42.86 42.63 55.04
N LEU D 148 -41.54 42.59 54.91
CA LEU D 148 -40.87 42.17 53.68
C LEU D 148 -39.82 41.11 54.01
N ARG D 149 -39.48 40.31 53.00
CA ARG D 149 -38.58 39.15 53.15
C ARG D 149 -37.64 39.14 51.95
N VAL D 150 -36.49 39.80 52.10
CA VAL D 150 -35.54 39.97 51.00
C VAL D 150 -34.93 38.66 50.56
N SER D 151 -34.88 37.66 51.44
CA SER D 151 -34.31 36.38 51.06
C SER D 151 -35.10 35.70 49.95
N ASP D 152 -36.37 36.07 49.75
CA ASP D 152 -37.12 35.54 48.62
C ASP D 152 -36.49 35.88 47.29
N LEU D 153 -35.63 36.89 47.25
CA LEU D 153 -34.94 37.29 46.03
C LEU D 153 -33.57 36.63 45.90
N ASP D 154 -33.28 35.64 46.75
CA ASP D 154 -31.97 35.00 46.71
C ASP D 154 -31.61 34.54 45.30
N PHE D 155 -32.59 33.95 44.58
CA PHE D 155 -32.33 33.43 43.25
C PHE D 155 -31.62 34.45 42.37
N ALA D 156 -31.94 35.73 42.54
CA ALA D 156 -31.28 36.77 41.76
C ALA D 156 -30.00 37.26 42.42
N GLN D 157 -30.03 37.39 43.75
CA GLN D 157 -28.86 37.91 44.46
C GLN D 157 -27.64 37.03 44.27
N GLN D 158 -27.84 35.71 44.16
CA GLN D 158 -26.72 34.82 43.95
C GLN D 158 -26.01 35.07 42.63
N SER D 159 -26.71 35.65 41.65
CA SER D 159 -26.08 36.03 40.40
C SER D 159 -25.26 37.31 40.54
N PHE D 160 -25.82 38.31 41.23
CA PHE D 160 -25.07 39.53 41.50
C PHE D 160 -24.00 39.30 42.57
N ASN D 161 -24.21 38.30 43.43
CA ASN D 161 -23.29 37.97 44.52
C ASN D 161 -22.89 39.21 45.32
N LYS D 162 -23.89 39.94 45.81
CA LYS D 162 -23.68 41.23 46.48
C LYS D 162 -24.99 41.67 47.11
N PRO D 163 -24.93 42.48 48.16
CA PRO D 163 -26.17 43.01 48.75
C PRO D 163 -26.70 44.20 47.96
N PRO D 164 -28.01 44.45 47.99
CA PRO D 164 -28.52 45.61 47.24
C PRO D 164 -27.79 46.89 47.65
N ASP D 165 -27.33 47.63 46.64
CA ASP D 165 -26.74 48.94 46.90
C ASP D 165 -27.79 49.97 47.32
N ALA D 166 -29.07 49.69 47.07
CA ALA D 166 -30.14 50.60 47.43
C ALA D 166 -31.47 49.87 47.41
N VAL D 167 -32.34 50.22 48.36
CA VAL D 167 -33.71 49.75 48.45
C VAL D 167 -34.61 50.97 48.37
N ASN D 168 -35.42 51.05 47.33
CA ASN D 168 -36.31 52.21 47.13
C ASN D 168 -37.77 51.81 47.36
N PHE D 169 -38.48 52.65 48.10
CA PHE D 169 -39.92 52.58 48.31
C PHE D 169 -40.56 53.71 47.50
N TRP D 170 -41.57 53.36 46.70
CA TRP D 170 -42.27 54.35 45.89
C TRP D 170 -43.77 54.30 46.16
N LEU D 171 -44.36 55.50 46.27
CA LEU D 171 -45.81 55.66 46.34
C LEU D 171 -46.20 56.93 45.60
N GLY D 172 -47.11 56.82 44.62
CA GLY D 172 -47.39 58.00 43.83
C GLY D 172 -48.73 58.01 43.12
N ASP D 173 -49.00 59.15 42.50
CA ASP D 173 -50.18 59.48 41.71
C ASP D 173 -50.12 58.79 40.36
N GLU D 174 -51.29 58.63 39.74
CA GLU D 174 -51.34 58.01 38.42
C GLU D 174 -50.76 58.94 37.35
N ARG D 175 -50.80 60.25 37.57
CA ARG D 175 -50.26 61.20 36.60
C ARG D 175 -48.74 61.29 36.64
N ALA D 176 -48.11 60.65 37.62
CA ALA D 176 -46.66 60.62 37.74
C ALA D 176 -46.09 59.63 36.73
N VAL D 177 -45.52 60.16 35.65
CA VAL D 177 -44.92 59.36 34.58
C VAL D 177 -43.41 59.52 34.63
N THR D 178 -42.70 58.40 34.57
CA THR D 178 -41.24 58.43 34.46
C THR D 178 -40.84 58.34 32.99
N SER D 179 -40.12 59.34 32.49
CA SER D 179 -39.69 59.34 31.10
C SER D 179 -38.55 58.37 30.88
N MET D 180 -38.30 58.04 29.61
CA MET D 180 -37.35 56.99 29.29
C MET D 180 -35.95 57.37 29.72
N HIS D 181 -35.27 56.43 30.38
CA HIS D 181 -33.95 56.65 30.97
C HIS D 181 -33.31 55.29 31.18
N LYS D 182 -31.99 55.29 31.38
CA LYS D 182 -31.24 54.06 31.60
C LYS D 182 -30.46 54.15 32.91
N ASP D 183 -30.17 52.97 33.47
CA ASP D 183 -29.56 52.87 34.79
C ASP D 183 -28.33 51.96 34.79
N PRO D 184 -27.28 52.31 35.55
CA PRO D 184 -26.13 51.41 35.67
C PRO D 184 -26.26 50.39 36.79
N TYR D 185 -27.45 49.79 36.91
CA TYR D 185 -27.70 48.84 37.99
C TYR D 185 -28.49 47.64 37.46
N GLU D 186 -28.35 46.50 38.14
CA GLU D 186 -29.31 45.42 38.04
C GLU D 186 -30.52 45.77 38.93
N ASN D 187 -31.73 45.57 38.42
CA ASN D 187 -32.91 46.12 39.07
C ASN D 187 -33.95 45.02 39.28
N VAL D 188 -34.25 44.75 40.55
CA VAL D 188 -35.27 43.78 40.93
C VAL D 188 -36.47 44.56 41.45
N TYR D 189 -37.60 44.47 40.76
CA TYR D 189 -38.76 45.33 41.01
C TYR D 189 -39.92 44.48 41.52
N CYS D 190 -40.47 44.87 42.67
CA CYS D 190 -41.57 44.15 43.30
C CYS D 190 -42.72 45.11 43.56
N VAL D 191 -43.84 44.89 42.87
CA VAL D 191 -45.03 45.70 43.09
C VAL D 191 -45.76 45.18 44.32
N ILE D 192 -46.15 46.09 45.22
CA ILE D 192 -46.88 45.71 46.42
C ILE D 192 -48.38 45.93 46.26
N SER D 193 -48.75 47.07 45.67
CA SER D 193 -50.14 47.45 45.51
C SER D 193 -50.34 48.02 44.11
N GLY D 194 -51.45 47.64 43.47
CA GLY D 194 -51.77 48.18 42.16
C GLY D 194 -50.95 47.57 41.05
N HIS D 195 -50.45 48.40 40.13
CA HIS D 195 -49.68 47.84 39.02
C HIS D 195 -48.83 48.91 38.36
N LYS D 196 -47.70 48.45 37.82
CA LYS D 196 -46.76 49.26 37.08
C LYS D 196 -46.82 48.91 35.59
N ASP D 197 -46.74 49.93 34.74
CA ASP D 197 -46.66 49.77 33.29
C ASP D 197 -45.25 50.15 32.85
N PHE D 198 -44.52 49.20 32.26
CA PHE D 198 -43.17 49.47 31.76
C PHE D 198 -43.14 49.43 30.24
N VAL D 199 -42.41 50.36 29.63
CA VAL D 199 -42.00 50.30 28.23
C VAL D 199 -40.48 50.18 28.21
N LEU D 200 -39.95 49.16 27.55
CA LEU D 200 -38.53 48.85 27.58
C LEU D 200 -37.92 48.80 26.18
N ILE D 201 -36.64 49.14 26.10
CA ILE D 201 -35.87 49.06 24.87
C ILE D 201 -34.47 48.52 25.13
N PRO D 202 -34.02 47.56 24.33
CA PRO D 202 -32.72 46.98 24.59
C PRO D 202 -31.61 48.00 24.46
N PRO D 203 -30.50 47.80 25.16
CA PRO D 203 -29.34 48.70 24.97
C PRO D 203 -28.85 48.85 23.54
N HIS D 204 -28.72 47.76 22.78
CA HIS D 204 -28.14 47.87 21.45
C HIS D 204 -28.96 48.76 20.52
N GLN D 205 -30.21 49.07 20.87
CA GLN D 205 -31.04 49.99 20.11
C GLN D 205 -30.75 51.44 20.45
N LEU D 206 -29.60 51.72 21.08
CA LEU D 206 -29.24 53.08 21.46
C LEU D 206 -29.29 54.03 20.27
N SER D 207 -28.89 53.55 19.08
CA SER D 207 -28.84 54.39 17.90
C SER D 207 -30.24 54.71 17.36
N CYS D 208 -31.27 54.03 17.84
CA CYS D 208 -32.64 54.28 17.44
C CYS D 208 -33.37 55.22 18.39
N VAL D 209 -32.80 55.48 19.56
CA VAL D 209 -33.44 56.30 20.59
C VAL D 209 -32.95 57.73 20.41
N PRO D 210 -33.79 58.65 19.93
CA PRO D 210 -33.36 60.05 19.86
C PRO D 210 -32.91 60.56 21.23
N ARG D 211 -31.76 61.22 21.25
CA ARG D 211 -31.25 61.84 22.47
C ARG D 211 -30.87 63.28 22.14
N GLY D 212 -30.73 64.07 23.21
CA GLY D 212 -30.37 65.47 23.06
C GLY D 212 -29.67 65.97 24.31
N ILE D 213 -29.01 67.10 24.14
CA ILE D 213 -28.42 67.84 25.26
C ILE D 213 -29.40 68.95 25.61
N TYR D 214 -29.82 69.00 26.87
CA TYR D 214 -30.86 69.93 27.31
C TYR D 214 -30.37 70.73 28.50
N PRO D 215 -30.72 72.02 28.59
CA PRO D 215 -30.42 72.77 29.81
C PRO D 215 -31.28 72.26 30.97
N THR D 216 -30.63 71.94 32.08
CA THR D 216 -31.37 71.43 33.23
C THR D 216 -32.06 72.58 33.97
N GLY D 217 -33.21 72.27 34.54
CA GLY D 217 -33.93 73.23 35.37
C GLY D 217 -34.47 72.55 36.60
N VAL D 218 -35.10 73.34 37.46
CA VAL D 218 -35.83 72.79 38.60
C VAL D 218 -37.17 73.48 38.70
N TYR D 219 -38.17 72.73 39.19
CA TYR D 219 -39.52 73.27 39.33
C TYR D 219 -39.59 74.11 40.61
N LYS D 220 -40.09 75.34 40.48
CA LYS D 220 -40.26 76.26 41.59
C LYS D 220 -41.68 76.78 41.53
N THR D 221 -42.20 77.18 42.68
CA THR D 221 -43.46 77.91 42.73
C THR D 221 -43.19 79.35 43.13
N SER D 222 -44.02 80.26 42.63
CA SER D 222 -43.95 81.67 42.97
C SER D 222 -44.69 81.89 44.30
N ASP D 223 -44.84 83.14 44.70
CA ASP D 223 -45.70 83.41 45.86
C ASP D 223 -47.17 83.34 45.53
N SER D 224 -47.53 83.43 44.24
CA SER D 224 -48.88 83.10 43.81
C SER D 224 -49.14 81.60 43.84
N GLY D 225 -48.08 80.78 43.87
CA GLY D 225 -48.23 79.34 43.84
C GLY D 225 -48.15 78.72 42.47
N GLN D 226 -48.03 79.53 41.42
CA GLN D 226 -47.90 79.00 40.07
C GLN D 226 -46.52 78.38 39.85
N PHE D 227 -46.48 77.33 39.05
CA PHE D 227 -45.25 76.59 38.80
C PHE D 227 -44.48 77.19 37.62
N TYR D 228 -43.15 77.20 37.75
CA TYR D 228 -42.28 77.68 36.67
C TYR D 228 -40.96 76.93 36.75
N ILE D 229 -40.23 76.95 35.65
CA ILE D 229 -38.94 76.28 35.55
C ILE D 229 -37.84 77.33 35.73
N GLU D 230 -37.02 77.14 36.76
CA GLU D 230 -35.87 78.01 37.01
C GLU D 230 -34.62 77.32 36.48
N PRO D 231 -33.85 77.92 35.57
CA PRO D 231 -32.63 77.26 35.11
C PRO D 231 -31.70 76.99 36.28
N LEU D 232 -31.06 75.84 36.23
CA LEU D 232 -30.16 75.41 37.30
C LEU D 232 -28.73 75.82 36.93
N ARG D 233 -28.09 76.57 37.83
CA ARG D 233 -26.71 77.00 37.68
C ARG D 233 -25.97 76.59 38.93
N ASP D 234 -24.79 76.01 38.78
CA ASP D 234 -24.03 75.55 39.94
C ASP D 234 -23.40 76.74 40.67
N GLU D 235 -23.20 76.57 41.98
CA GLU D 235 -22.65 77.63 42.81
C GLU D 235 -21.41 78.24 42.17
N GLU D 236 -21.43 79.56 42.04
CA GLU D 236 -20.36 80.28 41.35
C GLU D 236 -20.06 79.63 40.00
N GLY D 237 -21.10 79.46 39.19
CA GLY D 237 -20.97 78.73 37.95
C GLY D 237 -21.97 79.15 36.90
N SER D 238 -21.92 78.44 35.77
CA SER D 238 -22.72 78.74 34.60
C SER D 238 -23.90 77.75 34.51
N ASP D 239 -24.65 77.85 33.41
CA ASP D 239 -25.78 76.95 33.21
C ASP D 239 -25.29 75.51 33.07
N GLN D 240 -26.13 74.56 33.47
CA GLN D 240 -25.80 73.15 33.45
C GLN D 240 -26.70 72.41 32.47
N PHE D 241 -26.13 71.40 31.82
CA PHE D 241 -26.81 70.64 30.79
C PHE D 241 -26.83 69.15 31.14
N THR D 242 -27.68 68.42 30.42
CA THR D 242 -27.93 67.01 30.68
C THR D 242 -28.32 66.32 29.38
N GLU D 243 -27.77 65.13 29.15
CA GLU D 243 -28.18 64.33 28.01
C GLU D 243 -29.44 63.55 28.39
N TRP D 244 -30.43 63.55 27.49
CA TRP D 244 -31.70 62.89 27.80
C TRP D 244 -32.38 62.39 26.55
N VAL D 245 -33.20 61.36 26.71
CA VAL D 245 -33.97 60.82 25.59
C VAL D 245 -35.05 61.82 25.18
N SER D 246 -35.11 62.13 23.89
CA SER D 246 -35.99 63.17 23.39
C SER D 246 -37.37 62.67 22.99
N VAL D 247 -37.51 61.37 22.71
CA VAL D 247 -38.76 60.82 22.21
C VAL D 247 -39.66 60.47 23.39
N ASP D 248 -40.98 60.56 23.16
CA ASP D 248 -41.99 60.18 24.13
C ASP D 248 -42.56 58.82 23.75
N PRO D 249 -42.16 57.74 24.41
CA PRO D 249 -42.57 56.41 23.92
C PRO D 249 -44.07 56.23 23.79
N LEU D 250 -44.87 57.04 24.49
CA LEU D 250 -46.32 56.88 24.42
C LEU D 250 -46.86 57.45 23.11
N SER D 251 -46.27 58.52 22.60
CA SER D 251 -46.71 59.13 21.34
C SER D 251 -45.49 59.54 20.52
N PRO D 252 -44.79 58.57 19.96
CA PRO D 252 -43.56 58.89 19.20
C PRO D 252 -43.83 59.80 18.02
N ASP D 253 -42.95 60.80 17.84
CA ASP D 253 -43.00 61.69 16.68
C ASP D 253 -42.09 61.09 15.61
N LEU D 254 -42.66 60.24 14.76
CA LEU D 254 -41.86 59.53 13.76
C LEU D 254 -41.46 60.40 12.58
N ALA D 255 -42.15 61.51 12.35
CA ALA D 255 -41.72 62.46 11.34
C ALA D 255 -40.42 63.14 11.77
N LYS D 256 -40.36 63.62 13.01
CA LYS D 256 -39.15 64.25 13.53
C LYS D 256 -38.07 63.22 13.81
N TYR D 257 -38.44 62.00 14.21
CA TYR D 257 -37.51 60.99 14.68
C TYR D 257 -37.67 59.73 13.85
N PRO D 258 -37.26 59.78 12.57
CA PRO D 258 -37.31 58.56 11.74
C PRO D 258 -36.68 57.34 12.39
N GLU D 259 -35.48 57.49 12.96
CA GLU D 259 -34.75 56.32 13.46
C GLU D 259 -35.57 55.56 14.50
N TYR D 260 -36.47 56.25 15.20
CA TYR D 260 -37.24 55.59 16.24
C TYR D 260 -38.15 54.49 15.69
N ALA D 261 -38.47 54.53 14.39
CA ALA D 261 -39.27 53.47 13.81
C ALA D 261 -38.54 52.13 13.85
N ARG D 262 -37.21 52.16 13.87
CA ARG D 262 -36.43 50.92 13.88
C ARG D 262 -36.19 50.38 15.29
N ALA D 263 -36.65 51.09 16.31
CA ALA D 263 -36.67 50.55 17.66
C ALA D 263 -37.91 49.67 17.85
N LYS D 264 -37.85 48.80 18.85
CA LYS D 264 -38.94 47.85 19.09
C LYS D 264 -39.23 47.77 20.58
N PRO D 265 -40.14 48.62 21.06
CA PRO D 265 -40.41 48.66 22.51
C PRO D 265 -41.22 47.47 23.00
N LEU D 266 -40.93 47.06 24.23
CA LEU D 266 -41.62 45.97 24.91
C LEU D 266 -42.48 46.53 26.05
N LYS D 267 -43.76 46.18 26.04
CA LYS D 267 -44.66 46.59 27.11
C LYS D 267 -44.84 45.45 28.10
N VAL D 268 -44.83 45.77 29.39
CA VAL D 268 -45.10 44.75 30.40
C VAL D 268 -45.75 45.40 31.61
N ARG D 269 -46.82 44.79 32.11
CA ARG D 269 -47.50 45.23 33.32
C ARG D 269 -47.13 44.30 34.47
N VAL D 270 -46.72 44.90 35.57
CA VAL D 270 -46.31 44.19 36.79
C VAL D 270 -47.41 44.41 37.82
N HIS D 271 -48.05 43.34 38.26
CA HIS D 271 -49.12 43.41 39.24
C HIS D 271 -48.56 43.12 40.63
N ALA D 272 -49.41 43.35 41.63
CA ALA D 272 -49.02 43.09 43.01
C ALA D 272 -48.61 41.63 43.18
N GLY D 273 -47.43 41.41 43.73
CA GLY D 273 -46.86 40.08 43.87
C GLY D 273 -45.94 39.67 42.75
N ASP D 274 -45.95 40.38 41.63
CA ASP D 274 -45.07 40.07 40.51
C ASP D 274 -43.70 40.70 40.72
N ILE D 275 -42.69 40.03 40.17
CA ILE D 275 -41.32 40.52 40.19
C ILE D 275 -40.89 40.78 38.76
N LEU D 276 -40.19 41.87 38.53
CA LEU D 276 -39.61 42.20 37.23
C LEU D 276 -38.11 42.33 37.39
N TYR D 277 -37.35 41.56 36.62
CA TYR D 277 -35.91 41.75 36.52
C TYR D 277 -35.65 42.60 35.28
N LEU D 278 -35.11 43.80 35.52
CA LEU D 278 -34.73 44.79 34.50
C LEU D 278 -33.20 44.87 34.50
N PRO D 279 -32.54 44.37 33.47
CA PRO D 279 -31.07 44.32 33.50
C PRO D 279 -30.45 45.70 33.27
N ASN D 280 -29.16 45.77 33.64
CA ASN D 280 -28.42 47.02 33.60
C ASN D 280 -28.43 47.64 32.21
N TYR D 281 -28.73 48.94 32.17
CA TYR D 281 -28.68 49.82 30.99
C TYR D 281 -29.83 49.61 30.01
N TRP D 282 -30.88 48.88 30.38
CA TRP D 282 -32.07 48.81 29.55
C TRP D 282 -32.84 50.12 29.66
N PHE D 283 -33.27 50.67 28.52
CA PHE D 283 -34.07 51.89 28.52
C PHE D 283 -35.47 51.57 29.04
N HIS D 284 -35.90 52.24 30.11
CA HIS D 284 -37.25 52.01 30.63
C HIS D 284 -38.02 53.30 30.89
N HIS D 285 -39.32 53.25 30.60
CA HIS D 285 -40.30 54.31 30.82
C HIS D 285 -41.40 53.72 31.68
N VAL D 286 -41.72 54.38 32.80
CA VAL D 286 -42.59 53.79 33.82
C VAL D 286 -43.85 54.64 33.99
N SER D 287 -45.00 53.97 33.97
CA SER D 287 -46.32 54.47 34.34
C SER D 287 -46.82 53.64 35.50
N GLN D 288 -47.89 54.10 36.17
CA GLN D 288 -48.47 53.25 37.20
C GLN D 288 -49.93 53.61 37.44
N SER D 289 -50.59 52.75 38.23
CA SER D 289 -51.95 52.98 38.70
C SER D 289 -51.92 53.90 39.92
N HIS D 290 -53.06 54.54 40.18
CA HIS D 290 -53.12 55.54 41.23
C HIS D 290 -52.73 54.94 42.58
N LYS D 291 -51.94 55.70 43.34
CA LYS D 291 -51.46 55.28 44.65
C LYS D 291 -50.80 53.90 44.59
N CYS D 292 -50.09 53.62 43.51
CA CYS D 292 -49.36 52.37 43.40
C CYS D 292 -48.17 52.37 44.35
N ILE D 293 -47.97 51.25 45.03
CA ILE D 293 -46.84 51.06 45.93
C ILE D 293 -45.91 50.03 45.32
N ALA D 294 -44.61 50.31 45.36
CA ALA D 294 -43.64 49.33 44.89
C ALA D 294 -42.32 49.50 45.65
N VAL D 295 -41.56 48.41 45.71
CA VAL D 295 -40.21 48.43 46.26
C VAL D 295 -39.27 47.82 45.24
N ASN D 296 -38.07 48.39 45.11
CA ASN D 296 -37.10 47.80 44.19
C ASN D 296 -35.69 47.87 44.74
N PHE D 297 -34.87 46.95 44.24
CA PHE D 297 -33.54 46.67 44.75
C PHE D 297 -32.55 46.90 43.62
N TRP D 298 -31.66 47.87 43.81
CA TRP D 298 -30.62 48.19 42.85
C TRP D 298 -29.33 47.49 43.26
N TYR D 299 -28.61 46.94 42.29
CA TYR D 299 -27.33 46.30 42.53
C TYR D 299 -26.30 46.85 41.55
N ASP D 300 -25.16 47.31 42.06
CA ASP D 300 -24.10 47.76 41.16
C ASP D 300 -23.67 46.61 40.24
N LEU D 301 -23.54 46.92 38.96
CA LEU D 301 -23.24 45.90 37.97
C LEU D 301 -21.79 45.44 38.06
N ASP D 302 -21.56 44.19 37.67
CA ASP D 302 -20.21 43.64 37.54
C ASP D 302 -19.76 43.82 36.09
N TYR D 303 -18.71 44.60 35.88
CA TYR D 303 -18.39 45.03 34.52
C TYR D 303 -17.96 43.86 33.65
N ASP D 304 -18.40 43.90 32.41
N ASP D 304 -18.49 43.84 32.44
CA ASP D 304 -18.36 42.79 31.45
CA ASP D 304 -18.24 42.77 31.49
C ASP D 304 -17.99 43.39 30.11
C ASP D 304 -17.92 43.38 30.14
N SER D 305 -17.53 42.53 29.19
CA SER D 305 -17.18 43.01 27.87
C SER D 305 -18.37 43.73 27.25
N ARG D 306 -19.58 43.29 27.62
CA ARG D 306 -20.80 43.92 27.15
C ARG D 306 -20.81 45.40 27.50
N TYR D 307 -20.32 45.75 28.70
CA TYR D 307 -20.27 47.16 29.08
C TYR D 307 -19.33 47.97 28.19
N CYS D 308 -18.18 47.41 27.85
CA CYS D 308 -17.24 48.10 26.97
C CYS D 308 -17.84 48.29 25.58
N TYR D 309 -18.50 47.25 25.05
CA TYR D 309 -19.19 47.41 23.78
C TYR D 309 -20.24 48.52 23.87
N TYR D 310 -20.94 48.61 25.00
CA TYR D 310 -21.97 49.63 25.14
C TYR D 310 -21.38 51.04 25.20
N ARG D 311 -20.25 51.20 25.91
N ARG D 311 -20.26 51.21 25.90
CA ARG D 311 -19.59 52.51 25.95
CA ARG D 311 -19.60 52.50 25.93
C ARG D 311 -19.12 52.92 24.55
C ARG D 311 -19.13 52.92 24.54
N MET D 312 -18.57 51.97 23.79
CA MET D 312 -18.23 52.27 22.39
C MET D 312 -19.47 52.69 21.60
N LEU D 313 -20.58 51.98 21.78
CA LEU D 313 -21.81 52.33 21.09
C LEU D 313 -22.31 53.72 21.47
N GLU D 314 -22.11 54.11 22.73
CA GLU D 314 -22.40 55.48 23.14
C GLU D 314 -21.54 56.46 22.35
N GLN D 315 -20.25 56.15 22.22
CA GLN D 315 -19.37 57.05 21.46
C GLN D 315 -19.83 57.17 20.00
N MET D 316 -20.33 56.07 19.41
CA MET D 316 -20.64 56.09 17.98
C MET D 316 -21.94 56.84 17.70
N THR D 317 -22.86 56.88 18.66
CA THR D 317 -24.17 57.49 18.43
C THR D 317 -24.33 58.75 19.29
N SER D 318 -23.29 59.58 19.32
CA SER D 318 -23.32 60.85 20.03
C SER D 318 -23.39 61.99 19.01
MN MN E . 32.12 -52.14 -40.14
C1 PEG F . 31.33 -45.56 -45.32
O1 PEG F . 30.57 -46.68 -44.96
C2 PEG F . 31.56 -44.70 -44.08
O2 PEG F . 32.50 -43.71 -44.27
C3 PEG F . 31.98 -42.52 -44.76
C4 PEG F . 32.76 -41.31 -44.23
O4 PEG F . 31.85 -40.34 -43.76
H11 PEG F . 30.86 -45.05 -45.99
H12 PEG F . 32.19 -45.85 -45.68
H21 PEG F . 31.86 -45.27 -43.35
H22 PEG F . 30.71 -44.29 -43.83
H31 PEG F . 31.05 -42.44 -44.49
H32 PEG F . 32.03 -42.52 -45.74
H41 PEG F . 33.30 -40.93 -44.94
H42 PEG F . 33.33 -41.60 -43.51
HO4 PEG F . 32.28 -39.64 -43.51
C1 EDO G . 40.68 -38.50 -63.89
O1 EDO G . 39.34 -38.42 -64.38
C2 EDO G . 40.95 -39.94 -63.41
O2 EDO G . 40.63 -40.85 -64.46
H11 EDO G . 40.82 -37.80 -63.06
H12 EDO G . 41.39 -38.22 -64.68
HO1 EDO G . 39.14 -37.51 -64.61
H21 EDO G . 40.35 -40.15 -62.53
H22 EDO G . 42.01 -40.04 -63.14
HO2 EDO G . 41.05 -41.70 -64.30
C1 EDO H . 24.45 -41.35 -34.20
O1 EDO H . 23.56 -41.70 -33.14
C2 EDO H . 25.68 -40.62 -33.60
O2 EDO H . 26.18 -41.40 -32.51
H11 EDO H . 23.95 -40.71 -34.92
H12 EDO H . 24.78 -42.26 -34.72
HO1 EDO H . 22.82 -42.21 -33.50
H21 EDO H . 25.38 -39.63 -33.25
H22 EDO H . 26.45 -40.49 -34.36
HO2 EDO H . 26.83 -40.87 -32.02
C1 EDO I . 48.27 -51.44 -61.06
O1 EDO I . 48.11 -52.69 -61.75
C2 EDO I . 47.01 -51.15 -60.22
O2 EDO I . 46.53 -52.38 -59.65
H11 EDO I . 48.42 -50.64 -61.80
H12 EDO I . 49.14 -51.48 -60.42
HO1 EDO I . 48.93 -52.93 -62.19
H21 EDO I . 46.23 -50.71 -60.85
H22 EDO I . 47.24 -50.44 -59.43
HO2 EDO I . 45.71 -52.21 -59.15
C1 EDO J . 31.13 -57.66 -50.77
O1 EDO J . 30.15 -57.27 -49.81
C2 EDO J . 31.96 -56.44 -51.19
O2 EDO J . 32.42 -55.75 -50.01
H11 EDO J . 30.64 -58.09 -51.65
H12 EDO J . 31.78 -58.42 -50.34
HO1 EDO J . 29.55 -58.00 -49.65
H21 EDO J . 31.36 -55.77 -51.80
H22 EDO J . 32.82 -56.76 -51.77
HO2 EDO J . 32.97 -55.00 -50.27
O42 PD2 K . 36.27 -57.61 -38.95
C41 PD2 K . 36.28 -56.96 -40.04
O41 PD2 K . 37.14 -57.24 -40.92
C4 PD2 K . 35.34 -55.97 -40.25
C5 PD2 K . 35.40 -55.19 -41.36
C6 PD2 K . 34.45 -54.20 -41.56
C3 PD2 K . 34.36 -55.78 -39.34
C2 PD2 K . 33.42 -54.79 -39.55
N1 PD2 K . 33.46 -54.02 -40.66
C21 PD2 K . 32.29 -54.57 -38.54
O21 PD2 K . 31.50 -53.60 -38.69
O22 PD2 K . 32.16 -55.35 -37.56
H5 PD2 K . 36.07 -55.32 -41.98
H6 PD2 K . 34.48 -53.68 -42.32
H3 PD2 K . 34.32 -56.31 -38.58
MN MN L . 12.52 -25.90 -14.03
C1 EDO M . 20.26 -33.08 -24.50
O1 EDO M . 19.60 -31.97 -25.15
C2 EDO M . 21.26 -32.57 -23.45
O2 EDO M . 21.71 -33.72 -22.71
H11 EDO M . 20.78 -33.68 -25.24
H12 EDO M . 19.51 -33.72 -24.02
HO1 EDO M . 18.96 -32.32 -25.79
H21 EDO M . 20.79 -31.84 -22.78
H22 EDO M . 22.10 -32.07 -23.93
HO2 EDO M . 22.58 -33.54 -22.32
C1 EDO N . 18.22 -20.31 -22.10
O1 EDO N . 17.90 -20.49 -23.50
C2 EDO N . 19.65 -19.75 -21.99
O2 EDO N . 20.13 -19.97 -20.66
H11 EDO N . 18.16 -21.26 -21.57
H12 EDO N . 17.52 -19.62 -21.64
HO1 EDO N . 17.07 -20.99 -23.57
H21 EDO N . 20.30 -20.23 -22.72
H22 EDO N . 19.64 -18.67 -22.21
HO2 EDO N . 21.03 -19.60 -20.57
C1 EDO O . -2.16 -45.22 -22.16
O1 EDO O . -1.59 -44.72 -23.38
C2 EDO O . -2.41 -44.03 -21.24
O2 EDO O . -3.02 -44.47 -20.01
H11 EDO O . -1.48 -45.94 -21.69
H12 EDO O . -3.10 -45.74 -22.36
HO1 EDO O . -1.92 -45.25 -24.12
H21 EDO O . -3.05 -43.31 -21.73
H22 EDO O . -1.46 -43.54 -21.00
HO2 EDO O . -3.04 -43.75 -19.38
C1 EDO P . 5.60 -22.75 -8.48
O1 EDO P . 5.50 -21.30 -8.50
C2 EDO P . 4.98 -23.28 -7.18
O2 EDO P . 3.63 -22.80 -7.05
H11 EDO P . 6.64 -23.04 -8.55
H12 EDO P . 5.08 -23.16 -9.34
HO1 EDO P . 5.89 -20.96 -9.31
H21 EDO P . 5.58 -22.95 -6.32
H22 EDO P . 4.99 -24.37 -7.19
HO2 EDO P . 3.19 -23.29 -6.34
O42 PD2 Q . 6.57 -23.95 -10.79
C41 PD2 Q . 7.12 -25.07 -10.93
O41 PD2 Q . 6.51 -26.12 -10.59
C4 PD2 Q . 8.38 -25.12 -11.48
C5 PD2 Q . 9.05 -23.96 -11.69
C6 PD2 Q . 10.32 -23.99 -12.24
C3 PD2 Q . 8.94 -26.31 -11.79
C2 PD2 Q . 10.21 -26.32 -12.34
N1 PD2 Q . 10.88 -25.18 -12.56
C21 PD2 Q . 10.86 -27.65 -12.71
O21 PD2 Q . 10.25 -28.73 -12.49
O22 PD2 Q . 12.01 -27.67 -13.23
H5 PD2 Q . 8.66 -23.14 -11.48
H6 PD2 Q . 10.79 -23.21 -12.39
H3 PD2 Q . 8.48 -27.10 -11.64
MN MN R . -10.31 25.74 17.87
C1 EDO S . -18.39 37.74 21.58
O1 EDO S . -17.74 37.68 22.85
C2 EDO S . -19.29 36.50 21.43
O2 EDO S . -20.01 36.31 22.66
H11 EDO S . -17.64 37.76 20.78
H12 EDO S . -18.98 38.66 21.51
HO1 EDO S . -17.15 38.43 22.95
H21 EDO S . -18.68 35.62 21.20
H22 EDO S . -19.99 36.65 20.61
HO2 EDO S . -20.62 35.57 22.56
O42 PD2 T . -5.82 20.59 20.09
C41 PD2 T . -5.69 21.29 19.05
O41 PD2 T . -4.61 21.25 18.41
C4 PD2 T . -6.74 22.09 18.61
C5 PD2 T . -6.69 22.61 17.37
C6 PD2 T . -7.72 23.42 16.91
C3 PD2 T . -7.80 22.36 19.41
C2 PD2 T . -8.81 23.16 18.96
N1 PD2 T . -8.76 23.68 17.71
C21 PD2 T . -10.03 23.49 19.83
O21 PD2 T . -10.84 24.37 19.43
O22 PD2 T . -10.24 22.89 20.92
H5 PD2 T . -5.96 22.43 16.82
H6 PD2 T . -7.69 23.78 16.06
H3 PD2 T . -7.84 22.01 20.28
MN MN U . -34.74 53.65 36.74
C1 EDO V . -28.33 44.38 24.66
O1 EDO V . -29.17 44.56 23.51
C2 EDO V . -29.01 43.48 25.72
O2 EDO V . -29.88 42.53 25.07
H11 EDO V . -28.11 45.36 25.11
H12 EDO V . -27.38 43.94 24.36
HO1 EDO V . -28.72 45.15 22.87
H21 EDO V . -29.59 44.10 26.40
H22 EDO V . -28.26 42.95 26.30
HO2 EDO V . -30.37 42.04 25.74
C1 EDO W . -43.53 56.10 41.97
O1 EDO W . -43.87 57.47 41.68
C2 EDO W . -44.70 55.43 42.73
O2 EDO W . -45.94 55.67 42.02
H11 EDO W . -42.63 56.06 42.58
H12 EDO W . -43.34 55.56 41.05
HO1 EDO W . -43.07 57.95 41.42
H21 EDO W . -44.77 55.86 43.73
H22 EDO W . -44.53 54.36 42.81
HO2 EDO W . -46.64 55.16 42.44
C1 EDO X . -34.22 44.24 17.13
O1 EDO X . -32.91 44.55 17.60
C2 EDO X . -34.59 42.80 17.57
O2 EDO X . -34.52 42.71 19.00
H11 EDO X . -34.26 44.32 16.04
H12 EDO X . -34.95 44.94 17.54
HO1 EDO X . -32.62 45.39 17.22
H21 EDO X . -33.91 42.09 17.11
H22 EDO X . -35.60 42.56 17.24
HO2 EDO X . -34.85 41.84 19.28
C1 EDO Y . -25.59 45.37 26.70
O1 EDO Y . -26.05 46.02 25.50
C2 EDO Y . -25.89 46.25 27.94
O2 EDO Y . -24.78 46.06 28.86
H11 EDO Y . -24.52 45.18 26.64
H12 EDO Y . -26.09 44.41 26.81
HO1 EDO Y . -25.90 45.44 24.75
H21 EDO Y . -26.83 45.95 28.41
H22 EDO Y . -25.97 47.30 27.66
HO2 EDO Y . -25.02 46.39 29.73
O42 PD2 Z . -41.26 55.42 39.02
C41 PD2 Z . -40.59 54.35 38.95
O41 PD2 Z . -41.14 53.24 39.19
C4 PD2 Z . -39.25 54.40 38.61
C5 PD2 Z . -38.72 55.58 38.20
C6 PD2 Z . -37.38 55.63 37.85
C3 PD2 Z . -38.48 53.29 38.69
C2 PD2 Z . -37.15 53.36 38.34
N1 PD2 Z . -36.61 54.53 37.92
C21 PD2 Z . -36.27 52.13 38.43
O21 PD2 Z . -36.78 51.00 38.63
O22 PD2 Z . -35.02 52.24 38.29
H5 PD2 Z . -39.25 56.33 38.14
H6 PD2 Z . -37.01 56.44 37.56
H3 PD2 Z . -38.85 52.49 38.97
#